data_4AX7
#
_entry.id   4AX7
#
_cell.length_a   48.819
_cell.length_b   74.679
_cell.length_c   93.295
_cell.angle_alpha   103.97
_cell.angle_beta   103.43
_cell.angle_gamma   90.00
#
_symmetry.space_group_name_H-M   'P 1'
#
loop_
_entity.id
_entity.type
_entity.pdbx_description
1 polymer 'EXOGLUCANASE 2'
2 branched beta-D-glucopyranose-(1-4)-beta-D-glucopyranose-(1-4)-beta-D-glucopyranose-(1-4)-beta-D-glucopyranose
3 branched beta-D-glucopyranose-(1-4)-beta-D-glucopyranose
4 non-polymer 2-acetamido-2-deoxy-beta-D-glucopyranose
5 non-polymer alpha-D-mannopyranose
6 non-polymer 7-hydroxy-4-methyl-2H-chromen-2-one
7 water water
#
_entity_poly.entity_id   1
_entity_poly.type   'polypeptide(L)'
_entity_poly.pdbx_seq_one_letter_code
;TATYSGNPFVGVTPWANAYYASEVSSLAIPSLTGAMATAAAAVAKVPSFMWLDTLDKTPLMEQTLADIRTANKNGGNYAG
QFVVYDLPDRDCAALASNGEYSIADGGVAKYKNYIDTIRQIVVEYSDIRTLLVIEPASLANLVTNLGTPKCANAQSAYLE
CINYAVTQLNLPNVAMYLDAGHAGWLGWPANQDPAAQLFANVYKNASSPRALRGLATNVANYNGWNITSPPSYTQGNAVY
NEKLYIHAIGPLLANHGWSNAFFITDQGRSGKQPTGQQQWGDWCNVIGTGFGIRPSANTGDSLLDSFVWVKPGGECDGTS
DSSAPRFDSHCALPDALQPAPQAGAWFQAYFVQLLTNANPSFL
;
_entity_poly.pdbx_strand_id   A,B,C,D
#
# COMPACT_ATOMS: atom_id res chain seq x y z
N THR A 1 -19.60 2.90 -19.17
CA THR A 1 -20.80 3.70 -18.78
C THR A 1 -21.34 3.28 -17.41
N ALA A 2 -21.61 4.25 -16.55
CA ALA A 2 -22.15 3.98 -15.22
C ALA A 2 -23.62 3.60 -15.28
N THR A 3 -24.37 4.22 -16.19
CA THR A 3 -25.79 3.90 -16.35
C THR A 3 -25.95 2.50 -16.96
N TYR A 4 -27.14 1.94 -16.83
CA TYR A 4 -27.37 0.56 -17.24
C TYR A 4 -28.84 0.33 -17.61
N SER A 5 -29.10 -0.71 -18.38
CA SER A 5 -30.46 -1.21 -18.52
C SER A 5 -30.44 -2.70 -18.18
N GLY A 6 -31.44 -3.18 -17.46
CA GLY A 6 -31.48 -4.58 -17.08
C GLY A 6 -30.53 -4.87 -15.91
N ASN A 7 -29.78 -5.97 -16.01
CA ASN A 7 -28.93 -6.44 -14.91
C ASN A 7 -27.72 -5.50 -14.68
N PRO A 8 -27.68 -4.84 -13.51
CA PRO A 8 -26.58 -3.91 -13.24
C PRO A 8 -25.22 -4.59 -13.04
N PHE A 9 -25.20 -5.90 -12.92
CA PHE A 9 -23.93 -6.61 -12.78
C PHE A 9 -23.29 -6.94 -14.11
N VAL A 10 -24.02 -6.74 -15.20
CA VAL A 10 -23.49 -6.97 -16.54
C VAL A 10 -22.70 -5.76 -17.02
N GLY A 11 -21.50 -6.01 -17.54
CA GLY A 11 -20.66 -4.94 -18.09
C GLY A 11 -19.73 -4.28 -17.09
N VAL A 12 -19.79 -4.70 -15.83
CA VAL A 12 -18.89 -4.17 -14.80
C VAL A 12 -18.24 -5.32 -14.03
N THR A 13 -17.20 -4.99 -13.27
CA THR A 13 -16.55 -5.93 -12.35
C THR A 13 -16.66 -5.36 -10.94
N PRO A 14 -17.22 -6.13 -10.00
CA PRO A 14 -17.29 -5.60 -8.63
C PRO A 14 -15.89 -5.41 -8.02
N TRP A 15 -15.74 -4.30 -7.32
CA TRP A 15 -14.49 -3.91 -6.70
C TRP A 15 -14.32 -4.60 -5.37
N ALA A 16 -13.15 -5.16 -5.12
CA ALA A 16 -12.83 -5.67 -3.79
C ALA A 16 -12.22 -4.53 -2.98
N ASN A 17 -12.84 -4.22 -1.84
CA ASN A 17 -12.53 -3.00 -1.10
C ASN A 17 -11.33 -3.14 -0.16
N ALA A 18 -10.73 -2.00 0.18
CA ALA A 18 -9.53 -1.97 1.01
C ALA A 18 -9.78 -2.26 2.49
N TYR A 19 -11.01 -2.04 2.94
CA TYR A 19 -11.35 -2.21 4.36
C TYR A 19 -11.28 -3.68 4.74
N TYR A 20 -11.99 -4.53 4.00
CA TYR A 20 -11.90 -5.97 4.22
C TYR A 20 -10.48 -6.47 3.95
N ALA A 21 -9.85 -5.96 2.89
CA ALA A 21 -8.49 -6.37 2.55
C ALA A 21 -7.54 -6.08 3.71
N SER A 22 -7.72 -4.93 4.35
CA SER A 22 -6.89 -4.57 5.51
C SER A 22 -7.15 -5.51 6.70
N GLU A 23 -8.43 -5.81 6.95
CA GLU A 23 -8.75 -6.76 8.00
C GLU A 23 -8.05 -8.10 7.79
N VAL A 24 -8.13 -8.63 6.57
CA VAL A 24 -7.55 -9.92 6.25
C VAL A 24 -6.02 -9.84 6.38
N SER A 25 -5.44 -8.82 5.77
CA SER A 25 -3.98 -8.72 5.71
C SER A 25 -3.32 -8.37 7.04
N SER A 26 -4.02 -7.61 7.87
CA SER A 26 -3.42 -7.12 9.12
C SER A 26 -3.99 -7.73 10.40
N LEU A 27 -5.14 -8.41 10.31
CA LEU A 27 -5.69 -9.08 11.48
C LEU A 27 -5.66 -10.60 11.34
N ALA A 28 -5.81 -11.10 10.11
CA ALA A 28 -5.85 -12.53 9.86
C ALA A 28 -4.50 -13.12 9.48
N ILE A 29 -3.88 -12.58 8.43
CA ILE A 29 -2.67 -13.15 7.85
C ILE A 29 -1.49 -13.30 8.84
N PRO A 30 -1.26 -12.30 9.72
CA PRO A 30 -0.14 -12.43 10.67
C PRO A 30 -0.23 -13.66 11.58
N SER A 31 -1.44 -14.21 11.75
CA SER A 31 -1.67 -15.39 12.56
C SER A 31 -1.64 -16.70 11.75
N LEU A 32 -1.44 -16.59 10.45
CA LEU A 32 -1.47 -17.75 9.56
C LEU A 32 -0.09 -18.04 9.00
N THR A 33 0.12 -19.28 8.56
CA THR A 33 1.39 -19.68 7.97
C THR A 33 1.18 -20.49 6.71
N GLY A 34 2.18 -20.45 5.83
CA GLY A 34 2.23 -21.30 4.64
C GLY A 34 0.98 -21.25 3.77
N ALA A 35 0.40 -22.43 3.58
CA ALA A 35 -0.75 -22.62 2.68
C ALA A 35 -1.95 -21.74 3.05
N MET A 36 -2.28 -21.71 4.34
CA MET A 36 -3.38 -20.90 4.86
C MET A 36 -3.17 -19.41 4.60
N ALA A 37 -1.93 -18.96 4.79
CA ALA A 37 -1.59 -17.55 4.60
C ALA A 37 -1.82 -17.10 3.16
N THR A 38 -1.37 -17.92 2.22
CA THR A 38 -1.54 -17.64 0.78
C THR A 38 -3.02 -17.62 0.39
N ALA A 39 -3.75 -18.62 0.86
CA ALA A 39 -5.18 -18.73 0.59
C ALA A 39 -5.94 -17.51 1.11
N ALA A 40 -5.57 -17.05 2.30
CA ALA A 40 -6.20 -15.87 2.92
C ALA A 40 -5.97 -14.61 2.11
N ALA A 41 -4.77 -14.44 1.55
CA ALA A 41 -4.50 -13.31 0.67
C ALA A 41 -5.49 -13.29 -0.51
N ALA A 42 -5.79 -14.48 -1.01
CA ALA A 42 -6.75 -14.67 -2.12
C ALA A 42 -8.18 -14.30 -1.74
N VAL A 43 -8.58 -14.62 -0.51
CA VAL A 43 -9.94 -14.27 -0.05
C VAL A 43 -10.14 -12.76 -0.08
N ALA A 44 -9.09 -12.02 0.29
CA ALA A 44 -9.14 -10.57 0.32
C ALA A 44 -9.35 -9.94 -1.06
N LYS A 45 -9.15 -10.72 -2.11
CA LYS A 45 -9.34 -10.25 -3.49
C LYS A 45 -10.72 -10.57 -4.06
N VAL A 46 -11.51 -11.33 -3.30
CA VAL A 46 -12.90 -11.59 -3.67
C VAL A 46 -13.75 -10.38 -3.28
N PRO A 47 -14.50 -9.80 -4.24
CA PRO A 47 -15.26 -8.60 -3.88
C PRO A 47 -16.41 -8.94 -2.94
N SER A 48 -16.48 -8.23 -1.81
CA SER A 48 -17.57 -8.31 -0.87
C SER A 48 -18.10 -6.89 -0.61
N PHE A 49 -19.32 -6.78 -0.13
CA PHE A 49 -19.93 -5.47 0.12
C PHE A 49 -19.32 -4.79 1.34
N MET A 50 -19.17 -3.46 1.25
CA MET A 50 -18.75 -2.66 2.38
C MET A 50 -19.98 -2.15 3.10
N TRP A 51 -20.03 -2.35 4.43
CA TRP A 51 -21.19 -1.96 5.22
C TRP A 51 -21.08 -0.57 5.77
N LEU A 52 -22.07 0.26 5.44
CA LEU A 52 -22.12 1.62 5.98
C LEU A 52 -22.90 1.63 7.29
N ASP A 53 -22.34 0.95 8.30
CA ASP A 53 -23.07 0.71 9.55
C ASP A 53 -23.09 1.89 10.52
N THR A 54 -22.32 2.93 10.21
CA THR A 54 -22.41 4.20 10.93
C THR A 54 -22.26 5.34 9.93
N LEU A 55 -22.68 6.53 10.33
CA LEU A 55 -22.52 7.71 9.48
C LEU A 55 -21.04 7.95 9.23
N ASP A 56 -20.20 7.69 10.24
CA ASP A 56 -18.77 7.93 10.06
C ASP A 56 -18.05 6.83 9.25
N LYS A 57 -18.82 5.91 8.68
CA LYS A 57 -18.33 5.01 7.64
C LYS A 57 -18.45 5.61 6.24
N THR A 58 -19.25 6.66 6.09
CA THR A 58 -19.41 7.32 4.77
C THR A 58 -18.11 7.85 4.14
N PRO A 59 -17.14 8.36 4.96
CA PRO A 59 -15.85 8.75 4.37
C PRO A 59 -15.12 7.58 3.71
N LEU A 60 -15.35 6.36 4.21
CA LEU A 60 -14.73 5.17 3.65
C LEU A 60 -15.41 4.75 2.35
N MET A 61 -16.72 4.98 2.25
CA MET A 61 -17.43 4.80 0.99
C MET A 61 -16.82 5.71 -0.08
N GLU A 62 -16.63 6.97 0.28
CA GLU A 62 -16.04 7.97 -0.60
C GLU A 62 -14.64 7.57 -1.04
N GLN A 63 -13.82 7.12 -0.10
CA GLN A 63 -12.47 6.62 -0.39
C GLN A 63 -12.50 5.47 -1.38
N THR A 64 -13.49 4.60 -1.23
CA THR A 64 -13.59 3.40 -2.05
C THR A 64 -13.90 3.80 -3.49
N LEU A 65 -14.87 4.70 -3.62
CA LEU A 65 -15.26 5.24 -4.91
C LEU A 65 -14.12 6.04 -5.56
N ALA A 66 -13.35 6.76 -4.73
CA ALA A 66 -12.14 7.43 -5.21
C ALA A 66 -11.15 6.43 -5.80
N ASP A 67 -10.92 5.32 -5.10
CA ASP A 67 -10.05 4.24 -5.59
C ASP A 67 -10.58 3.71 -6.92
N ILE A 68 -11.89 3.46 -7.00
CA ILE A 68 -12.51 2.95 -8.22
C ILE A 68 -12.36 3.93 -9.39
N ARG A 69 -12.58 5.22 -9.13
CA ARG A 69 -12.47 6.25 -10.17
C ARG A 69 -11.07 6.23 -10.76
N THR A 70 -10.06 6.17 -9.89
CA THR A 70 -8.66 6.05 -10.30
C THR A 70 -8.43 4.81 -11.18
N ALA A 71 -8.89 3.65 -10.71
CA ALA A 71 -8.75 2.39 -11.44
C ALA A 71 -9.45 2.44 -12.80
N ASN A 72 -10.63 3.06 -12.85
CA ASN A 72 -11.40 3.18 -14.08
C ASN A 72 -10.83 4.19 -15.07
N LYS A 73 -10.20 5.25 -14.55
CA LYS A 73 -9.48 6.20 -15.41
C LYS A 73 -8.32 5.48 -16.09
N ASN A 74 -7.77 4.48 -15.40
CA ASN A 74 -6.64 3.71 -15.90
C ASN A 74 -7.01 2.42 -16.63
N GLY A 75 -8.23 2.34 -17.14
CA GLY A 75 -8.65 1.21 -17.95
C GLY A 75 -9.58 0.24 -17.26
N GLY A 76 -9.79 0.44 -15.96
CA GLY A 76 -10.69 -0.41 -15.19
C GLY A 76 -12.14 -0.23 -15.57
N ASN A 77 -12.94 -1.25 -15.23
CA ASN A 77 -14.38 -1.21 -15.41
C ASN A 77 -15.07 -1.68 -14.13
N TYR A 78 -14.75 -1.05 -13.01
CA TYR A 78 -15.20 -1.51 -11.69
C TYR A 78 -16.45 -0.81 -11.17
N ALA A 79 -17.22 -1.53 -10.34
CA ALA A 79 -18.42 -1.01 -9.69
C ALA A 79 -18.28 -1.13 -8.17
N GLY A 80 -18.88 -0.18 -7.45
CA GLY A 80 -18.83 -0.14 -5.98
C GLY A 80 -19.99 -0.90 -5.39
N GLN A 81 -19.75 -1.53 -4.24
CA GLN A 81 -20.78 -2.35 -3.58
C GLN A 81 -20.88 -1.98 -2.11
N PHE A 82 -22.05 -1.51 -1.69
CA PHE A 82 -22.23 -1.03 -0.32
C PHE A 82 -23.56 -1.46 0.26
N VAL A 83 -23.58 -1.59 1.59
CA VAL A 83 -24.80 -1.88 2.33
C VAL A 83 -25.20 -0.66 3.14
N VAL A 84 -26.43 -0.19 2.91
CA VAL A 84 -27.04 0.89 3.69
C VAL A 84 -27.66 0.22 4.92
N TYR A 85 -27.15 0.55 6.11
CA TYR A 85 -27.49 -0.22 7.31
C TYR A 85 -27.34 0.63 8.57
N ASP A 86 -28.29 1.54 8.78
CA ASP A 86 -28.21 2.42 9.94
C ASP A 86 -29.57 2.95 10.35
N LEU A 87 -30.61 2.16 10.12
CA LEU A 87 -31.96 2.54 10.58
C LEU A 87 -31.98 2.87 12.06
N PRO A 88 -32.88 3.78 12.49
CA PRO A 88 -33.02 3.97 13.92
C PRO A 88 -33.69 2.72 14.49
N ASP A 89 -33.31 2.35 15.71
CA ASP A 89 -33.78 1.12 16.35
C ASP A 89 -33.52 -0.09 15.44
N ARG A 90 -32.32 -0.07 14.86
CA ARG A 90 -31.84 -1.06 13.90
C ARG A 90 -31.92 -2.47 14.48
N ASP A 91 -32.15 -3.46 13.62
CA ASP A 91 -32.03 -4.88 14.01
C ASP A 91 -32.98 -5.20 15.18
N CYS A 92 -34.25 -4.82 15.01
CA CYS A 92 -35.18 -4.73 16.15
C CYS A 92 -35.51 -6.05 16.87
N ALA A 93 -35.37 -7.18 16.20
CA ALA A 93 -35.68 -8.48 16.83
C ALA A 93 -34.46 -9.15 17.45
N ALA A 94 -33.32 -8.48 17.39
CA ALA A 94 -32.09 -9.02 17.96
C ALA A 94 -31.43 -7.99 18.87
N LEU A 95 -30.45 -8.44 19.65
CA LEU A 95 -29.76 -7.53 20.57
C LEU A 95 -28.31 -7.25 20.16
N ALA A 96 -27.79 -8.00 19.20
CA ALA A 96 -26.37 -7.97 18.89
C ALA A 96 -25.92 -6.74 18.13
N SER A 97 -26.82 -6.19 17.31
CA SER A 97 -26.43 -5.26 16.25
C SER A 97 -27.14 -3.91 16.36
N ASN A 98 -27.52 -3.54 17.58
CA ASN A 98 -28.11 -2.22 17.82
C ASN A 98 -27.16 -1.11 17.38
N GLY A 99 -27.72 -0.10 16.69
CA GLY A 99 -26.94 0.96 16.08
C GLY A 99 -26.96 2.29 16.82
N GLU A 100 -26.42 3.30 16.16
CA GLU A 100 -26.18 4.60 16.78
C GLU A 100 -27.43 5.48 16.92
N TYR A 101 -28.47 5.19 16.15
CA TYR A 101 -29.68 6.01 16.16
C TYR A 101 -30.88 5.30 16.76
N SER A 102 -31.68 6.05 17.52
CA SER A 102 -32.92 5.53 18.09
C SER A 102 -34.08 6.46 17.79
N ILE A 103 -35.25 5.89 17.54
CA ILE A 103 -36.45 6.67 17.21
C ILE A 103 -36.76 7.72 18.30
N ALA A 104 -36.60 7.33 19.56
CA ALA A 104 -36.87 8.24 20.69
C ALA A 104 -35.93 9.44 20.77
N ASP A 105 -34.73 9.33 20.19
CA ASP A 105 -33.74 10.40 20.20
C ASP A 105 -33.53 11.02 18.80
N GLY A 106 -34.64 11.36 18.15
CA GLY A 106 -34.64 12.00 16.82
C GLY A 106 -34.01 11.15 15.71
N GLY A 107 -34.17 9.83 15.84
CA GLY A 107 -33.52 8.88 14.93
C GLY A 107 -33.92 8.95 13.47
N VAL A 108 -35.19 9.23 13.23
CA VAL A 108 -35.69 9.37 11.86
C VAL A 108 -35.01 10.55 11.14
N ALA A 109 -34.97 11.72 11.78
CA ALA A 109 -34.29 12.88 11.19
C ALA A 109 -32.80 12.62 10.97
N LYS A 110 -32.17 11.97 11.95
CA LYS A 110 -30.77 11.56 11.82
C LYS A 110 -30.55 10.56 10.67
N TYR A 111 -31.46 9.60 10.52
CA TYR A 111 -31.36 8.66 9.40
C TYR A 111 -31.46 9.40 8.06
N LYS A 112 -32.34 10.37 7.97
CA LYS A 112 -32.50 11.15 6.75
C LYS A 112 -31.22 11.88 6.40
N ASN A 113 -30.55 12.44 7.40
CA ASN A 113 -29.23 13.05 7.20
C ASN A 113 -28.18 12.06 6.70
N TYR A 114 -28.20 10.84 7.26
CA TYR A 114 -27.31 9.75 6.81
C TYR A 114 -27.55 9.43 5.34
N ILE A 115 -28.83 9.28 4.96
CA ILE A 115 -29.18 9.06 3.56
C ILE A 115 -28.74 10.23 2.67
N ASP A 116 -28.96 11.45 3.14
CA ASP A 116 -28.53 12.64 2.41
C ASP A 116 -27.04 12.59 2.11
N THR A 117 -26.26 12.14 3.10
CA THR A 117 -24.81 12.05 2.96
C THR A 117 -24.45 11.05 1.88
N ILE A 118 -25.09 9.89 1.91
CA ILE A 118 -24.86 8.86 0.89
C ILE A 118 -25.26 9.36 -0.51
N ARG A 119 -26.40 10.03 -0.62
CA ARG A 119 -26.84 10.60 -1.91
C ARG A 119 -25.81 11.56 -2.50
N GLN A 120 -25.27 12.43 -1.65
CA GLN A 120 -24.24 13.37 -2.11
C GLN A 120 -22.99 12.66 -2.64
N ILE A 121 -22.58 11.57 -1.97
CA ILE A 121 -21.43 10.78 -2.43
C ILE A 121 -21.73 10.14 -3.80
N VAL A 122 -22.93 9.58 -3.95
CA VAL A 122 -23.33 8.92 -5.18
C VAL A 122 -23.49 9.92 -6.33
N VAL A 123 -23.89 11.15 -5.97
CA VAL A 123 -23.98 12.24 -6.94
C VAL A 123 -22.57 12.65 -7.41
N GLU A 124 -21.65 12.78 -6.46
CA GLU A 124 -20.25 13.08 -6.80
C GLU A 124 -19.68 12.02 -7.74
N TYR A 125 -19.95 10.76 -7.41
CA TYR A 125 -19.41 9.64 -8.15
C TYR A 125 -20.44 9.06 -9.12
N SER A 126 -21.07 9.96 -9.88
CA SER A 126 -22.06 9.56 -10.88
C SER A 126 -21.43 8.73 -11.98
N ASP A 127 -20.10 8.82 -12.12
CA ASP A 127 -19.34 8.07 -13.11
C ASP A 127 -19.13 6.59 -12.74
N ILE A 128 -19.49 6.19 -11.52
CA ILE A 128 -19.28 4.81 -11.06
C ILE A 128 -20.61 4.12 -10.78
N ARG A 129 -20.82 2.95 -11.37
CA ARG A 129 -22.03 2.19 -11.07
C ARG A 129 -21.93 1.73 -9.64
N THR A 130 -23.05 1.84 -8.92
CA THR A 130 -23.04 1.67 -7.49
C THR A 130 -24.16 0.71 -7.11
N LEU A 131 -23.77 -0.42 -6.53
CA LEU A 131 -24.69 -1.51 -6.22
C LEU A 131 -24.93 -1.49 -4.72
N LEU A 132 -26.20 -1.38 -4.34
CA LEU A 132 -26.56 -1.15 -2.94
C LEU A 132 -27.50 -2.20 -2.43
N VAL A 133 -27.24 -2.68 -1.23
CA VAL A 133 -28.22 -3.48 -0.49
C VAL A 133 -28.83 -2.58 0.56
N ILE A 134 -30.16 -2.58 0.59
CA ILE A 134 -30.87 -1.68 1.47
C ILE A 134 -31.37 -2.38 2.73
N GLU A 135 -30.76 -2.02 3.86
CA GLU A 135 -31.26 -2.34 5.20
C GLU A 135 -31.59 -3.81 5.53
N PRO A 136 -30.55 -4.63 5.67
CA PRO A 136 -30.74 -6.01 6.11
C PRO A 136 -31.46 -6.11 7.45
N ALA A 137 -32.29 -7.13 7.58
CA ALA A 137 -33.08 -7.40 8.79
C ALA A 137 -33.92 -6.20 9.24
N SER A 138 -34.64 -5.61 8.30
CA SER A 138 -35.56 -4.55 8.67
C SER A 138 -36.96 -4.96 8.27
N LEU A 139 -37.24 -4.98 6.97
CA LEU A 139 -38.55 -5.36 6.47
C LEU A 139 -38.93 -6.80 6.83
N ALA A 140 -37.97 -7.72 6.78
CA ALA A 140 -38.22 -9.11 7.18
C ALA A 140 -38.73 -9.20 8.61
N ASN A 141 -38.21 -8.34 9.48
CA ASN A 141 -38.67 -8.28 10.87
C ASN A 141 -40.12 -7.81 10.99
N LEU A 142 -40.56 -6.98 10.04
CA LEU A 142 -41.93 -6.50 10.04
C LEU A 142 -42.89 -7.58 9.60
N VAL A 143 -42.38 -8.60 8.91
CA VAL A 143 -43.20 -9.72 8.46
C VAL A 143 -43.47 -10.69 9.61
N THR A 144 -42.47 -10.96 10.44
CA THR A 144 -42.56 -12.06 11.42
C THR A 144 -42.41 -11.63 12.89
N ASN A 145 -41.90 -10.43 13.13
CA ASN A 145 -41.59 -10.03 14.50
C ASN A 145 -42.29 -8.80 15.06
N LEU A 146 -43.51 -8.53 14.59
CA LEU A 146 -44.30 -7.46 15.19
C LEU A 146 -44.72 -7.76 16.63
N GLY A 147 -44.53 -9.00 17.08
CA GLY A 147 -44.71 -9.38 18.48
C GLY A 147 -43.57 -8.98 19.39
N THR A 148 -42.51 -8.45 18.79
CA THR A 148 -41.40 -7.89 19.54
C THR A 148 -41.65 -6.39 19.65
N PRO A 149 -41.82 -5.89 20.89
CA PRO A 149 -42.17 -4.48 21.10
C PRO A 149 -41.27 -3.50 20.34
N LYS A 150 -39.96 -3.75 20.36
CA LYS A 150 -39.02 -2.91 19.62
C LYS A 150 -39.34 -2.86 18.12
N CYS A 151 -39.76 -3.97 17.52
CA CYS A 151 -40.13 -3.97 16.10
C CYS A 151 -41.47 -3.29 15.86
N ALA A 152 -42.45 -3.59 16.70
CA ALA A 152 -43.78 -2.98 16.62
C ALA A 152 -43.67 -1.46 16.71
N ASN A 153 -42.90 -0.97 17.69
N ASN A 153 -42.92 -0.97 17.70
CA ASN A 153 -42.68 0.46 17.89
CA ASN A 153 -42.69 0.46 17.87
C ASN A 153 -41.82 1.12 16.81
C ASN A 153 -41.98 1.08 16.67
N ALA A 154 -41.10 0.30 16.03
CA ALA A 154 -40.26 0.79 14.93
C ALA A 154 -40.91 0.75 13.56
N GLN A 155 -42.04 0.04 13.43
CA GLN A 155 -42.64 -0.23 12.12
C GLN A 155 -42.82 1.04 11.28
N SER A 156 -43.40 2.07 11.90
CA SER A 156 -43.65 3.33 11.21
C SER A 156 -42.36 4.02 10.74
N ALA A 157 -41.37 4.06 11.62
CA ALA A 157 -40.05 4.64 11.30
C ALA A 157 -39.34 3.86 10.20
N TYR A 158 -39.35 2.52 10.28
CA TYR A 158 -38.73 1.69 9.24
C TYR A 158 -39.27 2.00 7.86
N LEU A 159 -40.60 2.04 7.76
CA LEU A 159 -41.26 2.29 6.48
C LEU A 159 -40.98 3.70 5.96
N GLU A 160 -40.95 4.69 6.85
CA GLU A 160 -40.63 6.06 6.47
C GLU A 160 -39.19 6.15 5.98
N CYS A 161 -38.28 5.58 6.76
CA CYS A 161 -36.84 5.62 6.46
C CYS A 161 -36.47 4.85 5.20
N ILE A 162 -37.06 3.66 5.01
CA ILE A 162 -36.80 2.89 3.79
C ILE A 162 -37.35 3.62 2.56
N ASN A 163 -38.52 4.24 2.70
CA ASN A 163 -39.06 5.04 1.61
C ASN A 163 -38.09 6.16 1.23
N TYR A 164 -37.53 6.83 2.24
CA TYR A 164 -36.57 7.90 2.04
C TYR A 164 -35.28 7.42 1.38
N ALA A 165 -34.79 6.26 1.81
CA ALA A 165 -33.59 5.67 1.23
C ALA A 165 -33.77 5.33 -0.25
N VAL A 166 -34.87 4.68 -0.59
CA VAL A 166 -35.06 4.24 -1.98
C VAL A 166 -35.47 5.36 -2.94
N THR A 167 -36.02 6.44 -2.41
CA THR A 167 -36.37 7.59 -3.25
C THR A 167 -35.14 8.47 -3.42
N GLN A 168 -34.41 8.71 -2.33
CA GLN A 168 -33.25 9.62 -2.36
C GLN A 168 -32.02 9.02 -3.03
N LEU A 169 -31.95 7.68 -3.08
CA LEU A 169 -30.83 7.03 -3.76
C LEU A 169 -31.21 6.51 -5.16
N ASN A 170 -32.39 6.94 -5.61
CA ASN A 170 -32.91 6.59 -6.93
C ASN A 170 -32.22 7.46 -7.98
N LEU A 171 -31.04 7.01 -8.40
CA LEU A 171 -30.17 7.78 -9.27
C LEU A 171 -29.72 6.91 -10.46
N PRO A 172 -29.23 7.53 -11.54
CA PRO A 172 -29.01 6.76 -12.75
C PRO A 172 -27.90 5.71 -12.65
N ASN A 173 -26.95 5.90 -11.74
CA ASN A 173 -25.82 4.98 -11.61
C ASN A 173 -26.01 3.91 -10.54
N VAL A 174 -27.19 3.91 -9.93
CA VAL A 174 -27.48 3.08 -8.77
C VAL A 174 -28.37 1.88 -9.11
N ALA A 175 -28.03 0.72 -8.56
CA ALA A 175 -28.99 -0.38 -8.46
C ALA A 175 -29.15 -0.70 -6.99
N MET A 176 -30.40 -0.70 -6.52
CA MET A 176 -30.71 -1.05 -5.15
C MET A 176 -31.41 -2.40 -5.09
N TYR A 177 -31.07 -3.16 -4.04
CA TYR A 177 -31.76 -4.41 -3.76
C TYR A 177 -32.20 -4.35 -2.30
N LEU A 178 -33.51 -4.38 -2.07
CA LEU A 178 -34.06 -4.41 -0.71
C LEU A 178 -33.73 -5.73 -0.04
N ASP A 179 -33.28 -5.69 1.21
CA ASP A 179 -33.05 -6.96 1.91
C ASP A 179 -34.37 -7.67 2.10
N ALA A 180 -34.36 -8.98 1.87
CA ALA A 180 -35.58 -9.75 1.89
C ALA A 180 -35.44 -11.07 2.64
N GLY A 181 -34.66 -11.06 3.71
CA GLY A 181 -34.50 -12.28 4.52
C GLY A 181 -33.94 -13.43 3.70
N HIS A 182 -34.46 -14.64 3.95
CA HIS A 182 -33.91 -15.85 3.33
C HIS A 182 -34.90 -16.97 3.40
N ALA A 183 -34.57 -18.09 2.77
CA ALA A 183 -35.49 -19.23 2.66
C ALA A 183 -36.05 -19.68 4.02
N GLY A 184 -35.20 -19.66 5.04
CA GLY A 184 -35.59 -20.07 6.38
C GLY A 184 -36.25 -19.01 7.23
N TRP A 185 -36.49 -17.84 6.63
CA TRP A 185 -37.16 -16.77 7.32
C TRP A 185 -38.50 -16.55 6.68
N LEU A 186 -38.48 -16.19 5.40
CA LEU A 186 -39.70 -15.79 4.68
C LEU A 186 -40.16 -16.82 3.63
N GLY A 187 -39.41 -17.92 3.50
CA GLY A 187 -39.77 -18.99 2.60
C GLY A 187 -40.83 -19.92 3.17
N TRP A 188 -41.03 -19.87 4.48
CA TRP A 188 -42.11 -20.61 5.13
C TRP A 188 -43.44 -20.28 4.49
N PRO A 189 -44.29 -21.30 4.29
CA PRO A 189 -45.50 -21.09 3.49
C PRO A 189 -46.34 -19.89 3.94
N ALA A 190 -46.53 -19.72 5.25
CA ALA A 190 -47.38 -18.63 5.76
C ALA A 190 -46.74 -17.24 5.63
N ASN A 191 -45.43 -17.20 5.39
CA ASN A 191 -44.71 -15.93 5.36
C ASN A 191 -44.52 -15.35 3.96
N GLN A 192 -44.65 -16.19 2.95
CA GLN A 192 -44.38 -15.82 1.55
C GLN A 192 -45.24 -14.68 1.06
N ASP A 193 -46.56 -14.84 1.19
CA ASP A 193 -47.49 -13.83 0.70
C ASP A 193 -47.39 -12.50 1.46
N PRO A 194 -47.38 -12.51 2.81
CA PRO A 194 -47.22 -11.22 3.49
C PRO A 194 -45.91 -10.52 3.15
N ALA A 195 -44.83 -11.30 3.02
CA ALA A 195 -43.53 -10.74 2.64
C ALA A 195 -43.61 -10.07 1.26
N ALA A 196 -44.07 -10.81 0.27
CA ALA A 196 -44.22 -10.27 -1.09
C ALA A 196 -45.07 -9.00 -1.10
N GLN A 197 -46.16 -9.01 -0.32
CA GLN A 197 -47.07 -7.88 -0.22
C GLN A 197 -46.34 -6.65 0.32
N LEU A 198 -45.53 -6.86 1.36
CA LEU A 198 -44.78 -5.79 1.97
C LEU A 198 -43.73 -5.21 1.01
N PHE A 199 -42.97 -6.08 0.34
CA PHE A 199 -41.93 -5.62 -0.59
C PHE A 199 -42.53 -4.83 -1.75
N ALA A 200 -43.61 -5.35 -2.32
CA ALA A 200 -44.29 -4.68 -3.43
C ALA A 200 -44.93 -3.37 -2.98
N ASN A 201 -45.48 -3.35 -1.76
CA ASN A 201 -46.02 -2.11 -1.19
C ASN A 201 -44.94 -1.03 -0.98
N VAL A 202 -43.75 -1.42 -0.52
CA VAL A 202 -42.65 -0.48 -0.37
C VAL A 202 -42.28 0.11 -1.74
N TYR A 203 -42.23 -0.78 -2.74
CA TYR A 203 -41.90 -0.44 -4.11
C TYR A 203 -42.94 0.52 -4.71
N LYS A 204 -44.21 0.16 -4.60
CA LYS A 204 -45.29 1.01 -5.12
C LYS A 204 -45.37 2.35 -4.38
N ASN A 205 -45.17 2.33 -3.07
CA ASN A 205 -45.26 3.51 -2.22
C ASN A 205 -44.17 4.53 -2.51
N ALA A 206 -43.05 4.04 -3.04
CA ALA A 206 -41.92 4.89 -3.39
C ALA A 206 -42.01 5.35 -4.85
N SER A 207 -43.21 5.20 -5.43
CA SER A 207 -43.46 5.56 -6.84
C SER A 207 -42.67 4.69 -7.83
N SER A 208 -42.50 3.42 -7.48
CA SER A 208 -41.82 2.44 -8.34
C SER A 208 -40.44 2.91 -8.81
N PRO A 209 -39.49 3.12 -7.87
CA PRO A 209 -38.21 3.70 -8.30
C PRO A 209 -37.50 2.82 -9.32
N ARG A 210 -37.04 3.41 -10.42
CA ARG A 210 -36.37 2.65 -11.48
C ARG A 210 -35.04 2.03 -11.03
N ALA A 211 -34.34 2.70 -10.09
CA ALA A 211 -33.09 2.19 -9.51
C ALA A 211 -33.30 1.02 -8.55
N LEU A 212 -34.54 0.79 -8.13
CA LEU A 212 -34.86 -0.34 -7.25
C LEU A 212 -35.06 -1.60 -8.10
N ARG A 213 -33.99 -2.36 -8.20
CA ARG A 213 -33.91 -3.50 -9.10
C ARG A 213 -34.63 -4.74 -8.57
N GLY A 214 -34.66 -4.90 -7.25
CA GLY A 214 -35.27 -6.10 -6.67
C GLY A 214 -34.87 -6.33 -5.23
N LEU A 215 -34.57 -7.60 -4.90
CA LEU A 215 -34.38 -8.01 -3.53
C LEU A 215 -33.05 -8.69 -3.34
N ALA A 216 -32.49 -8.55 -2.13
CA ALA A 216 -31.30 -9.31 -1.73
C ALA A 216 -31.71 -10.38 -0.73
N THR A 217 -31.22 -11.60 -0.93
CA THR A 217 -31.55 -12.69 -0.01
C THR A 217 -30.31 -13.30 0.64
N ASN A 218 -30.54 -13.98 1.75
CA ASN A 218 -29.49 -14.70 2.46
C ASN A 218 -28.41 -13.80 3.07
N VAL A 219 -28.68 -12.50 3.19
CA VAL A 219 -27.66 -11.58 3.67
C VAL A 219 -27.29 -11.91 5.12
N ALA A 220 -26.01 -12.12 5.36
CA ALA A 220 -25.49 -12.52 6.67
C ALA A 220 -26.06 -13.86 7.12
N ASN A 221 -26.59 -14.64 6.17
CA ASN A 221 -27.05 -15.99 6.49
C ASN A 221 -26.26 -17.03 5.70
N TYR A 222 -26.75 -18.27 5.63
CA TYR A 222 -25.91 -19.42 5.30
C TYR A 222 -26.54 -20.44 4.37
N ASN A 223 -27.74 -20.15 3.88
CA ASN A 223 -28.48 -21.11 3.08
C ASN A 223 -27.75 -21.44 1.79
N GLY A 224 -27.92 -22.67 1.32
CA GLY A 224 -27.38 -23.06 0.04
C GLY A 224 -28.14 -22.34 -1.05
N TRP A 225 -27.47 -22.08 -2.16
CA TRP A 225 -28.12 -21.52 -3.34
C TRP A 225 -29.03 -22.55 -3.97
N ASN A 226 -28.47 -23.70 -4.35
CA ASN A 226 -29.22 -24.67 -5.13
C ASN A 226 -28.94 -26.11 -4.73
N ILE A 227 -28.58 -26.31 -3.47
CA ILE A 227 -28.33 -27.66 -2.95
C ILE A 227 -29.54 -28.56 -3.20
N THR A 228 -29.26 -29.80 -3.56
CA THR A 228 -30.26 -30.72 -4.07
C THR A 228 -30.89 -31.60 -2.99
N SER A 229 -30.35 -31.56 -1.78
CA SER A 229 -30.96 -32.25 -0.64
C SER A 229 -31.32 -31.27 0.48
N PRO A 230 -32.54 -31.37 1.03
CA PRO A 230 -32.92 -30.52 2.15
C PRO A 230 -32.15 -30.89 3.42
N PRO A 231 -31.43 -29.91 4.01
CA PRO A 231 -30.79 -30.15 5.30
C PRO A 231 -31.83 -30.50 6.36
N SER A 232 -31.41 -31.25 7.38
CA SER A 232 -32.33 -31.71 8.42
C SER A 232 -33.08 -30.57 9.10
N TYR A 233 -32.40 -29.44 9.33
CA TYR A 233 -32.99 -28.29 10.00
C TYR A 233 -34.05 -27.55 9.16
N THR A 234 -34.18 -27.89 7.88
CA THR A 234 -35.20 -27.29 7.02
C THR A 234 -36.60 -27.93 7.14
N GLN A 235 -36.69 -28.96 7.98
CA GLN A 235 -38.01 -29.50 8.42
C GLN A 235 -38.97 -29.85 7.29
N GLY A 236 -38.46 -30.40 6.20
CA GLY A 236 -39.29 -30.83 5.06
C GLY A 236 -39.98 -29.74 4.24
N ASN A 237 -39.57 -28.48 4.42
CA ASN A 237 -40.11 -27.36 3.63
C ASN A 237 -39.85 -27.49 2.15
N ALA A 238 -40.83 -27.05 1.36
CA ALA A 238 -40.65 -26.98 -0.08
C ALA A 238 -39.47 -26.05 -0.35
N VAL A 239 -39.47 -24.90 0.32
CA VAL A 239 -38.44 -23.88 0.11
C VAL A 239 -37.27 -24.10 1.07
N TYR A 240 -36.25 -24.82 0.62
CA TYR A 240 -35.14 -25.18 1.51
C TYR A 240 -33.79 -24.62 1.06
N ASN A 241 -33.79 -23.86 -0.03
CA ASN A 241 -32.57 -23.19 -0.51
C ASN A 241 -32.95 -21.85 -1.15
N GLU A 242 -31.97 -21.05 -1.54
CA GLU A 242 -32.30 -19.68 -1.97
C GLU A 242 -32.92 -19.63 -3.36
N LYS A 243 -32.55 -20.58 -4.22
CA LYS A 243 -33.12 -20.67 -5.55
C LYS A 243 -34.63 -20.88 -5.47
N LEU A 244 -35.06 -21.84 -4.66
CA LEU A 244 -36.49 -22.09 -4.41
C LEU A 244 -37.19 -20.87 -3.83
N TYR A 245 -36.51 -20.19 -2.90
CA TYR A 245 -37.05 -18.99 -2.29
C TYR A 245 -37.33 -17.87 -3.32
N ILE A 246 -36.33 -17.51 -4.12
CA ILE A 246 -36.54 -16.43 -5.10
C ILE A 246 -37.55 -16.81 -6.18
N HIS A 247 -37.63 -18.10 -6.52
CA HIS A 247 -38.61 -18.52 -7.51
C HIS A 247 -40.00 -18.62 -6.96
N ALA A 248 -40.11 -18.67 -5.64
CA ALA A 248 -41.41 -18.61 -4.96
C ALA A 248 -41.87 -17.15 -4.79
N ILE A 249 -40.96 -16.30 -4.33
CA ILE A 249 -41.30 -14.90 -4.05
C ILE A 249 -41.43 -14.02 -5.31
N GLY A 250 -40.60 -14.30 -6.30
CA GLY A 250 -40.59 -13.55 -7.56
C GLY A 250 -41.96 -13.35 -8.18
N PRO A 251 -42.68 -14.46 -8.44
CA PRO A 251 -44.02 -14.36 -9.06
C PRO A 251 -45.04 -13.66 -8.16
N LEU A 252 -44.86 -13.76 -6.85
CA LEU A 252 -45.74 -13.10 -5.90
C LEU A 252 -45.53 -11.58 -5.90
N LEU A 253 -44.29 -11.13 -6.15
CA LEU A 253 -44.03 -9.70 -6.31
C LEU A 253 -44.80 -9.16 -7.52
N ALA A 254 -44.70 -9.86 -8.64
CA ALA A 254 -45.41 -9.54 -9.88
C ALA A 254 -46.92 -9.46 -9.64
N ASN A 255 -47.44 -10.40 -8.87
CA ASN A 255 -48.85 -10.43 -8.49
C ASN A 255 -49.30 -9.20 -7.73
N HIS A 256 -48.40 -8.63 -6.93
CA HIS A 256 -48.71 -7.50 -6.07
C HIS A 256 -48.26 -6.19 -6.63
N GLY A 257 -47.93 -6.15 -7.92
CA GLY A 257 -47.66 -4.90 -8.62
C GLY A 257 -46.20 -4.52 -8.80
N TRP A 258 -45.29 -5.43 -8.45
CA TRP A 258 -43.87 -5.23 -8.69
C TRP A 258 -43.39 -6.18 -9.74
N SER A 259 -43.48 -5.75 -10.99
CA SER A 259 -42.98 -6.56 -12.10
C SER A 259 -41.50 -6.30 -12.37
N ASN A 260 -40.86 -7.29 -12.99
CA ASN A 260 -39.45 -7.24 -13.35
C ASN A 260 -38.53 -7.04 -12.15
N ALA A 261 -38.87 -7.68 -11.03
CA ALA A 261 -38.00 -7.70 -9.87
C ALA A 261 -36.99 -8.83 -10.02
N PHE A 262 -35.72 -8.52 -9.77
CA PHE A 262 -34.67 -9.51 -9.85
C PHE A 262 -33.99 -9.65 -8.50
N PHE A 263 -33.06 -10.58 -8.39
CA PHE A 263 -32.49 -10.90 -7.07
C PHE A 263 -30.96 -10.94 -7.08
N ILE A 264 -30.38 -10.66 -5.92
CA ILE A 264 -29.03 -11.10 -5.63
C ILE A 264 -29.07 -11.96 -4.38
N THR A 265 -28.10 -12.86 -4.23
N THR A 265 -28.13 -12.89 -4.25
CA THR A 265 -28.08 -13.76 -3.09
CA THR A 265 -28.10 -13.78 -3.08
C THR A 265 -26.68 -13.87 -2.51
C THR A 265 -26.69 -13.86 -2.51
N ASP A 266 -26.59 -13.63 -1.20
CA ASP A 266 -25.32 -13.76 -0.47
C ASP A 266 -24.93 -15.24 -0.38
N GLN A 267 -23.73 -15.58 -0.84
CA GLN A 267 -23.19 -16.94 -0.70
C GLN A 267 -21.85 -16.92 0.02
N GLY A 268 -21.52 -15.77 0.60
CA GLY A 268 -20.25 -15.60 1.31
C GLY A 268 -19.97 -16.59 2.44
N ARG A 269 -21.02 -17.14 3.05
CA ARG A 269 -20.84 -18.12 4.12
C ARG A 269 -21.68 -19.39 3.89
N SER A 270 -21.94 -19.70 2.62
CA SER A 270 -22.82 -20.80 2.23
C SER A 270 -22.12 -22.02 1.61
N GLY A 271 -20.78 -22.05 1.64
CA GLY A 271 -20.02 -23.06 0.89
C GLY A 271 -20.17 -24.49 1.41
N LYS A 272 -20.37 -24.64 2.72
CA LYS A 272 -20.51 -25.96 3.33
C LYS A 272 -21.97 -26.25 3.67
N GLN A 273 -22.50 -27.30 3.05
CA GLN A 273 -23.90 -27.67 3.20
C GLN A 273 -23.97 -29.17 3.44
N PRO A 274 -24.75 -29.61 4.45
CA PRO A 274 -25.46 -28.77 5.40
C PRO A 274 -24.49 -27.98 6.28
N THR A 275 -24.97 -26.93 6.92
CA THR A 275 -24.17 -26.16 7.88
C THR A 275 -24.22 -26.88 9.23
N GLY A 276 -23.65 -26.25 10.25
CA GLY A 276 -23.69 -26.78 11.61
C GLY A 276 -24.93 -26.37 12.40
N GLN A 277 -25.90 -25.74 11.73
CA GLN A 277 -27.14 -25.32 12.39
C GLN A 277 -27.90 -26.50 12.95
N GLN A 278 -28.39 -26.35 14.17
CA GLN A 278 -29.26 -27.34 14.79
C GLN A 278 -30.72 -26.92 14.71
N GLN A 279 -30.95 -25.61 14.61
CA GLN A 279 -32.25 -25.06 14.26
C GLN A 279 -32.03 -24.07 13.13
N TRP A 280 -32.98 -23.98 12.22
CA TRP A 280 -32.84 -23.11 11.05
C TRP A 280 -32.76 -21.66 11.44
N GLY A 281 -33.44 -21.31 12.53
CA GLY A 281 -33.45 -19.94 13.04
C GLY A 281 -32.19 -19.50 13.77
N ASP A 282 -31.21 -20.39 13.88
CA ASP A 282 -29.94 -20.03 14.52
C ASP A 282 -29.06 -19.30 13.50
N TRP A 283 -28.82 -18.01 13.75
CA TRP A 283 -28.19 -17.12 12.77
C TRP A 283 -26.83 -16.61 13.19
N CYS A 284 -26.50 -16.78 14.46
CA CYS A 284 -25.31 -16.13 15.00
C CYS A 284 -24.05 -16.98 14.90
N ASN A 285 -23.06 -16.48 14.14
CA ASN A 285 -21.72 -17.10 14.05
C ASN A 285 -21.79 -18.63 13.87
N VAL A 286 -22.58 -19.07 12.89
CA VAL A 286 -22.90 -20.49 12.78
C VAL A 286 -21.65 -21.34 12.54
N ILE A 287 -21.53 -22.44 13.26
CA ILE A 287 -20.39 -23.34 13.09
C ILE A 287 -20.51 -24.17 11.80
N GLY A 288 -19.40 -24.74 11.34
CA GLY A 288 -19.39 -25.63 10.18
C GLY A 288 -19.83 -24.94 8.89
N THR A 289 -19.42 -23.69 8.73
CA THR A 289 -19.70 -22.93 7.51
C THR A 289 -18.42 -22.68 6.72
N GLY A 290 -18.56 -22.43 5.41
CA GLY A 290 -17.41 -22.10 4.58
C GLY A 290 -17.73 -21.01 3.59
N PHE A 291 -16.70 -20.32 3.09
CA PHE A 291 -16.85 -19.41 1.94
C PHE A 291 -17.52 -20.20 0.82
N GLY A 292 -18.44 -19.55 0.12
CA GLY A 292 -19.23 -20.23 -0.90
C GLY A 292 -19.00 -19.76 -2.32
N ILE A 293 -20.03 -19.96 -3.15
CA ILE A 293 -20.00 -19.61 -4.56
C ILE A 293 -19.43 -18.19 -4.75
N ARG A 294 -18.43 -18.06 -5.59
CA ARG A 294 -17.78 -16.77 -5.81
C ARG A 294 -18.71 -15.79 -6.52
N PRO A 295 -18.61 -14.49 -6.18
CA PRO A 295 -19.45 -13.51 -6.85
C PRO A 295 -19.35 -13.58 -8.36
N SER A 296 -20.50 -13.65 -9.02
CA SER A 296 -20.58 -13.74 -10.49
C SER A 296 -21.99 -13.43 -10.98
N ALA A 297 -22.07 -12.72 -12.10
CA ALA A 297 -23.34 -12.48 -12.78
C ALA A 297 -23.72 -13.65 -13.66
N ASN A 298 -22.81 -14.59 -13.85
CA ASN A 298 -23.13 -15.81 -14.59
C ASN A 298 -23.79 -16.82 -13.65
N THR A 299 -25.10 -16.68 -13.50
CA THR A 299 -25.83 -17.40 -12.45
C THR A 299 -26.57 -18.61 -12.98
N GLY A 300 -26.78 -18.67 -14.29
CA GLY A 300 -27.56 -19.76 -14.88
C GLY A 300 -28.99 -19.79 -14.32
N ASP A 301 -29.51 -18.62 -13.98
CA ASP A 301 -30.83 -18.53 -13.38
C ASP A 301 -31.55 -17.29 -13.90
N SER A 302 -32.83 -17.43 -14.19
CA SER A 302 -33.61 -16.37 -14.81
C SER A 302 -33.83 -15.16 -13.91
N LEU A 303 -33.82 -15.39 -12.59
CA LEU A 303 -34.13 -14.34 -11.63
C LEU A 303 -32.93 -13.77 -10.89
N LEU A 304 -31.83 -14.52 -10.89
CA LEU A 304 -30.64 -14.10 -10.14
C LEU A 304 -29.69 -13.23 -10.96
N ASP A 305 -29.63 -11.94 -10.61
CA ASP A 305 -28.67 -11.01 -11.23
C ASP A 305 -27.23 -11.40 -10.94
N SER A 306 -26.97 -11.85 -9.72
CA SER A 306 -25.60 -12.16 -9.31
C SER A 306 -25.58 -12.95 -8.01
N PHE A 307 -24.61 -13.86 -7.93
CA PHE A 307 -24.12 -14.34 -6.64
C PHE A 307 -23.29 -13.20 -6.08
N VAL A 308 -23.42 -12.93 -4.78
CA VAL A 308 -22.67 -11.86 -4.15
C VAL A 308 -22.15 -12.32 -2.80
N TRP A 309 -21.17 -11.60 -2.27
CA TRP A 309 -20.76 -11.79 -0.88
C TRP A 309 -21.07 -10.53 -0.14
N VAL A 310 -22.15 -10.54 0.63
CA VAL A 310 -22.62 -9.30 1.26
C VAL A 310 -22.02 -9.16 2.64
N LYS A 311 -22.33 -10.10 3.52
CA LYS A 311 -21.70 -10.16 4.85
C LYS A 311 -20.24 -10.62 4.69
N PRO A 312 -19.27 -9.81 5.16
CA PRO A 312 -17.87 -10.18 4.93
C PRO A 312 -17.44 -11.24 5.94
N GLY A 313 -17.06 -12.41 5.44
CA GLY A 313 -16.72 -13.54 6.32
C GLY A 313 -15.51 -13.23 7.16
N GLY A 314 -15.64 -13.44 8.47
CA GLY A 314 -14.62 -13.04 9.41
C GLY A 314 -15.14 -11.97 10.34
N GLU A 315 -16.06 -11.13 9.83
CA GLU A 315 -16.66 -10.10 10.67
C GLU A 315 -17.79 -10.71 11.49
N CYS A 316 -17.73 -10.51 12.79
CA CYS A 316 -18.62 -11.20 13.73
C CYS A 316 -20.10 -10.83 13.65
N ASP A 317 -20.98 -11.77 14.03
CA ASP A 317 -22.42 -11.50 14.06
C ASP A 317 -22.92 -10.93 15.38
N GLY A 318 -22.16 -11.15 16.45
CA GLY A 318 -22.59 -10.73 17.77
C GLY A 318 -21.76 -11.40 18.84
N THR A 319 -21.65 -10.74 19.99
CA THR A 319 -20.81 -11.25 21.08
C THR A 319 -21.46 -12.47 21.75
N SER A 320 -20.62 -13.39 22.21
CA SER A 320 -21.11 -14.60 22.87
C SER A 320 -21.06 -14.42 24.38
N ASP A 321 -20.53 -13.28 24.82
CA ASP A 321 -20.32 -12.98 26.22
C ASP A 321 -21.60 -12.45 26.88
N SER A 322 -22.15 -13.27 27.78
CA SER A 322 -23.36 -12.94 28.54
C SER A 322 -23.24 -11.65 29.35
N SER A 323 -22.00 -11.32 29.73
CA SER A 323 -21.74 -10.11 30.52
C SER A 323 -21.49 -8.85 29.67
N ALA A 324 -21.29 -9.02 28.37
CA ALA A 324 -20.97 -7.90 27.49
C ALA A 324 -22.22 -7.15 27.00
N PRO A 325 -22.08 -5.87 26.61
CA PRO A 325 -23.23 -5.17 26.03
C PRO A 325 -23.58 -5.77 24.66
N ARG A 326 -24.85 -5.61 24.28
CA ARG A 326 -25.38 -6.17 23.04
C ARG A 326 -25.21 -7.70 22.97
N PHE A 327 -25.40 -8.38 24.11
CA PHE A 327 -25.39 -9.83 24.12
C PHE A 327 -26.76 -10.39 23.75
N ASP A 328 -26.76 -11.26 22.75
CA ASP A 328 -27.98 -11.92 22.30
C ASP A 328 -27.80 -13.42 22.55
N SER A 329 -28.83 -14.05 23.13
CA SER A 329 -28.77 -15.47 23.53
C SER A 329 -28.49 -16.42 22.36
N HIS A 330 -28.87 -16.01 21.15
CA HIS A 330 -28.56 -16.77 19.95
C HIS A 330 -27.09 -16.99 19.74
N CYS A 331 -26.28 -16.05 20.25
CA CYS A 331 -24.83 -16.13 20.07
C CYS A 331 -24.15 -17.04 21.09
N ALA A 332 -24.95 -17.61 22.00
CA ALA A 332 -24.44 -18.56 22.98
C ALA A 332 -24.87 -20.00 22.69
N LEU A 333 -25.64 -20.18 21.63
CA LEU A 333 -26.17 -21.50 21.27
C LEU A 333 -25.08 -22.52 20.95
N PRO A 334 -25.40 -23.83 21.06
CA PRO A 334 -24.42 -24.88 20.74
C PRO A 334 -23.85 -24.75 19.33
N ASP A 335 -24.62 -24.19 18.40
CA ASP A 335 -24.15 -24.05 17.01
C ASP A 335 -23.55 -22.67 16.68
N ALA A 336 -23.34 -21.85 17.71
CA ALA A 336 -22.67 -20.56 17.55
C ALA A 336 -21.22 -20.67 18.01
N LEU A 337 -20.29 -20.23 17.17
CA LEU A 337 -18.87 -20.36 17.51
C LEU A 337 -18.47 -19.47 18.70
N GLN A 338 -17.81 -20.10 19.68
CA GLN A 338 -17.41 -19.47 20.94
C GLN A 338 -15.88 -19.31 20.98
N PRO A 339 -15.35 -18.26 21.64
CA PRO A 339 -16.01 -17.05 22.11
C PRO A 339 -15.99 -16.00 21.01
N ALA A 340 -17.10 -15.27 20.87
CA ALA A 340 -17.25 -14.28 19.80
C ALA A 340 -17.17 -12.84 20.30
N PRO A 341 -16.46 -11.96 19.54
CA PRO A 341 -16.41 -10.53 19.87
C PRO A 341 -17.67 -9.79 19.45
N GLN A 342 -17.72 -8.47 19.66
CA GLN A 342 -18.87 -7.67 19.24
C GLN A 342 -19.20 -7.83 17.76
N ALA A 343 -20.47 -7.70 17.41
CA ALA A 343 -20.91 -7.67 16.01
C ALA A 343 -20.06 -6.68 15.20
N GLY A 344 -19.58 -7.16 14.05
CA GLY A 344 -18.77 -6.32 13.17
C GLY A 344 -17.28 -6.38 13.43
N ALA A 345 -16.89 -6.84 14.63
CA ALA A 345 -15.47 -6.93 14.97
C ALA A 345 -14.89 -8.16 14.32
N TRP A 346 -13.58 -8.16 14.11
CA TRP A 346 -12.92 -9.32 13.53
C TRP A 346 -12.96 -10.52 14.44
N PHE A 347 -13.32 -11.66 13.84
CA PHE A 347 -13.45 -12.92 14.58
C PHE A 347 -12.53 -13.91 13.89
N GLN A 348 -11.26 -13.92 14.30
CA GLN A 348 -10.22 -14.72 13.63
C GLN A 348 -10.57 -16.21 13.48
N ALA A 349 -11.03 -16.84 14.55
CA ALA A 349 -11.32 -18.27 14.49
C ALA A 349 -12.46 -18.58 13.51
N TYR A 350 -13.36 -17.61 13.33
CA TYR A 350 -14.44 -17.75 12.36
C TYR A 350 -13.94 -17.65 10.92
N PHE A 351 -13.06 -16.68 10.68
CA PHE A 351 -12.39 -16.57 9.39
C PHE A 351 -11.68 -17.86 9.02
N VAL A 352 -10.93 -18.42 9.98
CA VAL A 352 -10.22 -19.68 9.76
C VAL A 352 -11.19 -20.82 9.41
N GLN A 353 -12.30 -20.91 10.14
CA GLN A 353 -13.37 -21.85 9.83
C GLN A 353 -13.85 -21.69 8.39
N LEU A 354 -14.18 -20.45 8.00
CA LEU A 354 -14.68 -20.19 6.64
C LEU A 354 -13.66 -20.58 5.57
N LEU A 355 -12.39 -20.31 5.83
CA LEU A 355 -11.31 -20.62 4.91
C LEU A 355 -11.14 -22.13 4.78
N THR A 356 -11.09 -22.83 5.91
CA THR A 356 -10.91 -24.28 5.94
C THR A 356 -12.03 -25.00 5.20
N ASN A 357 -13.26 -24.50 5.38
CA ASN A 357 -14.46 -25.12 4.82
C ASN A 357 -14.89 -24.58 3.45
N ALA A 358 -14.09 -23.70 2.86
CA ALA A 358 -14.46 -23.01 1.61
C ALA A 358 -14.77 -23.99 0.48
N ASN A 359 -15.83 -23.70 -0.26
CA ASN A 359 -16.22 -24.47 -1.42
C ASN A 359 -16.92 -23.54 -2.39
N PRO A 360 -16.27 -23.16 -3.50
CA PRO A 360 -14.98 -23.66 -3.99
C PRO A 360 -13.83 -23.33 -3.06
N SER A 361 -12.86 -24.26 -2.98
CA SER A 361 -11.74 -24.15 -2.09
C SER A 361 -10.77 -23.02 -2.48
N PHE A 362 -10.16 -22.40 -1.47
CA PHE A 362 -9.02 -21.50 -1.69
C PHE A 362 -7.70 -22.27 -1.56
N LEU A 363 -7.69 -23.26 -0.66
CA LEU A 363 -6.57 -24.16 -0.48
C LEU A 363 -6.67 -25.29 -1.52
N THR B 1 -23.53 14.14 28.37
CA THR B 1 -22.13 13.81 28.80
C THR B 1 -21.10 14.57 27.96
N ALA B 2 -19.97 14.90 28.58
CA ALA B 2 -18.95 15.76 27.96
C ALA B 2 -18.05 15.04 26.96
N THR B 3 -17.59 13.84 27.32
CA THR B 3 -16.72 13.08 26.42
C THR B 3 -17.52 12.56 25.23
N TYR B 4 -16.81 12.17 24.17
CA TYR B 4 -17.46 11.81 22.92
C TYR B 4 -16.58 10.85 22.12
N SER B 5 -17.21 10.10 21.25
CA SER B 5 -16.47 9.39 20.21
C SER B 5 -17.01 9.88 18.86
N GLY B 6 -16.13 10.02 17.87
CA GLY B 6 -16.55 10.47 16.55
C GLY B 6 -16.83 11.95 16.53
N ASN B 7 -17.94 12.35 15.91
CA ASN B 7 -18.28 13.76 15.71
C ASN B 7 -18.68 14.46 17.02
N PRO B 8 -17.87 15.45 17.46
CA PRO B 8 -18.16 16.11 18.74
C PRO B 8 -19.37 17.04 18.71
N PHE B 9 -19.93 17.29 17.53
CA PHE B 9 -21.14 18.09 17.41
C PHE B 9 -22.38 17.25 17.59
N VAL B 10 -22.22 15.93 17.59
CA VAL B 10 -23.35 15.01 17.78
C VAL B 10 -23.65 14.87 19.27
N GLY B 11 -24.92 15.01 19.64
CA GLY B 11 -25.36 14.79 21.01
C GLY B 11 -25.24 15.99 21.93
N VAL B 12 -24.95 17.16 21.35
CA VAL B 12 -24.86 18.42 22.09
C VAL B 12 -25.47 19.52 21.25
N THR B 13 -25.80 20.64 21.90
CA THR B 13 -26.25 21.83 21.21
C THR B 13 -25.26 22.97 21.45
N PRO B 14 -24.77 23.60 20.36
CA PRO B 14 -23.83 24.70 20.54
C PRO B 14 -24.50 25.87 21.28
N TRP B 15 -23.80 26.40 22.26
CA TRP B 15 -24.28 27.51 23.07
C TRP B 15 -24.19 28.80 22.32
N ALA B 16 -25.25 29.61 22.37
CA ALA B 16 -25.20 30.98 21.84
C ALA B 16 -24.78 31.87 23.01
N ASN B 17 -23.65 32.56 22.87
CA ASN B 17 -23.03 33.21 24.03
C ASN B 17 -23.57 34.60 24.33
N ALA B 18 -23.41 35.03 25.57
CA ALA B 18 -23.92 36.32 26.03
C ALA B 18 -23.11 37.53 25.51
N TYR B 19 -21.87 37.31 25.10
CA TYR B 19 -21.01 38.39 24.60
C TYR B 19 -21.57 38.91 23.28
N TYR B 20 -21.75 38.01 22.31
CA TYR B 20 -22.35 38.39 21.04
C TYR B 20 -23.78 38.89 21.24
N ALA B 21 -24.53 38.23 22.11
CA ALA B 21 -25.90 38.63 22.39
C ALA B 21 -25.97 40.06 22.92
N SER B 22 -25.07 40.41 23.83
CA SER B 22 -24.99 41.78 24.36
C SER B 22 -24.71 42.77 23.24
N GLU B 23 -23.75 42.46 22.37
CA GLU B 23 -23.49 43.32 21.21
C GLU B 23 -24.74 43.54 20.38
N VAL B 24 -25.45 42.46 20.04
CA VAL B 24 -26.63 42.58 19.17
C VAL B 24 -27.74 43.36 19.88
N SER B 25 -27.99 43.01 21.14
CA SER B 25 -29.13 43.58 21.86
C SER B 25 -28.91 45.02 22.32
N SER B 26 -27.67 45.39 22.63
CA SER B 26 -27.38 46.73 23.14
C SER B 26 -26.74 47.69 22.14
N LEU B 27 -26.07 47.16 21.12
CA LEU B 27 -25.42 48.00 20.12
C LEU B 27 -26.19 48.04 18.81
N ALA B 28 -26.83 46.93 18.46
CA ALA B 28 -27.59 46.86 17.21
C ALA B 28 -29.07 47.22 17.38
N ILE B 29 -29.75 46.54 18.31
CA ILE B 29 -31.21 46.66 18.40
C ILE B 29 -31.76 48.08 18.69
N PRO B 30 -31.12 48.84 19.60
CA PRO B 30 -31.59 50.22 19.86
C PRO B 30 -31.58 51.13 18.62
N SER B 31 -30.85 50.73 17.58
CA SER B 31 -30.76 51.48 16.34
C SER B 31 -31.74 50.99 15.27
N LEU B 32 -32.46 49.90 15.58
CA LEU B 32 -33.36 49.28 14.63
C LEU B 32 -34.81 49.32 15.13
N THR B 33 -35.76 49.19 14.21
CA THR B 33 -37.18 49.19 14.55
C THR B 33 -37.91 48.10 13.79
N GLY B 34 -39.09 47.72 14.29
CA GLY B 34 -40.01 46.82 13.60
C GLY B 34 -39.41 45.48 13.26
N ALA B 35 -39.58 45.08 11.99
CA ALA B 35 -39.15 43.78 11.50
C ALA B 35 -37.63 43.58 11.57
N MET B 36 -36.86 44.63 11.32
CA MET B 36 -35.39 44.56 11.40
C MET B 36 -34.92 44.25 12.82
N ALA B 37 -35.52 44.93 13.80
CA ALA B 37 -35.18 44.73 15.22
C ALA B 37 -35.53 43.33 15.71
N THR B 38 -36.71 42.84 15.32
CA THR B 38 -37.14 41.48 15.68
C THR B 38 -36.21 40.44 15.04
N ALA B 39 -35.89 40.63 13.77
CA ALA B 39 -34.92 39.77 13.07
C ALA B 39 -33.54 39.77 13.75
N ALA B 40 -33.08 40.96 14.15
CA ALA B 40 -31.79 41.09 14.84
C ALA B 40 -31.76 40.28 16.13
N ALA B 41 -32.86 40.32 16.89
CA ALA B 41 -32.96 39.54 18.11
C ALA B 41 -32.81 38.03 17.87
N ALA B 42 -33.27 37.58 16.71
CA ALA B 42 -33.17 36.17 16.33
C ALA B 42 -31.73 35.77 15.95
N VAL B 43 -30.98 36.70 15.38
CA VAL B 43 -29.57 36.46 15.06
C VAL B 43 -28.76 36.16 16.32
N ALA B 44 -29.09 36.86 17.40
CA ALA B 44 -28.36 36.70 18.66
C ALA B 44 -28.54 35.30 19.28
N LYS B 45 -29.56 34.56 18.84
CA LYS B 45 -29.79 33.20 19.31
C LYS B 45 -29.10 32.12 18.47
N VAL B 46 -28.42 32.53 17.41
CA VAL B 46 -27.68 31.59 16.58
C VAL B 46 -26.28 31.42 17.18
N PRO B 47 -25.87 30.18 17.49
CA PRO B 47 -24.58 29.99 18.15
C PRO B 47 -23.41 30.37 17.25
N SER B 48 -22.49 31.15 17.82
CA SER B 48 -21.27 31.55 17.13
C SER B 48 -20.10 31.34 18.10
N PHE B 49 -18.88 31.36 17.58
CA PHE B 49 -17.70 31.11 18.40
C PHE B 49 -17.28 32.38 19.13
N MET B 50 -16.85 32.22 20.36
CA MET B 50 -16.26 33.32 21.13
C MET B 50 -14.75 33.32 20.94
N TRP B 51 -14.19 34.47 20.57
CA TRP B 51 -12.75 34.56 20.31
C TRP B 51 -11.97 34.97 21.52
N LEU B 52 -10.92 34.21 21.81
CA LEU B 52 -10.00 34.55 22.90
C LEU B 52 -8.80 35.29 22.30
N ASP B 53 -9.06 36.49 21.81
CA ASP B 53 -8.05 37.26 21.09
C ASP B 53 -7.07 37.98 22.01
N THR B 54 -7.37 37.98 23.31
CA THR B 54 -6.40 38.42 24.32
C THR B 54 -6.50 37.48 25.52
N LEU B 55 -5.45 37.50 26.35
CA LEU B 55 -5.48 36.75 27.61
C LEU B 55 -6.61 37.28 28.50
N ASP B 56 -6.88 38.59 28.40
CA ASP B 56 -7.98 39.25 29.11
C ASP B 56 -9.39 38.73 28.76
N LYS B 57 -9.49 37.95 27.69
CA LYS B 57 -10.77 37.33 27.32
C LYS B 57 -11.02 36.01 28.05
N THR B 58 -9.96 35.41 28.64
CA THR B 58 -10.15 34.13 29.33
C THR B 58 -11.16 34.16 30.50
N PRO B 59 -11.25 35.27 31.27
CA PRO B 59 -12.38 35.29 32.23
C PRO B 59 -13.77 35.22 31.57
N LEU B 60 -13.92 35.79 30.37
CA LEU B 60 -15.19 35.69 29.65
C LEU B 60 -15.49 34.26 29.18
N MET B 61 -14.44 33.50 28.85
CA MET B 61 -14.60 32.07 28.53
C MET B 61 -15.13 31.31 29.75
N GLU B 62 -14.56 31.60 30.90
CA GLU B 62 -15.00 30.99 32.15
C GLU B 62 -16.47 31.36 32.45
N GLN B 63 -16.81 32.64 32.30
CA GLN B 63 -18.19 33.12 32.47
C GLN B 63 -19.16 32.36 31.56
N THR B 64 -18.77 32.19 30.30
CA THR B 64 -19.59 31.48 29.33
C THR B 64 -19.82 30.02 29.75
N LEU B 65 -18.75 29.34 30.19
CA LEU B 65 -18.83 27.95 30.62
C LEU B 65 -19.65 27.80 31.91
N ALA B 66 -19.51 28.77 32.81
CA ALA B 66 -20.39 28.85 33.98
C ALA B 66 -21.87 28.91 33.57
N ASP B 67 -22.19 29.75 32.58
CA ASP B 67 -23.55 29.89 32.04
C ASP B 67 -24.04 28.55 31.50
N ILE B 68 -23.17 27.88 30.74
CA ILE B 68 -23.49 26.58 30.14
C ILE B 68 -23.75 25.52 31.21
N ARG B 69 -22.91 25.49 32.24
CA ARG B 69 -23.08 24.55 33.33
C ARG B 69 -24.45 24.72 33.98
N THR B 70 -24.82 25.96 34.27
CA THR B 70 -26.14 26.28 34.83
C THR B 70 -27.28 25.81 33.91
N ALA B 71 -27.18 26.13 32.61
CA ALA B 71 -28.20 25.71 31.64
C ALA B 71 -28.31 24.19 31.53
N ASN B 72 -27.18 23.50 31.69
CA ASN B 72 -27.16 22.04 31.60
C ASN B 72 -27.78 21.33 32.79
N LYS B 73 -27.73 21.98 33.96
CA LYS B 73 -28.45 21.50 35.14
C LYS B 73 -29.94 21.63 34.92
N ASN B 74 -30.36 22.79 34.41
CA ASN B 74 -31.77 23.08 34.17
C ASN B 74 -32.35 22.27 33.01
N GLY B 75 -31.66 21.17 32.67
CA GLY B 75 -32.12 20.25 31.64
C GLY B 75 -31.57 20.54 30.25
N GLY B 76 -30.58 21.43 30.18
CA GLY B 76 -29.92 21.73 28.91
C GLY B 76 -28.84 20.70 28.58
N ASN B 77 -28.30 20.80 27.36
CA ASN B 77 -27.22 19.92 26.91
C ASN B 77 -26.34 20.65 25.89
N TYR B 78 -25.74 21.74 26.37
CA TYR B 78 -25.02 22.68 25.52
C TYR B 78 -23.52 22.49 25.56
N ALA B 79 -22.85 22.90 24.48
CA ALA B 79 -21.40 22.84 24.36
C ALA B 79 -20.82 24.24 24.11
N GLY B 80 -19.63 24.50 24.62
CA GLY B 80 -18.99 25.81 24.42
C GLY B 80 -18.18 25.86 23.15
N GLN B 81 -18.12 27.03 22.52
CA GLN B 81 -17.37 27.20 21.27
C GLN B 81 -16.44 28.40 21.35
N PHE B 82 -15.13 28.16 21.16
CA PHE B 82 -14.13 29.22 21.33
C PHE B 82 -13.03 29.14 20.30
N VAL B 83 -12.41 30.30 20.03
CA VAL B 83 -11.28 30.39 19.12
C VAL B 83 -10.05 30.79 19.92
N VAL B 84 -9.00 29.96 19.80
CA VAL B 84 -7.69 30.26 20.36
C VAL B 84 -6.96 31.12 19.33
N TYR B 85 -6.65 32.37 19.68
CA TYR B 85 -6.12 33.30 18.70
C TYR B 85 -5.24 34.36 19.38
N ASP B 86 -4.02 33.97 19.73
CA ASP B 86 -3.13 34.92 20.39
C ASP B 86 -1.64 34.62 20.16
N LEU B 87 -1.31 34.02 19.01
CA LEU B 87 0.09 33.74 18.70
C LEU B 87 0.96 34.98 18.76
N PRO B 88 2.24 34.80 19.16
CA PRO B 88 3.18 35.92 19.06
C PRO B 88 3.47 36.22 17.60
N ASP B 89 3.60 37.51 17.27
CA ASP B 89 3.66 37.99 15.87
C ASP B 89 2.47 37.48 15.06
N ARG B 90 1.31 37.53 15.69
CA ARG B 90 0.03 37.15 15.10
C ARG B 90 -0.23 37.88 13.80
N ASP B 91 -0.90 37.22 12.86
CA ASP B 91 -1.36 37.84 11.61
C ASP B 91 -0.14 38.36 10.83
N CYS B 92 0.83 37.46 10.60
CA CYS B 92 2.15 37.85 10.09
C CYS B 92 2.18 38.53 8.71
N ALA B 93 1.14 38.31 7.90
CA ALA B 93 1.09 38.89 6.54
C ALA B 93 0.69 40.36 6.53
N ALA B 94 0.24 40.86 7.69
CA ALA B 94 -0.11 42.28 7.84
C ALA B 94 1.07 43.09 8.37
N ASN B 98 -2.86 43.74 14.67
CA ASN B 98 -2.10 42.57 15.13
C ASN B 98 -2.40 42.22 16.61
N GLY B 99 -1.43 41.65 17.31
CA GLY B 99 -1.69 41.09 18.64
C GLY B 99 -0.84 41.60 19.79
N GLU B 100 -1.12 41.10 20.99
CA GLU B 100 -0.47 41.61 22.20
C GLU B 100 0.92 41.04 22.45
N TYR B 101 1.22 39.88 21.86
CA TYR B 101 2.51 39.22 22.07
C TYR B 101 3.43 39.28 20.88
N SER B 102 4.71 39.55 21.13
CA SER B 102 5.71 39.58 20.08
C SER B 102 6.85 38.62 20.39
N ILE B 103 7.34 37.95 19.36
CA ILE B 103 8.42 36.96 19.48
C ILE B 103 9.67 37.60 20.09
N ALA B 104 10.03 38.78 19.59
CA ALA B 104 11.21 39.52 20.08
C ALA B 104 11.16 39.85 21.57
N ASP B 105 9.95 39.88 22.14
CA ASP B 105 9.75 40.27 23.53
C ASP B 105 9.09 39.16 24.39
N GLY B 106 9.68 37.97 24.34
CA GLY B 106 9.26 36.85 25.17
C GLY B 106 7.88 36.31 24.83
N GLY B 107 7.50 36.46 23.56
CA GLY B 107 6.16 36.09 23.11
C GLY B 107 5.80 34.62 23.15
N VAL B 108 6.79 33.74 22.94
CA VAL B 108 6.54 32.29 23.01
C VAL B 108 6.20 31.86 24.45
N ALA B 109 7.01 32.32 25.42
CA ALA B 109 6.71 32.10 26.83
C ALA B 109 5.34 32.65 27.23
N LYS B 110 5.02 33.86 26.77
CA LYS B 110 3.72 34.48 27.07
C LYS B 110 2.58 33.68 26.45
N TYR B 111 2.77 33.20 25.22
CA TYR B 111 1.78 32.34 24.58
C TYR B 111 1.54 31.05 25.37
N LYS B 112 2.63 30.45 25.86
CA LYS B 112 2.51 29.24 26.66
C LYS B 112 1.69 29.49 27.94
N ASN B 113 1.90 30.65 28.57
CA ASN B 113 1.07 31.06 29.71
C ASN B 113 -0.40 31.21 29.33
N TYR B 114 -0.65 31.79 28.16
CA TYR B 114 -2.02 31.93 27.63
C TYR B 114 -2.69 30.55 27.45
N ILE B 115 -1.98 29.61 26.84
CA ILE B 115 -2.50 28.24 26.69
C ILE B 115 -2.73 27.56 28.06
N ASP B 116 -1.77 27.72 28.97
CA ASP B 116 -1.91 27.19 30.34
C ASP B 116 -3.20 27.68 30.99
N THR B 117 -3.48 28.97 30.83
CA THR B 117 -4.70 29.59 31.38
C THR B 117 -5.94 28.92 30.79
N ILE B 118 -5.96 28.75 29.46
CA ILE B 118 -7.08 28.07 28.81
C ILE B 118 -7.22 26.63 29.28
N ARG B 119 -6.10 25.91 29.40
CA ARG B 119 -6.12 24.53 29.85
C ARG B 119 -6.79 24.42 31.23
N GLN B 120 -6.41 25.31 32.14
CA GLN B 120 -6.97 25.26 33.50
C GLN B 120 -8.47 25.48 33.52
N ILE B 121 -8.96 26.33 32.62
CA ILE B 121 -10.40 26.57 32.50
C ILE B 121 -11.11 25.30 32.01
N VAL B 122 -10.53 24.66 30.99
CA VAL B 122 -11.10 23.47 30.41
C VAL B 122 -11.09 22.30 31.43
N VAL B 123 -10.05 22.23 32.25
CA VAL B 123 -10.01 21.24 33.33
C VAL B 123 -11.11 21.52 34.38
N GLU B 124 -11.24 22.79 34.78
CA GLU B 124 -12.29 23.25 35.71
C GLU B 124 -13.67 22.90 35.18
N TYR B 125 -13.86 23.03 33.87
CA TYR B 125 -15.13 22.73 33.24
C TYR B 125 -15.06 21.46 32.40
N SER B 126 -14.55 20.40 33.01
CA SER B 126 -14.40 19.11 32.34
C SER B 126 -15.76 18.46 32.05
N ASP B 127 -16.81 18.98 32.68
CA ASP B 127 -18.19 18.51 32.48
C ASP B 127 -18.85 19.10 31.23
N ILE B 128 -18.17 20.04 30.57
CA ILE B 128 -18.73 20.71 29.39
C ILE B 128 -17.90 20.37 28.14
N ARG B 129 -18.57 19.90 27.10
CA ARG B 129 -17.88 19.67 25.84
C ARG B 129 -17.46 21.01 25.27
N THR B 130 -16.22 21.10 24.81
CA THR B 130 -15.65 22.37 24.40
C THR B 130 -15.05 22.24 23.01
N LEU B 131 -15.57 23.04 22.09
CA LEU B 131 -15.19 22.96 20.69
C LEU B 131 -14.29 24.13 20.38
N LEU B 132 -13.08 23.85 19.88
CA LEU B 132 -12.08 24.88 19.69
C LEU B 132 -11.59 24.98 18.25
N VAL B 133 -11.45 26.21 17.76
CA VAL B 133 -10.73 26.49 16.53
C VAL B 133 -9.37 27.02 16.94
N ILE B 134 -8.32 26.45 16.35
CA ILE B 134 -6.94 26.76 16.73
C ILE B 134 -6.25 27.68 15.73
N GLU B 135 -5.98 28.91 16.19
CA GLU B 135 -5.13 29.89 15.52
C GLU B 135 -5.41 30.15 14.03
N PRO B 136 -6.52 30.85 13.74
CA PRO B 136 -6.79 31.27 12.35
C PRO B 136 -5.62 31.98 11.67
N ALA B 137 -5.44 31.71 10.38
N ALA B 137 -5.41 31.65 10.39
CA ALA B 137 -4.41 32.36 9.59
CA ALA B 137 -4.42 32.26 9.48
C ALA B 137 -3.06 32.38 10.30
C ALA B 137 -2.99 31.69 9.57
N SER B 138 -2.63 31.22 10.76
CA SER B 138 -1.24 30.98 11.15
C SER B 138 -0.55 30.01 10.20
N LEU B 139 -1.02 28.77 10.19
CA LEU B 139 -0.43 27.73 9.36
C LEU B 139 -0.56 28.04 7.87
N ALA B 140 -1.70 28.62 7.49
CA ALA B 140 -1.92 28.96 6.08
C ALA B 140 -0.87 29.96 5.58
N ASN B 141 -0.45 30.90 6.44
CA ASN B 141 0.63 31.86 6.13
C ASN B 141 1.97 31.20 5.89
N LEU B 142 2.22 30.10 6.59
CA LEU B 142 3.47 29.35 6.44
C LEU B 142 3.51 28.58 5.13
N VAL B 143 2.34 28.34 4.55
CA VAL B 143 2.28 27.62 3.27
C VAL B 143 2.64 28.56 2.12
N THR B 144 2.05 29.76 2.10
CA THR B 144 2.13 30.63 0.92
C THR B 144 2.88 31.95 1.13
N ASN B 145 3.06 32.37 2.39
CA ASN B 145 3.58 33.72 2.66
C ASN B 145 4.96 33.80 3.30
N LEU B 146 5.79 32.79 3.09
CA LEU B 146 7.16 32.81 3.62
C LEU B 146 8.02 33.92 3.01
N GLY B 147 7.54 34.51 1.92
CA GLY B 147 8.19 35.66 1.28
C GLY B 147 8.01 36.95 2.06
N THR B 148 7.07 36.93 3.01
CA THR B 148 6.87 38.05 3.92
C THR B 148 7.77 37.82 5.13
N PRO B 149 8.74 38.74 5.34
CA PRO B 149 9.76 38.61 6.40
C PRO B 149 9.20 38.30 7.78
N LYS B 150 8.09 38.95 8.15
CA LYS B 150 7.44 38.69 9.44
C LYS B 150 6.96 37.24 9.58
N CYS B 151 6.46 36.66 8.48
CA CYS B 151 6.05 35.25 8.48
C CYS B 151 7.24 34.31 8.53
N ALA B 152 8.26 34.59 7.71
CA ALA B 152 9.50 33.83 7.70
C ALA B 152 10.13 33.77 9.09
N ASN B 153 10.24 34.91 9.75
CA ASN B 153 10.82 34.98 11.10
C ASN B 153 9.93 34.36 12.19
N ALA B 154 8.63 34.21 11.89
CA ALA B 154 7.67 33.66 12.85
C ALA B 154 7.51 32.14 12.76
N GLN B 155 8.06 31.55 11.71
CA GLN B 155 7.82 30.15 11.37
C GLN B 155 8.10 29.17 12.52
N SER B 156 9.26 29.32 13.14
CA SER B 156 9.66 28.46 14.24
C SER B 156 8.75 28.66 15.46
N ALA B 157 8.47 29.93 15.78
CA ALA B 157 7.61 30.27 16.91
C ALA B 157 6.20 29.70 16.75
N TYR B 158 5.61 29.88 15.56
CA TYR B 158 4.28 29.35 15.26
C TYR B 158 4.19 27.84 15.47
N LEU B 159 5.17 27.12 14.96
CA LEU B 159 5.16 25.67 15.04
C LEU B 159 5.31 25.17 16.48
N GLU B 160 6.19 25.83 17.24
CA GLU B 160 6.38 25.51 18.66
C GLU B 160 5.10 25.82 19.44
N CYS B 161 4.52 26.98 19.16
CA CYS B 161 3.32 27.44 19.89
C CYS B 161 2.08 26.60 19.56
N ILE B 162 1.88 26.30 18.28
CA ILE B 162 0.75 25.44 17.91
C ILE B 162 0.89 24.03 18.49
N ASN B 163 2.11 23.50 18.51
CA ASN B 163 2.35 22.22 19.17
C ASN B 163 1.94 22.26 20.65
N TYR B 164 2.31 23.36 21.32
CA TYR B 164 1.98 23.53 22.73
C TYR B 164 0.47 23.60 22.91
N ALA B 165 -0.20 24.37 22.05
CA ALA B 165 -1.65 24.49 22.10
C ALA B 165 -2.36 23.14 21.93
N VAL B 166 -1.99 22.39 20.90
CA VAL B 166 -2.73 21.16 20.60
C VAL B 166 -2.47 20.02 21.59
N THR B 167 -1.30 20.03 22.22
CA THR B 167 -0.99 19.00 23.23
C THR B 167 -1.57 19.36 24.61
N GLN B 168 -1.48 20.64 25.00
CA GLN B 168 -1.96 21.05 26.31
C GLN B 168 -3.49 21.11 26.40
N LEU B 169 -4.15 21.25 25.26
CA LEU B 169 -5.61 21.30 25.23
C LEU B 169 -6.20 19.96 24.75
N ASN B 170 -5.32 18.97 24.68
CA ASN B 170 -5.67 17.61 24.33
C ASN B 170 -6.31 16.95 25.55
N LEU B 171 -7.59 17.27 25.77
CA LEU B 171 -8.35 16.80 26.92
C LEU B 171 -9.62 16.10 26.47
N PRO B 172 -10.20 15.23 27.33
CA PRO B 172 -11.34 14.37 26.97
C PRO B 172 -12.62 15.10 26.55
N ASN B 173 -12.82 16.31 27.06
CA ASN B 173 -14.03 17.08 26.75
C ASN B 173 -13.84 18.02 25.56
N VAL B 174 -12.67 17.97 24.94
CA VAL B 174 -12.29 18.93 23.90
C VAL B 174 -12.31 18.32 22.50
N ALA B 175 -12.78 19.10 21.52
CA ALA B 175 -12.47 18.84 20.12
C ALA B 175 -11.81 20.07 19.54
N MET B 176 -10.66 19.87 18.90
CA MET B 176 -9.95 20.95 18.24
C MET B 176 -9.98 20.79 16.73
N TYR B 177 -10.08 21.92 16.06
CA TYR B 177 -9.97 21.99 14.62
C TYR B 177 -8.94 23.05 14.28
N LEU B 178 -7.87 22.65 13.59
CA LEU B 178 -6.80 23.57 13.21
C LEU B 178 -7.32 24.45 12.10
N ASP B 179 -7.13 25.76 12.21
CA ASP B 179 -7.52 26.61 11.10
C ASP B 179 -6.74 26.25 9.84
N ALA B 180 -7.45 26.20 8.71
CA ALA B 180 -6.88 25.70 7.48
C ALA B 180 -7.22 26.58 6.27
N GLY B 181 -7.30 27.89 6.50
CA GLY B 181 -7.61 28.84 5.44
C GLY B 181 -8.91 28.52 4.72
N HIS B 182 -8.93 28.68 3.41
CA HIS B 182 -10.16 28.49 2.61
C HIS B 182 -9.86 28.12 1.18
N ALA B 183 -10.91 27.86 0.40
CA ALA B 183 -10.78 27.39 -0.98
C ALA B 183 -9.91 28.30 -1.84
N GLY B 184 -10.02 29.62 -1.62
CA GLY B 184 -9.26 30.60 -2.39
C GLY B 184 -7.84 30.79 -1.94
N TRP B 185 -7.45 30.02 -0.94
CA TRP B 185 -6.13 30.14 -0.37
C TRP B 185 -5.41 28.85 -0.58
N LEU B 186 -5.76 27.84 0.20
CA LEU B 186 -5.06 26.56 0.16
C LEU B 186 -5.79 25.55 -0.73
N GLY B 187 -6.96 25.94 -1.24
CA GLY B 187 -7.75 25.09 -2.12
C GLY B 187 -7.21 24.97 -3.53
N TRP B 188 -6.46 25.97 -3.97
CA TRP B 188 -5.79 25.89 -5.27
C TRP B 188 -4.99 24.62 -5.35
N PRO B 189 -5.11 23.87 -6.46
CA PRO B 189 -4.41 22.59 -6.57
C PRO B 189 -2.93 22.64 -6.20
N ALA B 190 -2.22 23.71 -6.58
CA ALA B 190 -0.80 23.86 -6.24
C ALA B 190 -0.51 23.92 -4.72
N ASN B 191 -1.48 24.41 -3.96
CA ASN B 191 -1.29 24.57 -2.50
C ASN B 191 -1.77 23.39 -1.66
N GLN B 192 -2.55 22.50 -2.25
CA GLN B 192 -3.23 21.44 -1.49
C GLN B 192 -2.27 20.49 -0.78
N ASP B 193 -1.34 19.92 -1.54
CA ASP B 193 -0.38 18.99 -0.95
C ASP B 193 0.62 19.64 0.02
N PRO B 194 1.18 20.83 -0.32
CA PRO B 194 2.02 21.52 0.68
C PRO B 194 1.26 21.77 1.99
N ALA B 195 0.01 22.22 1.88
CA ALA B 195 -0.83 22.44 3.06
C ALA B 195 -1.09 21.13 3.82
N ALA B 196 -1.48 20.09 3.10
CA ALA B 196 -1.76 18.79 3.70
C ALA B 196 -0.55 18.24 4.48
N GLN B 197 0.64 18.41 3.91
CA GLN B 197 1.87 17.96 4.55
C GLN B 197 2.11 18.73 5.85
N LEU B 198 1.91 20.04 5.81
CA LEU B 198 2.08 20.88 6.99
C LEU B 198 1.09 20.49 8.10
N PHE B 199 -0.20 20.38 7.77
CA PHE B 199 -1.21 20.01 8.75
C PHE B 199 -0.93 18.62 9.35
N ALA B 200 -0.58 17.68 8.48
CA ALA B 200 -0.28 16.32 8.92
C ALA B 200 0.95 16.27 9.82
N ASN B 201 1.95 17.10 9.51
CA ASN B 201 3.16 17.21 10.35
C ASN B 201 2.85 17.74 11.75
N VAL B 202 1.99 18.75 11.82
CA VAL B 202 1.53 19.26 13.11
C VAL B 202 0.86 18.15 13.94
N TYR B 203 -0.03 17.41 13.30
CA TYR B 203 -0.73 16.29 13.94
C TYR B 203 0.26 15.23 14.43
N LYS B 204 1.19 14.84 13.56
CA LYS B 204 2.20 13.82 13.89
C LYS B 204 3.22 14.30 14.94
N ASN B 205 3.66 15.55 14.82
CA ASN B 205 4.61 16.15 15.75
C ASN B 205 4.03 16.30 17.15
N ALA B 206 2.70 16.32 17.23
CA ALA B 206 1.99 16.41 18.50
C ALA B 206 1.57 15.03 18.98
N SER B 207 2.17 13.99 18.39
CA SER B 207 1.86 12.59 18.72
C SER B 207 0.39 12.19 18.49
N SER B 208 -0.18 12.67 17.38
CA SER B 208 -1.55 12.33 16.98
C SER B 208 -2.60 12.57 18.07
N PRO B 209 -2.79 13.84 18.48
CA PRO B 209 -3.69 14.11 19.60
C PRO B 209 -5.11 13.63 19.34
N ARG B 210 -5.63 12.84 20.27
CA ARG B 210 -7.00 12.34 20.20
C ARG B 210 -8.04 13.44 20.00
N ALA B 211 -7.84 14.57 20.67
CA ALA B 211 -8.79 15.70 20.65
C ALA B 211 -8.67 16.55 19.39
N LEU B 212 -7.60 16.33 18.62
CA LEU B 212 -7.40 17.08 17.38
C LEU B 212 -8.19 16.39 16.26
N ARG B 213 -9.40 16.90 16.03
CA ARG B 213 -10.42 16.23 15.24
C ARG B 213 -10.25 16.49 13.74
N GLY B 214 -9.69 17.65 13.39
CA GLY B 214 -9.47 17.97 11.98
C GLY B 214 -9.19 19.44 11.75
N LEU B 215 -9.78 19.98 10.69
CA LEU B 215 -9.47 21.32 10.23
C LEU B 215 -10.72 22.19 10.17
N ALA B 216 -10.54 23.49 10.39
CA ALA B 216 -11.63 24.45 10.27
C ALA B 216 -11.39 25.27 9.02
N THR B 217 -12.40 25.38 8.17
CA THR B 217 -12.22 26.17 6.94
C THR B 217 -13.11 27.40 6.88
N ASN B 218 -12.69 28.35 6.03
CA ASN B 218 -13.47 29.55 5.73
C ASN B 218 -13.65 30.47 6.94
N VAL B 219 -12.82 30.30 7.97
CA VAL B 219 -12.94 31.13 9.18
C VAL B 219 -12.76 32.62 8.85
N ALA B 220 -13.76 33.42 9.22
CA ALA B 220 -13.81 34.85 8.93
C ALA B 220 -13.79 35.16 7.43
N ASN B 221 -14.04 34.15 6.61
CA ASN B 221 -14.10 34.40 5.16
C ASN B 221 -15.53 34.23 4.64
N TYR B 222 -15.68 34.16 3.31
CA TYR B 222 -17.00 34.35 2.72
C TYR B 222 -17.37 33.31 1.67
N ASN B 223 -16.55 32.28 1.52
CA ASN B 223 -16.79 31.30 0.46
C ASN B 223 -18.09 30.57 0.62
N GLY B 224 -18.69 30.18 -0.51
CA GLY B 224 -19.89 29.36 -0.48
C GLY B 224 -19.49 27.97 -0.03
N TRP B 225 -20.40 27.28 0.64
CA TRP B 225 -20.19 25.88 0.99
C TRP B 225 -20.25 25.00 -0.23
N ASN B 226 -21.37 25.04 -0.94
CA ASN B 226 -21.57 24.11 -2.06
C ASN B 226 -22.19 24.73 -3.28
N ILE B 227 -21.93 26.03 -3.48
CA ILE B 227 -22.46 26.74 -4.64
C ILE B 227 -22.07 26.07 -5.94
N THR B 228 -23.00 26.05 -6.89
CA THR B 228 -22.90 25.22 -8.09
C THR B 228 -22.27 25.92 -9.29
N SER B 229 -22.11 27.24 -9.18
CA SER B 229 -21.42 28.02 -10.22
C SER B 229 -20.20 28.75 -9.65
N PRO B 230 -19.06 28.72 -10.37
CA PRO B 230 -17.91 29.49 -9.91
C PRO B 230 -18.12 31.00 -10.04
N PRO B 231 -17.96 31.74 -8.91
CA PRO B 231 -17.97 33.20 -8.98
C PRO B 231 -16.82 33.73 -9.82
N SER B 232 -17.02 34.88 -10.45
CA SER B 232 -16.02 35.44 -11.36
C SER B 232 -14.62 35.56 -10.74
N TYR B 233 -14.56 35.91 -9.46
CA TYR B 233 -13.30 36.13 -8.76
C TYR B 233 -12.53 34.84 -8.46
N THR B 234 -13.14 33.68 -8.74
CA THR B 234 -12.47 32.40 -8.51
C THR B 234 -11.76 31.89 -9.77
N GLN B 235 -11.84 32.69 -10.84
CA GLN B 235 -11.21 32.38 -12.12
CA GLN B 235 -11.23 32.36 -12.11
C GLN B 235 -9.86 31.68 -11.94
N GLY B 236 -9.73 30.50 -12.55
CA GLY B 236 -8.49 29.75 -12.52
C GLY B 236 -8.44 28.63 -11.51
N ASN B 237 -9.36 28.63 -10.55
CA ASN B 237 -9.38 27.62 -9.49
C ASN B 237 -10.56 26.67 -9.61
N ALA B 238 -10.27 25.39 -9.85
CA ALA B 238 -11.32 24.38 -9.96
C ALA B 238 -11.99 24.14 -8.60
N VAL B 239 -11.27 24.48 -7.53
CA VAL B 239 -11.78 24.35 -6.16
C VAL B 239 -12.31 25.72 -5.73
N TYR B 240 -13.58 25.99 -6.02
CA TYR B 240 -14.13 27.33 -5.83
C TYR B 240 -15.19 27.42 -4.72
N ASN B 241 -15.39 26.34 -3.98
CA ASN B 241 -16.23 26.36 -2.77
C ASN B 241 -15.60 25.48 -1.69
N GLU B 242 -16.15 25.53 -0.49
CA GLU B 242 -15.53 24.83 0.64
C GLU B 242 -15.70 23.32 0.62
N LYS B 243 -16.82 22.86 0.07
CA LYS B 243 -17.02 21.42 -0.12
C LYS B 243 -15.95 20.79 -1.02
N LEU B 244 -15.70 21.44 -2.17
CA LEU B 244 -14.63 20.99 -3.06
C LEU B 244 -13.29 21.01 -2.35
N TYR B 245 -13.06 22.03 -1.52
CA TYR B 245 -11.81 22.16 -0.78
C TYR B 245 -11.59 21.00 0.20
N ILE B 246 -12.55 20.76 1.09
CA ILE B 246 -12.33 19.71 2.10
C ILE B 246 -12.22 18.32 1.46
N HIS B 247 -12.95 18.09 0.37
CA HIS B 247 -12.90 16.80 -0.32
C HIS B 247 -11.61 16.61 -1.10
N ALA B 248 -10.93 17.70 -1.40
CA ALA B 248 -9.63 17.64 -2.05
C ALA B 248 -8.54 17.38 -1.02
N ILE B 249 -8.55 18.11 0.09
CA ILE B 249 -7.44 18.06 1.04
C ILE B 249 -7.53 16.88 2.01
N GLY B 250 -8.76 16.44 2.29
CA GLY B 250 -9.02 15.28 3.17
C GLY B 250 -8.16 14.07 2.85
N PRO B 251 -8.22 13.59 1.59
CA PRO B 251 -7.39 12.45 1.17
C PRO B 251 -5.89 12.68 1.27
N LEU B 252 -5.46 13.93 1.05
CA LEU B 252 -4.04 14.27 1.12
C LEU B 252 -3.53 14.25 2.56
N LEU B 253 -4.40 14.62 3.50
CA LEU B 253 -4.08 14.48 4.93
C LEU B 253 -3.78 13.02 5.25
N ALA B 254 -4.66 12.12 4.82
CA ALA B 254 -4.49 10.68 5.03
C ALA B 254 -3.20 10.15 4.39
N ASN B 255 -2.89 10.61 3.17
CA ASN B 255 -1.63 10.25 2.49
C ASN B 255 -0.39 10.61 3.29
N HIS B 256 -0.50 11.63 4.13
CA HIS B 256 0.64 12.10 4.90
C HIS B 256 0.56 11.77 6.37
N GLY B 257 -0.31 10.81 6.70
CA GLY B 257 -0.34 10.22 8.03
C GLY B 257 -1.32 10.83 9.02
N TRP B 258 -2.28 11.61 8.52
CA TRP B 258 -3.40 12.06 9.34
C TRP B 258 -4.67 11.47 8.80
N SER B 259 -4.98 10.26 9.25
CA SER B 259 -6.24 9.60 8.91
C SER B 259 -7.41 10.07 9.78
N ASN B 260 -8.61 9.91 9.25
CA ASN B 260 -9.86 10.25 9.93
C ASN B 260 -9.97 11.72 10.37
N ALA B 261 -9.37 12.61 9.60
CA ALA B 261 -9.56 14.05 9.81
C ALA B 261 -10.94 14.46 9.33
N PHE B 262 -11.65 15.26 10.14
CA PHE B 262 -12.93 15.78 9.73
C PHE B 262 -12.87 17.30 9.67
N PHE B 263 -13.97 17.95 9.30
CA PHE B 263 -13.93 19.39 9.02
C PHE B 263 -15.10 20.14 9.62
N ILE B 264 -14.87 21.41 9.94
CA ILE B 264 -15.95 22.36 10.13
C ILE B 264 -15.73 23.53 9.20
N THR B 265 -16.82 24.15 8.76
CA THR B 265 -16.75 25.29 7.85
CA THR B 265 -16.76 25.27 7.84
C THR B 265 -17.61 26.45 8.33
N ASP B 266 -16.99 27.62 8.42
CA ASP B 266 -17.65 28.88 8.74
C ASP B 266 -18.57 29.27 7.58
N GLN B 267 -19.84 29.49 7.89
CA GLN B 267 -20.80 29.97 6.91
C GLN B 267 -21.49 31.25 7.39
N GLY B 268 -20.94 31.83 8.46
CA GLY B 268 -21.52 33.01 9.10
C GLY B 268 -21.70 34.24 8.20
N ARG B 269 -20.88 34.37 7.17
CA ARG B 269 -20.99 35.51 6.26
C ARG B 269 -21.01 35.05 4.80
N SER B 270 -21.58 33.87 4.59
CA SER B 270 -21.55 33.19 3.29
C SER B 270 -22.89 33.12 2.57
N GLY B 271 -23.91 33.78 3.10
CA GLY B 271 -25.29 33.61 2.62
C GLY B 271 -25.56 34.12 1.21
N LYS B 272 -24.85 35.17 0.81
CA LYS B 272 -25.03 35.76 -0.52
C LYS B 272 -23.85 35.42 -1.44
N GLN B 273 -24.17 34.75 -2.54
CA GLN B 273 -23.18 34.22 -3.46
C GLN B 273 -23.62 34.52 -4.89
N PRO B 274 -22.73 35.14 -5.71
CA PRO B 274 -21.39 35.59 -5.37
C PRO B 274 -21.44 36.75 -4.38
N THR B 275 -20.34 36.97 -3.68
CA THR B 275 -20.21 38.11 -2.78
C THR B 275 -19.88 39.35 -3.61
N GLY B 276 -19.65 40.48 -2.94
CA GLY B 276 -19.22 41.70 -3.59
C GLY B 276 -17.72 41.77 -3.87
N GLN B 277 -17.00 40.68 -3.63
CA GLN B 277 -15.57 40.62 -3.86
C GLN B 277 -15.22 40.88 -5.32
N GLN B 278 -14.29 41.78 -5.54
CA GLN B 278 -13.83 42.04 -6.90
C GLN B 278 -12.58 41.24 -7.21
N GLN B 279 -11.76 41.01 -6.17
CA GLN B 279 -10.67 40.05 -6.21
C GLN B 279 -10.84 39.09 -5.04
N TRP B 280 -10.52 37.82 -5.26
CA TRP B 280 -10.74 36.76 -4.25
C TRP B 280 -10.02 37.01 -2.95
N GLY B 281 -8.85 37.65 -3.03
CA GLY B 281 -8.06 37.95 -1.84
C GLY B 281 -8.51 39.16 -1.05
N ASP B 282 -9.59 39.79 -1.48
CA ASP B 282 -10.17 40.91 -0.72
C ASP B 282 -10.96 40.34 0.44
N TRP B 283 -10.45 40.57 1.65
CA TRP B 283 -10.90 39.86 2.84
C TRP B 283 -11.60 40.73 3.84
N CYS B 284 -11.44 42.04 3.71
CA CYS B 284 -11.80 42.97 4.77
C CYS B 284 -13.18 43.55 4.58
N ASN B 285 -14.08 43.27 5.53
CA ASN B 285 -15.42 43.85 5.56
C ASN B 285 -16.12 43.84 4.20
N VAL B 286 -16.08 42.69 3.54
CA VAL B 286 -16.57 42.55 2.17
C VAL B 286 -18.03 42.96 2.02
N ILE B 287 -18.30 43.82 1.04
CA ILE B 287 -19.66 44.25 0.74
C ILE B 287 -20.46 43.12 0.07
N GLY B 288 -21.78 43.23 0.15
CA GLY B 288 -22.66 42.28 -0.52
C GLY B 288 -22.61 40.88 0.06
N THR B 289 -22.46 40.80 1.38
CA THR B 289 -22.48 39.50 2.05
C THR B 289 -23.69 39.39 2.96
N GLY B 290 -24.09 38.17 3.27
CA GLY B 290 -25.19 37.92 4.19
C GLY B 290 -24.88 36.78 5.15
N PHE B 291 -25.60 36.76 6.28
CA PHE B 291 -25.59 35.59 7.16
C PHE B 291 -25.95 34.36 6.33
N GLY B 292 -25.28 33.25 6.58
CA GLY B 292 -25.44 32.06 5.73
C GLY B 292 -26.06 30.84 6.39
N ILE B 293 -25.68 29.68 5.86
CA ILE B 293 -26.17 28.40 6.39
C ILE B 293 -26.06 28.38 7.90
N ARG B 294 -27.16 28.07 8.58
CA ARG B 294 -27.20 28.05 10.04
C ARG B 294 -26.39 26.90 10.61
N PRO B 295 -25.74 27.11 11.77
CA PRO B 295 -24.96 26.03 12.38
C PRO B 295 -25.78 24.75 12.56
N SER B 296 -25.18 23.62 12.18
CA SER B 296 -25.85 22.31 12.26
C SER B 296 -24.88 21.19 11.99
N ALA B 297 -25.03 20.09 12.73
CA ALA B 297 -24.25 18.87 12.50
C ALA B 297 -24.86 18.01 11.40
N ASN B 298 -26.06 18.35 10.95
CA ASN B 298 -26.69 17.59 9.87
C ASN B 298 -26.27 18.19 8.53
N THR B 299 -25.07 17.82 8.09
CA THR B 299 -24.43 18.50 6.98
C THR B 299 -24.66 17.84 5.63
N GLY B 300 -25.17 16.61 5.64
CA GLY B 300 -25.32 15.83 4.42
C GLY B 300 -24.00 15.63 3.68
N ASP B 301 -22.91 15.57 4.44
CA ASP B 301 -21.57 15.50 3.86
C ASP B 301 -20.68 14.58 4.68
N SER B 302 -19.91 13.75 3.97
CA SER B 302 -19.11 12.72 4.63
C SER B 302 -18.00 13.26 5.52
N LEU B 303 -17.49 14.45 5.20
CA LEU B 303 -16.33 15.00 5.90
C LEU B 303 -16.66 16.17 6.83
N LEU B 304 -17.80 16.80 6.62
CA LEU B 304 -18.14 17.97 7.41
C LEU B 304 -18.88 17.59 8.69
N ASP B 305 -18.21 17.78 9.83
CA ASP B 305 -18.82 17.58 11.15
C ASP B 305 -19.97 18.57 11.40
N SER B 306 -19.78 19.83 11.00
CA SER B 306 -20.79 20.85 11.27
C SER B 306 -20.53 22.07 10.40
N PHE B 307 -21.62 22.70 9.97
CA PHE B 307 -21.59 24.13 9.62
C PHE B 307 -21.48 24.89 10.92
N VAL B 308 -20.65 25.93 10.93
CA VAL B 308 -20.47 26.74 12.14
C VAL B 308 -20.44 28.20 11.76
N TRP B 309 -20.63 29.06 12.75
CA TRP B 309 -20.43 30.48 12.60
C TRP B 309 -19.29 30.87 13.48
N VAL B 310 -18.09 30.98 12.91
CA VAL B 310 -16.89 31.21 13.72
C VAL B 310 -16.67 32.70 13.91
N LYS B 311 -16.54 33.42 12.80
CA LYS B 311 -16.47 34.88 12.86
C LYS B 311 -17.86 35.45 13.13
N PRO B 312 -18.03 36.18 14.24
CA PRO B 312 -19.36 36.70 14.58
C PRO B 312 -19.69 37.89 13.70
N GLY B 313 -20.80 37.78 12.97
CA GLY B 313 -21.15 38.80 11.98
C GLY B 313 -21.52 40.11 12.63
N GLY B 314 -20.87 41.19 12.19
CA GLY B 314 -21.06 42.52 12.78
C GLY B 314 -19.81 42.98 13.50
N GLU B 315 -18.98 42.03 13.91
CA GLU B 315 -17.67 42.38 14.45
C GLU B 315 -16.72 42.68 13.29
N CYS B 316 -16.10 43.86 13.34
CA CYS B 316 -15.29 44.35 12.23
C CYS B 316 -14.06 43.51 11.89
N ASP B 317 -13.64 43.55 10.63
CA ASP B 317 -12.43 42.85 10.16
C ASP B 317 -11.18 43.70 10.23
N GLY B 318 -11.34 45.01 10.35
CA GLY B 318 -10.21 45.93 10.35
C GLY B 318 -10.61 47.32 9.93
N THR B 319 -9.87 48.32 10.39
CA THR B 319 -10.26 49.71 10.16
C THR B 319 -9.99 50.21 8.75
N SER B 320 -10.85 51.13 8.31
CA SER B 320 -10.75 51.78 7.01
C SER B 320 -10.03 53.12 7.17
N ASP B 321 -9.84 53.53 8.41
CA ASP B 321 -9.18 54.79 8.76
C ASP B 321 -7.66 54.74 8.48
N SER B 322 -7.26 55.41 7.41
CA SER B 322 -5.86 55.45 6.95
C SER B 322 -4.91 56.08 7.97
N SER B 323 -5.43 57.00 8.77
CA SER B 323 -4.63 57.68 9.79
C SER B 323 -4.50 56.83 11.07
N ALA B 324 -5.40 55.86 11.24
CA ALA B 324 -5.46 55.05 12.46
C ALA B 324 -4.39 53.96 12.51
N PRO B 325 -4.06 53.47 13.73
CA PRO B 325 -3.12 52.35 13.90
C PRO B 325 -3.66 51.04 13.33
N ARG B 326 -2.75 50.22 12.80
CA ARG B 326 -3.06 48.90 12.22
C ARG B 326 -3.95 48.99 10.97
N PHE B 327 -3.86 50.10 10.26
CA PHE B 327 -4.58 50.28 9.02
C PHE B 327 -3.99 49.37 7.94
N ASP B 328 -4.88 48.68 7.23
CA ASP B 328 -4.50 47.83 6.11
C ASP B 328 -5.25 48.35 4.88
N SER B 329 -4.52 48.54 3.79
CA SER B 329 -5.09 49.12 2.56
C SER B 329 -6.21 48.26 1.96
N HIS B 330 -6.20 46.96 2.30
CA HIS B 330 -7.30 46.07 1.91
C HIS B 330 -8.62 46.48 2.47
N CYS B 331 -8.61 47.19 3.59
CA CYS B 331 -9.84 47.68 4.19
C CYS B 331 -10.32 49.00 3.57
N ALA B 332 -9.54 49.53 2.63
CA ALA B 332 -9.92 50.73 1.86
C ALA B 332 -10.44 50.42 0.45
N LEU B 333 -10.37 49.16 0.05
CA LEU B 333 -10.75 48.74 -1.30
C LEU B 333 -12.22 49.01 -1.63
N PRO B 334 -12.55 49.15 -2.94
CA PRO B 334 -13.92 49.42 -3.37
C PRO B 334 -14.95 48.42 -2.81
N ASP B 335 -14.52 47.19 -2.53
CA ASP B 335 -15.42 46.17 -2.01
C ASP B 335 -15.37 45.96 -0.49
N ALA B 336 -14.69 46.86 0.22
CA ALA B 336 -14.68 46.89 1.67
C ALA B 336 -15.63 47.97 2.17
N LEU B 337 -16.55 47.61 3.08
CA LEU B 337 -17.54 48.56 3.59
C LEU B 337 -16.91 49.65 4.45
N GLN B 338 -17.26 50.90 4.12
CA GLN B 338 -16.70 52.13 4.70
C GLN B 338 -17.77 52.90 5.48
N PRO B 339 -17.40 53.58 6.59
CA PRO B 339 -16.16 53.57 7.35
C PRO B 339 -16.19 52.46 8.39
N ALA B 340 -15.06 51.79 8.57
CA ALA B 340 -14.98 50.63 9.45
C ALA B 340 -14.13 50.94 10.67
N PRO B 341 -14.57 50.47 11.85
CA PRO B 341 -13.81 50.61 13.10
C PRO B 341 -12.69 49.57 13.20
N GLN B 342 -12.00 49.56 14.33
CA GLN B 342 -10.90 48.63 14.57
C GLN B 342 -11.42 47.18 14.53
N ALA B 343 -10.57 46.25 14.09
CA ALA B 343 -10.92 44.83 14.03
C ALA B 343 -11.52 44.35 15.34
N GLY B 344 -12.60 43.58 15.26
CA GLY B 344 -13.25 43.06 16.45
C GLY B 344 -14.34 43.95 17.01
N ALA B 345 -14.24 45.25 16.78
CA ALA B 345 -15.22 46.20 17.28
C ALA B 345 -16.52 46.10 16.47
N TRP B 346 -17.62 46.53 17.08
CA TRP B 346 -18.91 46.46 16.44
C TRP B 346 -19.02 47.40 15.28
N PHE B 347 -19.54 46.86 14.18
CA PHE B 347 -19.66 47.57 12.91
C PHE B 347 -21.14 47.50 12.52
N GLN B 348 -21.93 48.44 13.03
CA GLN B 348 -23.39 48.42 12.87
C GLN B 348 -23.86 48.25 11.44
N ALA B 349 -23.32 49.06 10.54
CA ALA B 349 -23.73 49.01 9.14
C ALA B 349 -23.46 47.63 8.55
N TYR B 350 -22.38 47.00 8.98
CA TYR B 350 -22.03 45.66 8.48
C TYR B 350 -23.02 44.62 8.98
N PHE B 351 -23.40 44.71 10.25
CA PHE B 351 -24.43 43.85 10.80
C PHE B 351 -25.73 44.00 10.02
N VAL B 352 -26.12 45.24 9.73
CA VAL B 352 -27.34 45.51 8.98
C VAL B 352 -27.27 44.90 7.58
N GLN B 353 -26.12 45.04 6.92
CA GLN B 353 -25.89 44.40 5.63
C GLN B 353 -26.07 42.87 5.71
N LEU B 354 -25.40 42.24 6.68
CA LEU B 354 -25.50 40.78 6.84
C LEU B 354 -26.93 40.33 7.08
N LEU B 355 -27.65 41.10 7.89
CA LEU B 355 -29.04 40.78 8.22
C LEU B 355 -29.95 40.95 7.01
N THR B 356 -29.75 42.02 6.25
CA THR B 356 -30.54 42.29 5.04
C THR B 356 -30.31 41.21 3.99
N ASN B 357 -29.07 40.76 3.85
CA ASN B 357 -28.72 39.77 2.83
C ASN B 357 -28.78 38.32 3.33
N ALA B 358 -29.25 38.11 4.55
CA ALA B 358 -29.24 36.77 5.16
C ALA B 358 -29.98 35.72 4.32
N ASN B 359 -29.39 34.54 4.23
CA ASN B 359 -29.96 33.40 3.52
C ASN B 359 -29.45 32.14 4.17
N PRO B 360 -30.29 31.43 4.94
CA PRO B 360 -31.73 31.68 5.16
C PRO B 360 -32.03 33.01 5.84
N SER B 361 -33.13 33.62 5.41
CA SER B 361 -33.55 34.91 5.95
C SER B 361 -33.94 34.83 7.43
N PHE B 362 -33.78 35.95 8.12
CA PHE B 362 -34.31 36.15 9.47
C PHE B 362 -35.56 37.03 9.42
N LEU B 363 -35.72 37.74 8.30
CA LEU B 363 -36.84 38.67 8.13
C LEU B 363 -38.10 37.95 7.66
N THR C 1 33.86 4.00 -9.99
CA THR C 1 32.58 4.55 -10.53
C THR C 1 31.41 4.38 -9.53
N ALA C 2 31.11 5.48 -8.83
CA ALA C 2 30.22 5.53 -7.67
C ALA C 2 28.81 4.96 -7.82
N THR C 3 28.08 5.41 -8.84
CA THR C 3 26.72 4.94 -9.06
C THR C 3 26.69 3.45 -9.40
N TYR C 4 25.53 2.84 -9.26
CA TYR C 4 25.38 1.40 -9.49
C TYR C 4 23.93 1.06 -9.83
N SER C 5 23.75 -0.11 -10.43
CA SER C 5 22.43 -0.70 -10.57
C SER C 5 22.52 -2.17 -10.19
N GLY C 6 21.46 -2.68 -9.58
CA GLY C 6 21.49 -4.06 -9.08
C GLY C 6 22.37 -4.17 -7.84
N ASN C 7 22.99 -5.32 -7.68
CA ASN C 7 23.82 -5.64 -6.51
C ASN C 7 24.99 -4.66 -6.33
N PRO C 8 24.92 -3.79 -5.29
CA PRO C 8 25.96 -2.78 -5.06
C PRO C 8 27.31 -3.35 -4.63
N PHE C 9 27.36 -4.66 -4.36
CA PHE C 9 28.61 -5.35 -4.00
C PHE C 9 29.33 -5.89 -5.23
N VAL C 10 28.70 -5.77 -6.40
CA VAL C 10 29.31 -6.21 -7.65
C VAL C 10 29.92 -5.00 -8.33
N GLY C 11 31.18 -5.13 -8.76
CA GLY C 11 31.85 -4.03 -9.44
C GLY C 11 32.71 -3.16 -8.54
N VAL C 12 32.76 -3.52 -7.26
CA VAL C 12 33.66 -2.89 -6.28
C VAL C 12 34.30 -3.94 -5.39
N THR C 13 35.28 -3.54 -4.61
CA THR C 13 35.88 -4.40 -3.62
C THR C 13 35.72 -3.70 -2.26
N PRO C 14 35.20 -4.43 -1.25
CA PRO C 14 35.04 -3.78 0.04
C PRO C 14 36.40 -3.50 0.67
N TRP C 15 36.52 -2.31 1.24
CA TRP C 15 37.75 -1.84 1.88
C TRP C 15 37.91 -2.48 3.24
N ALA C 16 39.12 -2.99 3.50
CA ALA C 16 39.48 -3.42 4.86
C ALA C 16 40.01 -2.21 5.60
N ASN C 17 39.33 -1.78 6.65
CA ASN C 17 39.61 -0.48 7.27
C ASN C 17 40.78 -0.51 8.26
N ALA C 18 41.36 0.66 8.49
CA ALA C 18 42.57 0.79 9.32
C ALA C 18 42.29 0.56 10.81
N TYR C 19 41.06 0.84 11.23
CA TYR C 19 40.65 0.70 12.62
C TYR C 19 40.72 -0.75 13.09
N TYR C 20 40.02 -1.66 12.41
CA TYR C 20 40.13 -3.08 12.73
C TYR C 20 41.56 -3.60 12.56
N ALA C 21 42.23 -3.16 11.49
CA ALA C 21 43.61 -3.56 11.23
C ALA C 21 44.55 -3.20 12.39
N SER C 22 44.39 -1.99 12.92
CA SER C 22 45.15 -1.52 14.08
C SER C 22 44.86 -2.39 15.31
N GLU C 23 43.60 -2.75 15.52
CA GLU C 23 43.27 -3.61 16.65
C GLU C 23 43.99 -4.95 16.57
N VAL C 24 43.89 -5.61 15.43
CA VAL C 24 44.53 -6.91 15.24
C VAL C 24 46.05 -6.76 15.36
N SER C 25 46.60 -5.77 14.67
CA SER C 25 48.06 -5.64 14.57
C SER C 25 48.72 -5.13 15.84
N SER C 26 48.01 -4.30 16.59
CA SER C 26 48.58 -3.71 17.81
C SER C 26 48.09 -4.32 19.12
N LEU C 27 46.91 -4.94 19.11
CA LEU C 27 46.37 -5.55 20.33
C LEU C 27 46.47 -7.07 20.30
N ALA C 28 46.28 -7.67 19.12
CA ALA C 28 46.27 -9.13 18.99
C ALA C 28 47.64 -9.72 18.65
N ILE C 29 48.24 -9.23 17.56
CA ILE C 29 49.48 -9.84 17.05
C ILE C 29 50.62 -9.89 18.09
N PRO C 30 50.87 -8.78 18.83
CA PRO C 30 51.94 -8.85 19.85
C PRO C 30 51.82 -10.01 20.85
N SER C 31 50.62 -10.58 21.00
CA SER C 31 50.38 -11.67 21.94
C SER C 31 50.51 -13.07 21.36
N LEU C 32 50.66 -13.14 20.04
CA LEU C 32 50.70 -14.44 19.36
C LEU C 32 52.08 -14.75 18.81
N THR C 33 52.32 -16.04 18.59
CA THR C 33 53.59 -16.51 18.02
C THR C 33 53.34 -17.50 16.87
N GLY C 34 54.39 -17.76 16.10
CA GLY C 34 54.37 -18.75 15.01
C GLY C 34 53.17 -18.67 14.10
N ALA C 35 52.54 -19.82 13.87
CA ALA C 35 51.41 -19.94 12.94
C ALA C 35 50.23 -19.00 13.28
N MET C 36 49.92 -18.88 14.56
CA MET C 36 48.83 -18.02 15.03
C MET C 36 49.00 -16.56 14.63
N ALA C 37 50.18 -15.99 14.90
CA ALA C 37 50.46 -14.59 14.62
C ALA C 37 50.37 -14.29 13.12
N THR C 38 50.78 -15.26 12.31
CA THR C 38 50.72 -15.16 10.85
C THR C 38 49.27 -15.28 10.36
N ALA C 39 48.51 -16.21 10.96
CA ALA C 39 47.09 -16.34 10.66
C ALA C 39 46.32 -15.06 11.03
N ALA C 40 46.64 -14.47 12.18
CA ALA C 40 46.03 -13.23 12.62
C ALA C 40 46.27 -12.07 11.64
N ALA C 41 47.48 -12.00 11.08
CA ALA C 41 47.79 -10.95 10.12
C ALA C 41 46.86 -11.02 8.90
N ALA C 42 46.45 -12.24 8.55
CA ALA C 42 45.54 -12.48 7.43
C ALA C 42 44.10 -12.06 7.75
N VAL C 43 43.68 -12.26 9.00
CA VAL C 43 42.33 -11.86 9.45
C VAL C 43 42.11 -10.37 9.20
N ALA C 44 43.13 -9.56 9.49
CA ALA C 44 43.04 -8.12 9.38
C ALA C 44 42.84 -7.63 7.94
N LYS C 45 43.04 -8.52 6.96
CA LYS C 45 42.89 -8.15 5.55
C LYS C 45 41.50 -8.46 5.01
N VAL C 46 40.69 -9.17 5.81
CA VAL C 46 39.30 -9.47 5.44
C VAL C 46 38.47 -8.21 5.73
N PRO C 47 37.74 -7.70 4.71
CA PRO C 47 37.02 -6.45 4.93
C PRO C 47 35.84 -6.64 5.89
N SER C 48 35.71 -5.70 6.82
CA SER C 48 34.61 -5.70 7.79
C SER C 48 34.02 -4.29 7.91
N PHE C 49 32.85 -4.17 8.51
CA PHE C 49 32.18 -2.89 8.60
C PHE C 49 32.76 -2.04 9.73
N MET C 50 32.89 -0.74 9.49
CA MET C 50 33.31 0.19 10.53
C MET C 50 32.09 0.76 11.23
N TRP C 51 32.04 0.62 12.55
CA TRP C 51 30.86 1.09 13.30
C TRP C 51 30.96 2.52 13.73
N LEU C 52 29.96 3.31 13.33
CA LEU C 52 29.86 4.71 13.73
C LEU C 52 29.02 4.77 15.01
N ASP C 53 29.56 4.20 16.08
CA ASP C 53 28.82 3.99 17.33
C ASP C 53 28.81 5.21 18.23
N THR C 54 29.60 6.22 17.87
CA THR C 54 29.54 7.53 18.53
C THR C 54 29.72 8.63 17.49
N LEU C 55 29.34 9.86 17.83
CA LEU C 55 29.57 11.00 16.97
C LEU C 55 31.07 11.23 16.76
N ASP C 56 31.85 11.04 17.82
CA ASP C 56 33.31 11.10 17.79
C ASP C 56 33.93 10.15 16.74
N LYS C 57 33.17 9.15 16.27
CA LYS C 57 33.67 8.21 15.25
C LYS C 57 33.54 8.73 13.83
N THR C 58 32.78 9.80 13.62
CA THR C 58 32.56 10.33 12.28
C THR C 58 33.84 10.90 11.60
N PRO C 59 34.78 11.48 12.38
CA PRO C 59 36.08 11.84 11.76
C PRO C 59 36.82 10.64 11.18
N LEU C 60 36.63 9.46 11.79
CA LEU C 60 37.24 8.22 11.31
C LEU C 60 36.59 7.72 10.03
N MET C 61 35.29 7.97 9.90
CA MET C 61 34.59 7.70 8.64
C MET C 61 35.21 8.52 7.51
N GLU C 62 35.37 9.84 7.73
CA GLU C 62 35.95 10.71 6.72
C GLU C 62 37.41 10.31 6.40
N GLN C 63 38.16 9.93 7.43
CA GLN C 63 39.55 9.48 7.29
C GLN C 63 39.61 8.22 6.42
N THR C 64 38.67 7.31 6.65
CA THR C 64 38.58 6.08 5.87
C THR C 64 38.28 6.38 4.40
N LEU C 65 37.31 7.25 4.16
CA LEU C 65 36.92 7.60 2.81
C LEU C 65 38.06 8.31 2.06
N ALA C 66 38.79 9.14 2.79
CA ALA C 66 40.00 9.79 2.24
C ALA C 66 41.03 8.74 1.82
N ASP C 67 41.27 7.75 2.69
CA ASP C 67 42.12 6.60 2.37
C ASP C 67 41.66 5.87 1.11
N ILE C 68 40.35 5.68 0.97
CA ILE C 68 39.79 4.97 -0.18
C ILE C 68 39.96 5.76 -1.46
N ARG C 69 39.78 7.08 -1.38
CA ARG C 69 39.94 7.96 -2.52
C ARG C 69 41.37 7.86 -3.07
N THR C 70 42.34 7.87 -2.16
CA THR C 70 43.76 7.70 -2.51
C THR C 70 44.00 6.37 -3.21
N ALA C 71 43.46 5.29 -2.62
CA ALA C 71 43.60 3.96 -3.19
C ALA C 71 42.92 3.86 -4.56
N ASN C 72 41.76 4.51 -4.71
CA ASN C 72 41.01 4.45 -5.97
C ASN C 72 41.66 5.24 -7.09
N LYS C 73 42.45 6.25 -6.73
CA LYS C 73 43.26 6.98 -7.70
C LYS C 73 44.33 6.06 -8.31
N ASN C 74 44.79 5.08 -7.53
CA ASN C 74 45.79 4.10 -7.96
C ASN C 74 45.14 2.80 -8.48
N GLY C 75 43.90 2.90 -8.96
CA GLY C 75 43.17 1.78 -9.55
C GLY C 75 42.53 0.82 -8.56
N GLY C 76 42.31 1.30 -7.34
CA GLY C 76 41.84 0.47 -6.23
C GLY C 76 40.45 -0.13 -6.31
N ASN C 77 39.49 0.65 -6.82
CA ASN C 77 38.09 0.21 -6.98
C ASN C 77 37.43 -0.24 -5.66
N TYR C 78 37.74 0.45 -4.58
CA TYR C 78 37.26 0.07 -3.25
C TYR C 78 35.99 0.81 -2.87
N ALA C 79 35.16 0.14 -2.06
CA ALA C 79 33.94 0.72 -1.48
C ALA C 79 34.05 0.78 0.03
N GLY C 80 33.49 1.82 0.63
CA GLY C 80 33.46 1.94 2.10
C GLY C 80 32.31 1.16 2.70
N GLN C 81 32.52 0.64 3.92
CA GLN C 81 31.46 -0.10 4.64
C GLN C 81 31.31 0.44 6.05
N PHE C 82 30.12 0.96 6.38
CA PHE C 82 29.91 1.55 7.70
C PHE C 82 28.59 1.15 8.30
N VAL C 83 28.52 1.16 9.63
CA VAL C 83 27.28 0.86 10.36
C VAL C 83 26.82 2.13 11.07
N VAL C 84 25.60 2.57 10.76
CA VAL C 84 24.99 3.72 11.42
C VAL C 84 24.37 3.16 12.69
N TYR C 85 24.85 3.61 13.85
CA TYR C 85 24.50 2.95 15.12
C TYR C 85 24.58 3.90 16.31
N ASP C 86 23.64 4.84 16.38
CA ASP C 86 23.66 5.80 17.48
C ASP C 86 22.28 6.34 17.82
N LEU C 87 21.25 5.52 17.62
CA LEU C 87 19.88 5.88 18.02
C LEU C 87 19.82 6.30 19.47
N PRO C 88 18.96 7.30 19.77
CA PRO C 88 18.73 7.62 21.16
C PRO C 88 18.05 6.42 21.85
N ASP C 89 18.44 6.15 23.08
CA ASP C 89 17.99 4.95 23.82
C ASP C 89 18.25 3.69 23.00
N ARG C 90 19.48 3.62 22.48
CA ARG C 90 19.99 2.49 21.74
C ARG C 90 19.89 1.19 22.52
N ASP C 91 19.72 0.08 21.81
CA ASP C 91 19.84 -1.25 22.40
C ASP C 91 18.83 -1.37 23.54
N CYS C 92 17.57 -1.09 23.23
CA CYS C 92 16.56 -0.85 24.26
C CYS C 92 16.20 -2.06 25.13
N ALA C 93 16.44 -3.26 24.61
CA ALA C 93 16.08 -4.51 25.29
C ALA C 93 17.27 -5.22 25.89
N ALA C 94 18.41 -4.54 25.93
CA ALA C 94 19.61 -5.08 26.55
C ALA C 94 20.31 -3.99 27.33
N LEU C 95 21.42 -4.33 27.98
CA LEU C 95 22.13 -3.37 28.82
C LEU C 95 23.55 -3.10 28.35
N ALA C 96 24.09 -4.00 27.54
CA ALA C 96 25.54 -3.99 27.26
C ALA C 96 26.00 -2.85 26.36
N SER C 97 25.12 -2.41 25.45
CA SER C 97 25.52 -1.46 24.42
C SER C 97 24.73 -0.16 24.42
N ASN C 98 24.28 0.25 25.60
CA ASN C 98 23.64 1.55 25.76
C ASN C 98 24.55 2.63 25.18
N GLY C 99 23.95 3.61 24.50
CA GLY C 99 24.72 4.65 23.80
C GLY C 99 24.74 6.00 24.49
N GLU C 100 25.27 6.99 23.77
CA GLU C 100 25.49 8.33 24.30
C GLU C 100 24.24 9.20 24.32
N TYR C 101 23.27 8.90 23.47
CA TYR C 101 22.07 9.73 23.38
C TYR C 101 20.86 9.09 24.06
N SER C 102 20.09 9.93 24.76
CA SER C 102 18.84 9.48 25.36
C SER C 102 17.69 10.34 24.89
N ILE C 103 16.53 9.72 24.71
CA ILE C 103 15.36 10.44 24.22
C ILE C 103 14.97 11.57 25.18
N ALA C 104 15.00 11.27 26.48
CA ALA C 104 14.67 12.25 27.52
C ALA C 104 15.57 13.49 27.52
N ASP C 105 16.77 13.38 26.94
CA ASP C 105 17.70 14.50 26.88
C ASP C 105 17.93 14.97 25.44
N GLY C 106 16.84 15.28 24.74
CA GLY C 106 16.89 15.76 23.36
C GLY C 106 17.62 14.84 22.39
N GLY C 107 17.46 13.54 22.59
CA GLY C 107 18.12 12.53 21.75
C GLY C 107 17.74 12.47 20.29
N VAL C 108 16.48 12.73 19.96
CA VAL C 108 16.06 12.76 18.55
C VAL C 108 16.80 13.87 17.79
N ALA C 109 16.82 15.07 18.37
CA ALA C 109 17.55 16.20 17.79
C ALA C 109 19.04 15.89 17.64
N LYS C 110 19.64 15.30 18.66
CA LYS C 110 21.05 14.89 18.58
C LYS C 110 21.29 13.84 17.49
N TYR C 111 20.35 12.91 17.33
CA TYR C 111 20.47 11.91 16.28
C TYR C 111 20.43 12.55 14.89
N LYS C 112 19.55 13.52 14.71
CA LYS C 112 19.44 14.20 13.44
C LYS C 112 20.71 14.97 13.12
N ASN C 113 21.35 15.53 14.14
CA ASN C 113 22.67 16.16 14.00
C ASN C 113 23.71 15.15 13.52
N TYR C 114 23.67 13.96 14.11
CA TYR C 114 24.54 12.83 13.79
C TYR C 114 24.40 12.40 12.33
N ILE C 115 23.15 12.23 11.89
CA ILE C 115 22.88 11.92 10.48
C ILE C 115 23.34 13.06 9.57
N ASP C 116 23.10 14.30 10.00
CA ASP C 116 23.52 15.46 9.21
C ASP C 116 25.03 15.42 8.98
N THR C 117 25.75 15.05 10.04
CA THR C 117 27.21 14.94 9.99
C THR C 117 27.62 13.86 8.97
N ILE C 118 26.95 12.70 9.00
CA ILE C 118 27.22 11.62 8.06
C ILE C 118 26.90 11.98 6.60
N ARG C 119 25.76 12.64 6.36
CA ARG C 119 25.39 13.03 5.00
C ARG C 119 26.43 13.96 4.38
N GLN C 120 26.89 14.93 5.17
CA GLN C 120 27.94 15.86 4.74
C GLN C 120 29.15 15.11 4.19
N ILE C 121 29.56 14.05 4.90
CA ILE C 121 30.71 13.23 4.52
C ILE C 121 30.44 12.44 3.24
N VAL C 122 29.24 11.86 3.13
CA VAL C 122 28.88 11.08 1.94
C VAL C 122 28.77 11.96 0.68
N VAL C 123 28.33 13.20 0.84
CA VAL C 123 28.23 14.14 -0.27
C VAL C 123 29.63 14.58 -0.72
N GLU C 124 30.50 14.85 0.24
CA GLU C 124 31.92 15.14 -0.02
C GLU C 124 32.56 14.02 -0.81
N TYR C 125 32.25 12.79 -0.41
CA TYR C 125 32.84 11.62 -1.02
C TYR C 125 31.87 10.85 -1.92
N SER C 126 31.13 11.62 -2.72
CA SER C 126 30.18 11.04 -3.68
C SER C 126 30.85 10.14 -4.73
N ASP C 127 32.17 10.25 -4.87
CA ASP C 127 32.95 9.40 -5.78
C ASP C 127 33.19 7.98 -5.24
N ILE C 128 32.84 7.75 -3.98
CA ILE C 128 33.07 6.45 -3.38
C ILE C 128 31.74 5.76 -3.07
N ARG C 129 31.61 4.53 -3.56
CA ARG C 129 30.45 3.72 -3.24
C ARG C 129 30.50 3.39 -1.75
N THR C 130 29.38 3.65 -1.08
CA THR C 130 29.32 3.59 0.35
C THR C 130 28.18 2.67 0.76
N LEU C 131 28.53 1.59 1.44
CA LEU C 131 27.58 0.55 1.82
C LEU C 131 27.30 0.67 3.32
N LEU C 132 26.03 0.82 3.66
CA LEU C 132 25.62 1.13 5.03
C LEU C 132 24.68 0.08 5.60
N VAL C 133 24.92 -0.30 6.85
CA VAL C 133 23.94 -1.03 7.62
C VAL C 133 23.29 -0.05 8.59
N ILE C 134 21.97 -0.01 8.60
CA ILE C 134 21.23 0.99 9.40
C ILE C 134 20.71 0.38 10.72
N GLU C 135 21.31 0.83 11.82
CA GLU C 135 20.80 0.65 13.19
C GLU C 135 20.47 -0.80 13.60
N PRO C 136 21.52 -1.61 13.82
CA PRO C 136 21.32 -2.96 14.32
C PRO C 136 20.47 -3.01 15.58
N ALA C 137 19.59 -4.02 15.62
N ALA C 137 19.65 -4.05 15.69
CA ALA C 137 18.72 -4.37 16.77
CA ALA C 137 18.80 -4.27 16.87
C ALA C 137 17.41 -3.59 16.90
C ALA C 137 18.07 -3.01 17.32
N SER C 138 17.41 -2.37 16.37
CA SER C 138 16.39 -1.37 16.66
C SER C 138 15.01 -1.82 16.23
N LEU C 139 14.81 -2.00 14.93
CA LEU C 139 13.50 -2.42 14.40
C LEU C 139 13.09 -3.81 14.90
N ALA C 140 14.06 -4.72 15.04
CA ALA C 140 13.77 -6.05 15.54
C ALA C 140 13.23 -5.99 16.98
N ASN C 141 13.75 -5.05 17.78
CA ASN C 141 13.21 -4.81 19.12
C ASN C 141 11.76 -4.32 19.13
N LEU C 142 11.38 -3.56 18.12
CA LEU C 142 10.01 -3.06 18.03
C LEU C 142 9.04 -4.17 17.66
N VAL C 143 9.54 -5.23 17.03
CA VAL C 143 8.72 -6.39 16.70
C VAL C 143 8.42 -7.27 17.92
N THR C 144 9.42 -7.48 18.77
CA THR C 144 9.32 -8.47 19.87
C THR C 144 9.41 -7.91 21.29
N ASN C 145 9.99 -6.72 21.45
CA ASN C 145 10.31 -6.24 22.79
C ASN C 145 9.58 -4.98 23.27
N LEU C 146 8.39 -4.72 22.76
CA LEU C 146 7.62 -3.56 23.21
C LEU C 146 7.14 -3.70 24.67
N GLY C 147 7.26 -4.92 25.21
CA GLY C 147 7.01 -5.16 26.63
C GLY C 147 8.11 -4.67 27.55
N THR C 148 9.24 -4.26 26.96
CA THR C 148 10.30 -3.59 27.70
C THR C 148 10.02 -2.09 27.60
N PRO C 149 9.78 -1.43 28.76
CA PRO C 149 9.41 -0.02 28.74
C PRO C 149 10.37 0.87 27.96
N LYS C 150 11.67 0.57 28.02
CA LYS C 150 12.65 1.35 27.24
C LYS C 150 12.35 1.29 25.75
N CYS C 151 11.93 0.13 25.25
CA CYS C 151 11.57 -0.02 23.84
C CYS C 151 10.25 0.66 23.51
N ALA C 152 9.24 0.42 24.34
CA ALA C 152 7.94 1.04 24.15
C ALA C 152 8.05 2.57 24.09
N ASN C 153 8.78 3.15 25.03
CA ASN C 153 8.98 4.59 25.10
C ASN C 153 9.78 5.14 23.92
N ALA C 154 10.62 4.28 23.34
CA ALA C 154 11.50 4.68 22.25
C ALA C 154 10.91 4.46 20.86
N GLN C 155 9.77 3.78 20.78
CA GLN C 155 9.19 3.39 19.50
C GLN C 155 9.01 4.58 18.52
N SER C 156 8.41 5.67 19.00
CA SER C 156 8.19 6.84 18.15
C SER C 156 9.50 7.46 17.69
N ALA C 157 10.44 7.57 18.62
CA ALA C 157 11.78 8.09 18.31
C ALA C 157 12.53 7.25 17.29
N TYR C 158 12.50 5.92 17.45
CA TYR C 158 13.18 5.01 16.52
C TYR C 158 12.66 5.21 15.10
N LEU C 159 11.33 5.27 14.96
CA LEU C 159 10.71 5.36 13.65
C LEU C 159 11.01 6.71 12.97
N GLU C 160 10.99 7.79 13.76
CA GLU C 160 11.29 9.12 13.25
C GLU C 160 12.77 9.16 12.84
N CYS C 161 13.61 8.59 13.70
CA CYS C 161 15.05 8.62 13.49
C CYS C 161 15.51 7.80 12.28
N ILE C 162 14.95 6.59 12.14
CA ILE C 162 15.28 5.75 10.98
C ILE C 162 14.77 6.35 9.67
N ASN C 163 13.56 6.91 9.68
CA ASN C 163 13.06 7.66 8.53
C ASN C 163 14.03 8.77 8.13
N TYR C 164 14.52 9.51 9.12
CA TYR C 164 15.46 10.60 8.85
C TYR C 164 16.73 10.06 8.22
N ALA C 165 17.29 9.00 8.80
CA ALA C 165 18.51 8.39 8.30
C ALA C 165 18.38 7.92 6.85
N VAL C 166 17.31 7.17 6.55
CA VAL C 166 17.13 6.57 5.24
C VAL C 166 16.82 7.63 4.15
N THR C 167 16.12 8.69 4.53
CA THR C 167 15.79 9.77 3.59
C THR C 167 17.01 10.65 3.32
N GLN C 168 17.72 11.01 4.38
CA GLN C 168 18.89 11.88 4.26
C GLN C 168 20.10 11.22 3.59
N LEU C 169 20.23 9.90 3.75
CA LEU C 169 21.38 9.19 3.18
C LEU C 169 21.01 8.47 1.87
N ASN C 170 19.82 8.79 1.35
CA ASN C 170 19.37 8.32 0.05
C ASN C 170 20.11 9.06 -1.08
N LEU C 171 21.32 8.60 -1.37
CA LEU C 171 22.20 9.25 -2.35
C LEU C 171 22.72 8.22 -3.36
N PRO C 172 22.99 8.65 -4.61
CA PRO C 172 23.29 7.71 -5.69
C PRO C 172 24.51 6.80 -5.47
N ASN C 173 25.43 7.18 -4.58
CA ASN C 173 26.60 6.34 -4.28
C ASN C 173 26.43 5.43 -3.07
N VAL C 174 25.24 5.50 -2.47
CA VAL C 174 24.94 4.78 -1.22
C VAL C 174 24.08 3.56 -1.51
N ALA C 175 24.36 2.48 -0.81
CA ALA C 175 23.41 1.39 -0.66
C ALA C 175 23.21 1.20 0.82
N MET C 176 21.96 1.22 1.25
CA MET C 176 21.61 0.98 2.66
C MET C 176 20.90 -0.35 2.82
N TYR C 177 21.21 -1.03 3.92
CA TYR C 177 20.48 -2.21 4.36
C TYR C 177 20.03 -2.00 5.79
N LEU C 178 18.72 -2.08 6.00
CA LEU C 178 18.14 -1.96 7.34
C LEU C 178 18.46 -3.20 8.13
N ASP C 179 18.90 -3.04 9.36
CA ASP C 179 19.10 -4.22 10.16
C ASP C 179 17.78 -4.96 10.36
N ALA C 180 17.80 -6.27 10.23
CA ALA C 180 16.57 -7.07 10.29
C ALA C 180 16.65 -8.31 11.19
N GLY C 181 17.39 -8.21 12.29
CA GLY C 181 17.51 -9.34 13.22
C GLY C 181 18.12 -10.58 12.57
N HIS C 182 17.63 -11.75 12.95
CA HIS C 182 18.16 -13.02 12.45
C HIS C 182 17.13 -14.10 12.57
N ALA C 183 17.46 -15.31 12.09
CA ALA C 183 16.53 -16.45 12.07
C ALA C 183 15.93 -16.80 13.44
N GLY C 184 16.74 -16.71 14.49
CA GLY C 184 16.28 -17.03 15.83
C GLY C 184 15.56 -15.91 16.53
N TRP C 185 15.45 -14.77 15.87
CA TRP C 185 14.76 -13.62 16.43
C TRP C 185 13.45 -13.43 15.72
N LEU C 186 13.52 -13.17 14.41
CA LEU C 186 12.31 -12.85 13.63
C LEU C 186 11.91 -13.98 12.68
N GLY C 187 12.62 -15.12 12.76
CA GLY C 187 12.36 -16.26 11.89
C GLY C 187 11.22 -17.12 12.38
N TRP C 188 10.89 -16.98 13.67
CA TRP C 188 9.73 -17.65 14.27
C TRP C 188 8.47 -17.26 13.53
N PRO C 189 7.59 -18.24 13.27
CA PRO C 189 6.43 -17.97 12.40
C PRO C 189 5.60 -16.75 12.80
N ALA C 190 5.34 -16.57 14.10
CA ALA C 190 4.50 -15.47 14.58
C ALA C 190 5.17 -14.11 14.36
N ASN C 191 6.49 -14.11 14.15
CA ASN C 191 7.25 -12.87 14.05
C ASN C 191 7.49 -12.42 12.61
N GLN C 192 7.35 -13.34 11.66
CA GLN C 192 7.72 -13.08 10.27
C GLN C 192 6.90 -11.94 9.65
N ASP C 193 5.59 -12.07 9.69
CA ASP C 193 4.75 -11.05 9.05
C ASP C 193 4.79 -9.67 9.72
N PRO C 194 4.70 -9.63 11.08
CA PRO C 194 4.90 -8.36 11.77
C PRO C 194 6.24 -7.71 11.37
N ALA C 195 7.30 -8.51 11.29
CA ALA C 195 8.61 -7.97 10.88
C ALA C 195 8.56 -7.41 9.47
N ALA C 196 8.08 -8.22 8.52
CA ALA C 196 7.94 -7.80 7.12
C ALA C 196 7.13 -6.52 6.97
N GLN C 197 5.99 -6.46 7.68
CA GLN C 197 5.13 -5.29 7.64
C GLN C 197 5.88 -4.03 8.12
N LEU C 198 6.66 -4.19 9.19
CA LEU C 198 7.42 -3.06 9.73
C LEU C 198 8.53 -2.59 8.78
N PHE C 199 9.32 -3.52 8.25
CA PHE C 199 10.37 -3.17 7.30
C PHE C 199 9.80 -2.49 6.05
N ALA C 200 8.71 -3.04 5.54
CA ALA C 200 8.04 -2.50 4.35
C ALA C 200 7.47 -1.12 4.65
N ASN C 201 6.93 -0.92 5.85
CA ASN C 201 6.39 0.38 6.24
C ASN C 201 7.49 1.46 6.35
N VAL C 202 8.66 1.06 6.84
CA VAL C 202 9.82 1.97 6.87
C VAL C 202 10.20 2.40 5.45
N TYR C 203 10.25 1.43 4.53
CA TYR C 203 10.57 1.67 3.13
C TYR C 203 9.54 2.61 2.49
N LYS C 204 8.25 2.30 2.69
CA LYS C 204 7.17 3.09 2.07
C LYS C 204 7.08 4.50 2.64
N ASN C 205 7.19 4.63 3.96
CA ASN C 205 7.17 5.90 4.65
C ASN C 205 8.30 6.84 4.22
N ALA C 206 9.41 6.26 3.78
CA ALA C 206 10.56 7.03 3.27
C ALA C 206 10.49 7.27 1.76
N SER C 207 9.32 7.02 1.17
CA SER C 207 9.06 7.24 -0.25
C SER C 207 9.87 6.32 -1.16
N SER C 208 9.98 5.05 -0.78
CA SER C 208 10.66 4.03 -1.57
C SER C 208 12.03 4.50 -2.07
N PRO C 209 12.94 4.82 -1.13
CA PRO C 209 14.21 5.42 -1.52
C PRO C 209 15.06 4.46 -2.35
N ARG C 210 15.61 4.98 -3.44
CA ARG C 210 16.38 4.19 -4.38
C ARG C 210 17.57 3.51 -3.70
N ALA C 211 18.20 4.21 -2.76
CA ALA C 211 19.39 3.71 -2.08
C ALA C 211 19.11 2.60 -1.07
N LEU C 212 17.83 2.42 -0.69
CA LEU C 212 17.50 1.40 0.31
C LEU C 212 17.34 0.06 -0.41
N ARG C 213 18.41 -0.72 -0.38
CA ARG C 213 18.54 -1.93 -1.19
C ARG C 213 17.81 -3.13 -0.58
N GLY C 214 17.76 -3.19 0.76
CA GLY C 214 17.14 -4.31 1.42
C GLY C 214 17.45 -4.36 2.90
N LEU C 215 17.70 -5.58 3.39
CA LEU C 215 17.87 -5.83 4.80
C LEU C 215 19.20 -6.52 5.09
N ALA C 216 19.74 -6.27 6.28
CA ALA C 216 20.92 -6.98 6.78
C ALA C 216 20.49 -7.96 7.86
N THR C 217 21.00 -9.18 7.81
CA THR C 217 20.64 -10.16 8.83
C THR C 217 21.85 -10.71 9.56
N ASN C 218 21.60 -11.21 10.77
CA ASN C 218 22.60 -11.90 11.61
C ASN C 218 23.70 -10.96 12.09
N VAL C 219 23.46 -9.65 12.00
CA VAL C 219 24.45 -8.67 12.43
C VAL C 219 24.79 -8.87 13.90
N ALA C 220 26.07 -9.10 14.17
CA ALA C 220 26.58 -9.40 15.51
C ALA C 220 26.01 -10.67 16.13
N ASN C 221 25.41 -11.52 15.30
CA ASN C 221 25.01 -12.83 15.78
C ASN C 221 25.82 -13.94 15.12
N TYR C 222 25.35 -15.18 15.20
CA TYR C 222 26.21 -16.33 14.98
C TYR C 222 25.59 -17.42 14.13
N ASN C 223 24.37 -17.21 13.65
CA ASN C 223 23.66 -18.25 12.92
C ASN C 223 24.39 -18.70 11.67
N GLY C 224 24.26 -19.98 11.34
CA GLY C 224 24.77 -20.47 10.07
C GLY C 224 23.99 -19.84 8.93
N TRP C 225 24.68 -19.62 7.81
CA TRP C 225 24.03 -19.16 6.61
C TRP C 225 23.17 -20.25 6.03
N ASN C 226 23.73 -21.46 5.93
CA ASN C 226 23.07 -22.54 5.21
C ASN C 226 23.33 -23.91 5.81
N ILE C 227 23.51 -23.97 7.12
CA ILE C 227 23.74 -25.25 7.79
C ILE C 227 22.60 -26.22 7.55
N THR C 228 22.95 -27.50 7.40
CA THR C 228 22.05 -28.52 6.86
C THR C 228 21.31 -29.35 7.91
N SER C 229 21.71 -29.23 9.18
CA SER C 229 20.98 -29.85 10.27
C SER C 229 20.68 -28.79 11.32
N PRO C 230 19.46 -28.82 11.91
CA PRO C 230 19.14 -27.83 12.93
C PRO C 230 19.87 -28.09 14.25
N PRO C 231 20.58 -27.07 14.79
CA PRO C 231 21.15 -27.24 16.12
C PRO C 231 20.09 -27.47 17.17
N SER C 232 20.48 -28.12 18.26
CA SER C 232 19.56 -28.42 19.36
C SER C 232 18.81 -27.18 19.88
N TYR C 233 19.51 -26.05 19.92
CA TYR C 233 18.97 -24.82 20.49
C TYR C 233 17.95 -24.12 19.56
N THR C 234 17.88 -24.55 18.31
CA THR C 234 16.87 -24.03 17.36
C THR C 234 15.55 -24.81 17.39
N GLN C 235 15.46 -25.83 18.23
CA GLN C 235 14.29 -26.71 18.30
C GLN C 235 12.99 -25.90 18.38
N GLY C 236 12.01 -26.26 17.56
CA GLY C 236 10.74 -25.54 17.50
C GLY C 236 10.60 -24.62 16.29
N ASN C 237 11.73 -24.19 15.73
CA ASN C 237 11.73 -23.23 14.62
C ASN C 237 12.21 -23.89 13.32
N ALA C 238 11.31 -23.98 12.33
CA ALA C 238 11.65 -24.45 11.00
C ALA C 238 12.69 -23.57 10.31
N VAL C 239 12.71 -22.28 10.66
CA VAL C 239 13.70 -21.33 10.13
C VAL C 239 14.92 -21.34 11.07
N TYR C 240 15.91 -22.16 10.73
CA TYR C 240 17.05 -22.36 11.66
C TYR C 240 18.39 -21.86 11.15
N ASN C 241 18.40 -21.32 9.93
CA ASN C 241 19.56 -20.64 9.37
C ASN C 241 19.14 -19.40 8.60
N GLU C 242 20.11 -18.64 8.11
CA GLU C 242 19.82 -17.33 7.51
C GLU C 242 19.28 -17.41 6.09
N LYS C 243 19.67 -18.44 5.34
CA LYS C 243 19.08 -18.70 4.03
C LYS C 243 17.57 -18.92 4.15
N LEU C 244 17.16 -19.80 5.05
CA LEU C 244 15.75 -20.04 5.31
C LEU C 244 15.06 -18.77 5.79
N TYR C 245 15.77 -17.96 6.56
CA TYR C 245 15.21 -16.71 7.07
C TYR C 245 14.94 -15.70 5.95
N ILE C 246 15.94 -15.39 5.13
CA ILE C 246 15.73 -14.39 4.09
C ILE C 246 14.70 -14.87 3.07
N HIS C 247 14.63 -16.17 2.85
CA HIS C 247 13.68 -16.71 1.89
C HIS C 247 12.28 -16.74 2.42
N ALA C 248 12.12 -16.68 3.74
CA ALA C 248 10.80 -16.51 4.37
C ALA C 248 10.36 -15.05 4.36
N ILE C 249 11.29 -14.13 4.64
CA ILE C 249 10.97 -12.71 4.77
C ILE C 249 10.78 -12.01 3.41
N GLY C 250 11.67 -12.30 2.46
CA GLY C 250 11.65 -11.67 1.14
C GLY C 250 10.27 -11.54 0.48
N PRO C 251 9.57 -12.67 0.26
CA PRO C 251 8.25 -12.61 -0.37
C PRO C 251 7.23 -11.82 0.44
N LEU C 252 7.37 -11.82 1.76
CA LEU C 252 6.52 -11.03 2.64
C LEU C 252 6.74 -9.52 2.46
N LEU C 253 8.00 -9.11 2.21
CA LEU C 253 8.27 -7.71 1.86
C LEU C 253 7.58 -7.30 0.57
N ALA C 254 7.64 -8.17 -0.44
CA ALA C 254 6.99 -7.95 -1.73
C ALA C 254 5.46 -7.86 -1.56
N ASN C 255 4.91 -8.76 -0.76
CA ASN C 255 3.48 -8.70 -0.43
C ASN C 255 3.07 -7.34 0.16
N HIS C 256 3.94 -6.78 1.00
CA HIS C 256 3.67 -5.53 1.70
C HIS C 256 4.14 -4.31 0.95
N GLY C 257 4.53 -4.47 -0.31
CA GLY C 257 4.82 -3.36 -1.20
C GLY C 257 6.26 -2.89 -1.25
N TRP C 258 7.18 -3.72 -0.77
CA TRP C 258 8.61 -3.49 -0.98
C TRP C 258 9.09 -4.51 -1.97
N SER C 259 9.07 -4.15 -3.24
CA SER C 259 9.57 -5.04 -4.27
C SER C 259 11.07 -4.84 -4.46
N ASN C 260 11.75 -5.91 -4.90
CA ASN C 260 13.16 -5.88 -5.21
C ASN C 260 14.03 -5.55 -4.00
N ALA C 261 13.63 -6.10 -2.85
CA ALA C 261 14.45 -6.07 -1.63
C ALA C 261 15.42 -7.23 -1.67
N PHE C 262 16.69 -6.94 -1.39
CA PHE C 262 17.73 -7.96 -1.32
C PHE C 262 18.39 -7.93 0.04
N PHE C 263 19.29 -8.88 0.28
CA PHE C 263 19.81 -9.08 1.62
C PHE C 263 21.32 -9.15 1.66
N ILE C 264 21.86 -8.81 2.83
CA ILE C 264 23.21 -9.21 3.19
C ILE C 264 23.14 -9.93 4.53
N THR C 265 24.06 -10.88 4.75
N THR C 265 24.09 -10.84 4.76
CA THR C 265 24.12 -11.62 6.01
CA THR C 265 24.12 -11.60 5.99
C THR C 265 25.50 -11.62 6.62
C THR C 265 25.51 -11.60 6.61
N ASP C 266 25.57 -11.23 7.89
CA ASP C 266 26.82 -11.25 8.64
C ASP C 266 27.23 -12.71 8.89
N GLN C 267 28.43 -13.08 8.45
CA GLN C 267 28.97 -14.42 8.73
C GLN C 267 30.31 -14.38 9.48
N GLY C 268 30.66 -13.21 10.00
CA GLY C 268 31.92 -13.00 10.71
C GLY C 268 32.18 -13.88 11.92
N ARG C 269 31.12 -14.42 12.54
CA ARG C 269 31.27 -15.28 13.72
C ARG C 269 30.43 -16.56 13.60
N SER C 270 30.25 -17.02 12.36
CA SER C 270 29.35 -18.12 12.05
C SER C 270 30.05 -19.40 11.58
N GLY C 271 31.38 -19.40 11.63
CA GLY C 271 32.19 -20.50 11.06
C GLY C 271 32.12 -21.84 11.75
N LYS C 272 31.78 -21.85 13.04
CA LYS C 272 31.62 -23.10 13.76
C LYS C 272 30.16 -23.35 14.14
N GLN C 273 29.63 -24.47 13.62
CA GLN C 273 28.23 -24.84 13.79
C GLN C 273 28.09 -26.30 14.18
N PRO C 274 27.23 -26.61 15.18
CA PRO C 274 26.53 -25.67 16.06
C PRO C 274 27.50 -24.84 16.91
N THR C 275 27.02 -23.70 17.43
CA THR C 275 27.81 -22.92 18.35
C THR C 275 27.73 -23.54 19.75
N GLY C 276 28.39 -22.91 20.72
CA GLY C 276 28.29 -23.32 22.11
C GLY C 276 27.09 -22.77 22.85
N GLN C 277 26.14 -22.17 22.14
CA GLN C 277 24.92 -21.66 22.78
C GLN C 277 24.13 -22.76 23.50
N GLN C 278 23.80 -22.52 24.77
CA GLN C 278 22.93 -23.42 25.51
C GLN C 278 21.44 -23.09 25.25
N GLN C 279 21.17 -21.81 24.97
CA GLN C 279 19.86 -21.35 24.51
C GLN C 279 20.06 -20.39 23.33
N TRP C 280 19.16 -20.45 22.35
CA TRP C 280 19.30 -19.66 21.12
C TRP C 280 19.38 -18.17 21.37
N GLY C 281 18.70 -17.73 22.42
CA GLY C 281 18.67 -16.30 22.78
C GLY C 281 19.89 -15.80 23.53
N ASP C 282 20.88 -16.68 23.72
CA ASP C 282 22.14 -16.29 24.34
C ASP C 282 23.03 -15.66 23.26
N TRP C 283 23.25 -14.35 23.38
CA TRP C 283 23.87 -13.58 22.30
C TRP C 283 25.22 -13.03 22.66
N CYS C 284 25.56 -13.08 23.94
CA CYS C 284 26.76 -12.37 24.41
C CYS C 284 28.03 -13.24 24.43
N ASN C 285 29.02 -12.84 23.62
CA ASN C 285 30.36 -13.45 23.62
C ASN C 285 30.30 -14.97 23.62
N VAL C 286 29.57 -15.52 22.65
CA VAL C 286 29.22 -16.94 22.65
C VAL C 286 30.45 -17.83 22.48
N ILE C 287 30.62 -18.78 23.38
N ILE C 287 30.60 -18.79 23.38
CA ILE C 287 31.74 -19.70 23.28
CA ILE C 287 31.70 -19.75 23.36
C ILE C 287 31.55 -20.64 22.11
C ILE C 287 31.53 -20.76 22.21
N GLY C 288 32.65 -21.21 21.63
CA GLY C 288 32.59 -22.20 20.54
C GLY C 288 32.17 -21.63 19.20
N THR C 289 32.62 -20.42 18.89
CA THR C 289 32.36 -19.81 17.59
C THR C 289 33.65 -19.59 16.81
N GLY C 290 33.52 -19.37 15.51
CA GLY C 290 34.68 -19.07 14.66
C GLY C 290 34.39 -18.11 13.54
N PHE C 291 35.44 -17.51 12.98
CA PHE C 291 35.31 -16.75 11.74
C PHE C 291 34.66 -17.64 10.68
N GLY C 292 33.74 -17.06 9.92
CA GLY C 292 32.95 -17.84 8.96
C GLY C 292 33.19 -17.47 7.52
N ILE C 293 32.19 -17.75 6.67
CA ILE C 293 32.28 -17.50 5.24
C ILE C 293 32.78 -16.09 4.95
N ARG C 294 33.77 -16.00 4.06
CA ARG C 294 34.42 -14.71 3.75
C ARG C 294 33.51 -13.82 2.92
N PRO C 295 33.60 -12.49 3.11
CA PRO C 295 32.79 -11.55 2.36
C PRO C 295 32.92 -11.77 0.85
N SER C 296 31.78 -11.97 0.19
CA SER C 296 31.72 -12.25 -1.24
C SER C 296 30.30 -12.08 -1.76
N ALA C 297 30.19 -11.54 -2.97
CA ALA C 297 28.90 -11.43 -3.68
C ALA C 297 28.49 -12.75 -4.39
N ASN C 298 29.41 -13.70 -4.47
CA ASN C 298 29.11 -15.00 -5.07
C ASN C 298 28.43 -15.94 -4.08
N THR C 299 27.14 -15.72 -3.91
CA THR C 299 26.37 -16.33 -2.83
C THR C 299 25.57 -17.55 -3.29
N GLY C 300 25.42 -17.71 -4.61
CA GLY C 300 24.61 -18.77 -5.19
C GLY C 300 23.15 -18.70 -4.77
N ASP C 301 22.67 -17.49 -4.49
CA ASP C 301 21.31 -17.29 -3.96
C ASP C 301 20.68 -16.05 -4.57
N SER C 302 19.40 -16.17 -4.92
CA SER C 302 18.65 -15.10 -5.60
C SER C 302 18.51 -13.83 -4.78
N LEU C 303 18.45 -13.99 -3.45
CA LEU C 303 18.11 -12.89 -2.56
C LEU C 303 19.32 -12.31 -1.83
N LEU C 304 20.39 -13.09 -1.71
CA LEU C 304 21.57 -12.62 -0.99
C LEU C 304 22.57 -11.89 -1.89
N ASP C 305 22.69 -10.58 -1.69
CA ASP C 305 23.66 -9.74 -2.39
C ASP C 305 25.10 -10.07 -2.02
N SER C 306 25.34 -10.34 -0.74
CA SER C 306 26.71 -10.60 -0.27
C SER C 306 26.72 -11.26 1.09
N PHE C 307 27.69 -12.14 1.30
CA PHE C 307 28.13 -12.46 2.65
C PHE C 307 28.95 -11.25 3.11
N VAL C 308 28.81 -10.86 4.36
CA VAL C 308 29.56 -9.73 4.90
C VAL C 308 30.07 -10.07 6.29
N TRP C 309 31.06 -9.30 6.74
CA TRP C 309 31.48 -9.32 8.13
C TRP C 309 31.12 -7.96 8.67
N VAL C 310 29.98 -7.90 9.38
CA VAL C 310 29.51 -6.62 9.93
C VAL C 310 30.07 -6.36 11.34
N LYS C 311 29.76 -7.23 12.30
CA LYS C 311 30.39 -7.19 13.62
C LYS C 311 31.85 -7.65 13.50
N PRO C 312 32.82 -6.82 13.93
CA PRO C 312 34.22 -7.20 13.79
C PRO C 312 34.64 -8.18 14.88
N GLY C 313 35.02 -9.39 14.47
CA GLY C 313 35.35 -10.45 15.41
C GLY C 313 36.54 -10.09 16.26
N GLY C 314 36.38 -10.22 17.58
CA GLY C 314 37.39 -9.76 18.53
C GLY C 314 36.89 -8.58 19.36
N GLU C 315 36.01 -7.77 18.77
CA GLU C 315 35.38 -6.66 19.50
C GLU C 315 34.25 -7.18 20.38
N CYS C 316 34.26 -6.82 21.64
CA CYS C 316 33.37 -7.45 22.63
C CYS C 316 31.87 -7.14 22.44
N ASP C 317 31.02 -8.05 22.94
CA ASP C 317 29.57 -7.85 22.93
C ASP C 317 29.08 -7.20 24.21
N GLY C 318 29.88 -7.30 25.27
CA GLY C 318 29.47 -6.77 26.57
C GLY C 318 30.31 -7.30 27.71
N THR C 319 30.35 -6.52 28.79
CA THR C 319 31.22 -6.83 29.91
C THR C 319 30.63 -7.93 30.81
N SER C 320 31.50 -8.72 31.42
CA SER C 320 31.08 -9.72 32.38
C SER C 320 31.39 -9.25 33.81
N ASP C 321 31.88 -8.01 33.93
CA ASP C 321 32.17 -7.39 35.23
C ASP C 321 30.86 -6.93 35.87
N SER C 322 30.45 -7.59 36.95
CA SER C 322 29.14 -7.35 37.54
C SER C 322 28.98 -5.95 38.14
N SER C 323 30.10 -5.31 38.47
CA SER C 323 30.10 -3.97 39.07
C SER C 323 30.27 -2.86 38.03
N ALA C 324 30.55 -3.27 36.79
CA ALA C 324 30.82 -2.32 35.71
C ALA C 324 29.55 -1.69 35.15
N PRO C 325 29.67 -0.50 34.52
CA PRO C 325 28.55 0.07 33.82
C PRO C 325 28.18 -0.86 32.67
N ARG C 326 26.89 -0.88 32.33
CA ARG C 326 26.39 -1.65 31.19
C ARG C 326 26.55 -3.16 31.36
N PHE C 327 26.49 -3.65 32.60
CA PHE C 327 26.52 -5.07 32.83
C PHE C 327 25.18 -5.72 32.49
N ASP C 328 25.23 -6.72 31.61
CA ASP C 328 24.07 -7.48 31.19
C ASP C 328 24.29 -8.93 31.62
N SER C 329 23.31 -9.52 32.31
CA SER C 329 23.44 -10.88 32.82
C SER C 329 23.75 -11.93 31.74
N HIS C 330 23.34 -11.67 30.50
CA HIS C 330 23.66 -12.54 29.36
C HIS C 330 25.15 -12.77 29.21
N CYS C 331 25.95 -11.78 29.59
CA CYS C 331 27.41 -11.84 29.43
C CYS C 331 28.09 -12.58 30.57
N ALA C 332 27.30 -13.04 31.55
CA ALA C 332 27.85 -13.80 32.66
C ALA C 332 27.36 -15.26 32.65
N LEU C 333 26.59 -15.62 31.63
CA LEU C 333 26.07 -16.98 31.47
C LEU C 333 27.19 -17.99 31.21
N PRO C 334 26.93 -19.29 31.53
CA PRO C 334 27.95 -20.34 31.35
C PRO C 334 28.38 -20.57 29.90
N ASP C 335 27.63 -20.04 28.93
CA ASP C 335 28.01 -20.14 27.51
C ASP C 335 28.58 -18.84 26.92
N ALA C 336 28.91 -17.89 27.80
CA ALA C 336 29.56 -16.63 27.43
C ALA C 336 31.01 -16.66 27.87
N LEU C 337 31.91 -16.29 26.97
CA LEU C 337 33.33 -16.28 27.30
C LEU C 337 33.67 -15.12 28.24
N GLN C 338 34.35 -15.46 29.33
CA GLN C 338 34.65 -14.50 30.40
C GLN C 338 36.09 -14.73 30.87
N PRO C 339 36.73 -13.69 31.43
CA PRO C 339 36.24 -12.33 31.67
C PRO C 339 36.19 -11.52 30.38
N ALA C 340 35.19 -10.66 30.24
CA ALA C 340 34.96 -9.89 29.02
C ALA C 340 34.95 -8.41 29.31
N PRO C 341 35.57 -7.60 28.43
CA PRO C 341 35.60 -6.14 28.62
C PRO C 341 34.31 -5.44 28.14
N GLN C 342 34.29 -4.11 28.13
CA GLN C 342 33.11 -3.38 27.65
C GLN C 342 32.76 -3.71 26.20
N ALA C 343 31.48 -3.60 25.85
CA ALA C 343 31.02 -3.72 24.48
C ALA C 343 31.83 -2.82 23.53
N GLY C 344 32.35 -3.43 22.46
CA GLY C 344 33.17 -2.70 21.50
C GLY C 344 34.66 -2.76 21.77
N ALA C 345 35.04 -2.99 23.03
CA ALA C 345 36.46 -3.09 23.40
C ALA C 345 37.09 -4.40 22.94
N TRP C 346 38.40 -4.40 22.76
CA TRP C 346 39.07 -5.59 22.30
C TRP C 346 39.05 -6.70 23.32
N PHE C 347 38.70 -7.90 22.85
CA PHE C 347 38.56 -9.08 23.69
C PHE C 347 39.48 -10.15 23.10
N GLN C 348 40.74 -10.19 23.54
CA GLN C 348 41.76 -11.05 22.93
C GLN C 348 41.42 -12.55 22.92
N ALA C 349 40.97 -13.08 24.06
CA ALA C 349 40.66 -14.51 24.14
C ALA C 349 39.54 -14.86 23.17
N TYR C 350 38.63 -13.91 22.95
CA TYR C 350 37.58 -14.12 21.94
C TYR C 350 38.12 -14.11 20.51
N PHE C 351 38.98 -13.16 20.20
CA PHE C 351 39.65 -13.16 18.91
C PHE C 351 40.38 -14.48 18.64
N VAL C 352 41.14 -14.95 19.63
CA VAL C 352 41.84 -16.23 19.54
C VAL C 352 40.86 -17.39 19.31
N GLN C 353 39.76 -17.39 20.06
CA GLN C 353 38.72 -18.41 19.84
C GLN C 353 38.29 -18.42 18.38
N LEU C 354 37.92 -17.24 17.86
CA LEU C 354 37.44 -17.10 16.48
C LEU C 354 38.47 -17.56 15.45
N LEU C 355 39.73 -17.23 15.70
CA LEU C 355 40.82 -17.60 14.81
C LEU C 355 41.06 -19.11 14.83
N THR C 356 41.12 -19.69 16.02
CA THR C 356 41.26 -21.14 16.21
C THR C 356 40.15 -21.92 15.51
N ASN C 357 38.93 -21.43 15.62
CA ASN C 357 37.75 -22.13 15.10
C ASN C 357 37.30 -21.73 13.71
N ALA C 358 38.09 -20.91 13.01
CA ALA C 358 37.70 -20.38 11.70
C ALA C 358 37.40 -21.46 10.64
N ASN C 359 36.29 -21.29 9.93
CA ASN C 359 35.99 -22.06 8.73
C ASN C 359 35.37 -21.13 7.69
N PRO C 360 36.07 -20.85 6.58
CA PRO C 360 37.39 -21.40 6.18
C PRO C 360 38.54 -21.01 7.11
N SER C 361 39.49 -21.91 7.24
CA SER C 361 40.62 -21.73 8.15
C SER C 361 41.56 -20.58 7.72
N PHE C 362 42.18 -19.94 8.70
CA PHE C 362 43.26 -18.99 8.44
C PHE C 362 44.62 -19.65 8.67
N LEU C 363 44.63 -20.61 9.61
CA LEU C 363 45.77 -21.49 9.86
C LEU C 363 45.84 -22.57 8.77
N THR D 1 1.52 -34.30 -13.59
CA THR D 1 2.65 -33.85 -12.71
C THR D 1 3.84 -33.33 -13.53
N ALA D 2 4.95 -33.06 -12.84
CA ALA D 2 6.10 -32.38 -13.42
C ALA D 2 6.87 -33.19 -14.47
N THR D 3 7.20 -34.44 -14.14
CA THR D 3 7.94 -35.31 -15.06
C THR D 3 7.11 -35.63 -16.30
N TYR D 4 7.81 -35.97 -17.39
CA TYR D 4 7.17 -36.10 -18.69
C TYR D 4 7.89 -37.10 -19.58
N SER D 5 7.17 -37.58 -20.58
CA SER D 5 7.73 -38.38 -21.66
C SER D 5 7.27 -37.79 -22.98
N GLY D 6 8.16 -37.76 -23.96
CA GLY D 6 7.85 -37.15 -25.25
C GLY D 6 7.77 -35.63 -25.15
N ASN D 7 6.80 -35.06 -25.84
CA ASN D 7 6.64 -33.60 -25.92
C ASN D 7 6.22 -33.00 -24.58
N PRO D 8 7.12 -32.21 -23.96
CA PRO D 8 6.89 -31.59 -22.65
C PRO D 8 5.80 -30.51 -22.61
N PHE D 9 5.33 -30.07 -23.77
CA PHE D 9 4.21 -29.13 -23.85
C PHE D 9 2.85 -29.83 -23.81
N VAL D 10 2.86 -31.16 -23.85
CA VAL D 10 1.62 -31.94 -23.77
C VAL D 10 1.35 -32.28 -22.31
N GLY D 11 0.10 -32.11 -21.87
CA GLY D 11 -0.32 -32.46 -20.52
C GLY D 11 -0.08 -31.36 -19.50
N VAL D 12 0.36 -30.19 -19.99
CA VAL D 12 0.52 -29.00 -19.17
C VAL D 12 -0.10 -27.79 -19.87
N THR D 13 -0.29 -26.72 -19.12
CA THR D 13 -0.74 -25.46 -19.69
C THR D 13 0.33 -24.42 -19.39
N PRO D 14 0.94 -23.85 -20.43
CA PRO D 14 1.98 -22.85 -20.21
C PRO D 14 1.41 -21.66 -19.44
N TRP D 15 2.21 -21.13 -18.53
CA TRP D 15 1.79 -20.07 -17.61
C TRP D 15 1.83 -18.72 -18.27
N ALA D 16 0.75 -17.95 -18.13
CA ALA D 16 0.77 -16.54 -18.52
C ALA D 16 1.19 -15.74 -17.30
N ASN D 17 2.38 -15.15 -17.35
CA ASN D 17 2.99 -14.58 -16.14
C ASN D 17 2.49 -13.17 -15.79
N ALA D 18 2.56 -12.84 -14.51
CA ALA D 18 2.07 -11.56 -13.99
C ALA D 18 2.88 -10.34 -14.44
N TYR D 19 4.15 -10.56 -14.79
CA TYR D 19 5.04 -9.48 -15.22
C TYR D 19 4.58 -8.85 -16.54
N TYR D 20 4.41 -9.68 -17.58
CA TYR D 20 3.91 -9.19 -18.85
C TYR D 20 2.49 -8.68 -18.72
N ALA D 21 1.66 -9.38 -17.94
CA ALA D 21 0.29 -8.93 -17.70
C ALA D 21 0.23 -7.55 -17.03
N SER D 22 1.19 -7.28 -16.14
CA SER D 22 1.30 -5.96 -15.53
C SER D 22 1.71 -4.89 -16.54
N GLU D 23 2.61 -5.25 -17.44
CA GLU D 23 3.02 -4.34 -18.50
C GLU D 23 1.83 -3.96 -19.36
N VAL D 24 1.05 -4.95 -19.78
CA VAL D 24 -0.10 -4.70 -20.64
C VAL D 24 -1.17 -3.85 -19.92
N SER D 25 -1.52 -4.27 -18.71
CA SER D 25 -2.62 -3.67 -17.99
C SER D 25 -2.28 -2.29 -17.46
N SER D 26 -1.04 -2.08 -17.05
CA SER D 26 -0.64 -0.81 -16.45
C SER D 26 0.04 0.20 -17.39
N LEU D 27 0.70 -0.31 -18.45
CA LEU D 27 1.39 0.57 -19.39
C LEU D 27 0.66 0.72 -20.72
N ALA D 28 -0.02 -0.33 -21.16
CA ALA D 28 -0.70 -0.30 -22.47
C ALA D 28 -2.17 0.10 -22.37
N ILE D 29 -2.93 -0.64 -21.57
CA ILE D 29 -4.39 -0.44 -21.48
C ILE D 29 -4.83 0.99 -21.15
N PRO D 30 -4.16 1.68 -20.19
CA PRO D 30 -4.61 3.04 -19.88
C PRO D 30 -4.57 4.01 -21.07
N SER D 31 -3.77 3.71 -22.08
CA SER D 31 -3.66 4.53 -23.28
C SER D 31 -4.67 4.17 -24.36
N LEU D 32 -5.39 3.06 -24.15
CA LEU D 32 -6.25 2.48 -25.18
C LEU D 32 -7.71 2.67 -24.82
N THR D 33 -8.58 2.55 -25.82
CA THR D 33 -10.02 2.75 -25.62
C THR D 33 -10.81 1.65 -26.32
N GLY D 34 -12.05 1.45 -25.85
CA GLY D 34 -13.00 0.59 -26.54
C GLY D 34 -12.50 -0.80 -26.88
N ALA D 35 -12.70 -1.20 -28.13
CA ALA D 35 -12.38 -2.54 -28.59
C ALA D 35 -10.89 -2.85 -28.47
N MET D 36 -10.05 -1.85 -28.73
CA MET D 36 -8.60 -2.00 -28.60
C MET D 36 -8.18 -2.33 -27.18
N ALA D 37 -8.79 -1.66 -26.20
CA ALA D 37 -8.48 -1.93 -24.80
C ALA D 37 -8.90 -3.34 -24.39
N THR D 38 -10.04 -3.78 -24.90
CA THR D 38 -10.53 -5.13 -24.61
C THR D 38 -9.65 -6.20 -25.26
N ALA D 39 -9.23 -5.95 -26.50
CA ALA D 39 -8.33 -6.86 -27.21
C ALA D 39 -6.99 -6.98 -26.48
N ALA D 40 -6.48 -5.85 -25.98
CA ALA D 40 -5.20 -5.82 -25.26
C ALA D 40 -5.23 -6.67 -23.98
N ALA D 41 -6.34 -6.61 -23.26
CA ALA D 41 -6.53 -7.41 -22.06
C ALA D 41 -6.40 -8.90 -22.37
N ALA D 42 -6.86 -9.30 -23.55
CA ALA D 42 -6.78 -10.69 -23.99
C ALA D 42 -5.35 -11.11 -24.32
N VAL D 43 -4.53 -10.18 -24.81
CA VAL D 43 -3.13 -10.49 -25.14
C VAL D 43 -2.38 -10.91 -23.87
N ALA D 44 -2.72 -10.28 -22.76
CA ALA D 44 -2.09 -10.57 -21.47
C ALA D 44 -2.32 -12.00 -20.99
N LYS D 45 -3.32 -12.66 -21.56
CA LYS D 45 -3.64 -14.03 -21.20
C LYS D 45 -2.92 -15.08 -22.04
N VAL D 46 -2.20 -14.64 -23.08
CA VAL D 46 -1.43 -15.54 -23.91
C VAL D 46 -0.09 -15.81 -23.23
N PRO D 47 0.23 -17.10 -22.97
CA PRO D 47 1.49 -17.43 -22.31
C PRO D 47 2.71 -17.02 -23.13
N SER D 48 3.63 -16.31 -22.50
CA SER D 48 4.91 -15.95 -23.11
C SER D 48 6.04 -16.35 -22.15
N PHE D 49 7.27 -16.25 -22.63
CA PHE D 49 8.42 -16.60 -21.79
C PHE D 49 8.86 -15.40 -21.00
N MET D 50 9.23 -15.64 -19.74
CA MET D 50 9.81 -14.62 -18.88
C MET D 50 11.32 -14.68 -19.00
N TRP D 51 11.93 -13.55 -19.31
CA TRP D 51 13.37 -13.51 -19.50
C TRP D 51 14.11 -13.30 -18.21
N LEU D 52 15.05 -14.20 -17.92
CA LEU D 52 15.95 -14.03 -16.78
C LEU D 52 17.19 -13.31 -17.27
N ASP D 53 17.01 -12.05 -17.68
CA ASP D 53 18.07 -11.28 -18.34
C ASP D 53 19.04 -10.58 -17.37
N THR D 54 18.76 -10.68 -16.07
CA THR D 54 19.70 -10.27 -15.03
C THR D 54 19.63 -11.27 -13.88
N LEU D 55 20.67 -11.29 -13.04
CA LEU D 55 20.65 -12.11 -11.84
C LEU D 55 19.50 -11.66 -10.95
N ASP D 56 19.21 -10.36 -10.96
CA ASP D 56 18.17 -9.85 -10.10
C ASP D 56 16.75 -10.08 -10.61
N LYS D 57 16.63 -10.75 -11.75
CA LYS D 57 15.36 -11.31 -12.21
C LYS D 57 15.07 -12.66 -11.57
N THR D 58 16.05 -13.27 -10.91
CA THR D 58 15.83 -14.60 -10.31
C THR D 58 14.78 -14.65 -9.20
N PRO D 59 14.69 -13.59 -8.34
CA PRO D 59 13.58 -13.59 -7.38
C PRO D 59 12.21 -13.57 -8.06
N LEU D 60 12.13 -12.92 -9.23
CA LEU D 60 10.91 -12.87 -10.03
C LEU D 60 10.56 -14.26 -10.57
N MET D 61 11.57 -15.03 -10.94
CA MET D 61 11.39 -16.43 -11.34
C MET D 61 10.76 -17.26 -10.22
N GLU D 62 11.30 -17.15 -9.01
CA GLU D 62 10.77 -17.90 -7.86
C GLU D 62 9.35 -17.46 -7.52
N GLN D 63 9.10 -16.16 -7.62
CA GLN D 63 7.78 -15.58 -7.40
C GLN D 63 6.78 -16.16 -8.42
N THR D 64 7.22 -16.26 -9.67
CA THR D 64 6.39 -16.82 -10.74
C THR D 64 6.09 -18.29 -10.48
N LEU D 65 7.10 -19.04 -10.04
CA LEU D 65 6.93 -20.46 -9.72
C LEU D 65 6.01 -20.68 -8.50
N ALA D 66 6.11 -19.77 -7.54
CA ALA D 66 5.20 -19.76 -6.39
C ALA D 66 3.76 -19.54 -6.83
N ASP D 67 3.55 -18.61 -7.77
CA ASP D 67 2.22 -18.39 -8.36
C ASP D 67 1.70 -19.66 -9.02
N ILE D 68 2.60 -20.40 -9.67
CA ILE D 68 2.22 -21.61 -10.38
C ILE D 68 1.83 -22.74 -9.42
N ARG D 69 2.65 -22.95 -8.39
CA ARG D 69 2.34 -23.92 -7.32
C ARG D 69 0.94 -23.69 -6.74
N THR D 70 0.59 -22.42 -6.51
CA THR D 70 -0.74 -22.06 -6.00
C THR D 70 -1.84 -22.37 -7.00
N ALA D 71 -1.62 -22.02 -8.27
CA ALA D 71 -2.58 -22.32 -9.34
C ALA D 71 -2.79 -23.82 -9.48
N ASN D 72 -1.73 -24.59 -9.24
CA ASN D 72 -1.75 -26.05 -9.36
C ASN D 72 -2.36 -26.79 -8.16
N LYS D 73 -2.23 -26.23 -6.97
CA LYS D 73 -2.83 -26.82 -5.77
C LYS D 73 -4.35 -26.73 -5.80
N ASN D 74 -4.87 -25.71 -6.48
CA ASN D 74 -6.30 -25.53 -6.70
C ASN D 74 -6.77 -26.23 -7.97
N GLY D 75 -6.15 -27.38 -8.28
CA GLY D 75 -6.47 -28.15 -9.48
C GLY D 75 -5.84 -27.53 -10.72
N GLY D 76 -4.92 -28.27 -11.34
CA GLY D 76 -4.26 -27.79 -12.56
C GLY D 76 -2.83 -28.26 -12.74
N ASN D 77 -2.36 -28.22 -13.98
CA ASN D 77 -0.98 -28.55 -14.27
C ASN D 77 -0.36 -27.45 -15.14
N TYR D 78 -0.22 -26.27 -14.55
CA TYR D 78 0.44 -25.16 -15.21
C TYR D 78 1.95 -25.37 -15.21
N ALA D 79 2.62 -24.83 -16.23
CA ALA D 79 4.07 -24.97 -16.40
C ALA D 79 4.78 -23.62 -16.56
N GLY D 80 5.98 -23.51 -16.02
CA GLY D 80 6.77 -22.28 -16.08
C GLY D 80 7.55 -22.19 -17.38
N GLN D 81 7.73 -20.97 -17.89
CA GLN D 81 8.45 -20.74 -19.15
C GLN D 81 9.46 -19.61 -18.98
N PHE D 82 10.74 -19.94 -19.07
CA PHE D 82 11.78 -18.95 -18.83
C PHE D 82 12.88 -18.95 -19.88
N VAL D 83 13.47 -17.79 -20.08
CA VAL D 83 14.64 -17.68 -20.94
C VAL D 83 15.86 -17.44 -20.08
N VAL D 84 16.84 -18.34 -20.19
CA VAL D 84 18.14 -18.17 -19.54
C VAL D 84 18.95 -17.31 -20.48
N TYR D 85 19.28 -16.08 -20.05
CA TYR D 85 19.91 -15.11 -20.94
C TYR D 85 20.83 -14.14 -20.18
N ASP D 86 22.02 -14.61 -19.83
CA ASP D 86 22.97 -13.76 -19.10
C ASP D 86 24.42 -14.18 -19.29
N LEU D 87 24.74 -14.71 -20.48
CA LEU D 87 26.11 -15.04 -20.84
C LEU D 87 27.05 -13.85 -20.68
N PRO D 88 28.28 -14.09 -20.22
CA PRO D 88 29.20 -12.96 -20.18
C PRO D 88 29.54 -12.59 -21.62
N ASP D 89 29.82 -11.30 -21.87
CA ASP D 89 29.97 -10.76 -23.23
C ASP D 89 28.79 -11.17 -24.14
N ARG D 90 27.59 -10.95 -23.59
CA ARG D 90 26.31 -11.23 -24.25
C ARG D 90 26.15 -10.43 -25.52
N ASP D 91 25.39 -10.97 -26.48
CA ASP D 91 25.01 -10.20 -27.67
C ASP D 91 26.28 -9.72 -28.37
N CYS D 92 27.18 -10.66 -28.67
CA CYS D 92 28.55 -10.32 -29.06
C CYS D 92 28.70 -9.54 -30.37
N ALA D 93 27.72 -9.67 -31.26
CA ALA D 93 27.76 -8.98 -32.56
C ALA D 93 27.45 -7.48 -32.47
N ALA D 94 26.93 -7.04 -31.32
CA ALA D 94 26.69 -5.62 -31.06
C ALA D 94 27.92 -4.97 -30.42
N ASN D 98 24.37 -5.02 -24.77
CA ASN D 98 25.24 -5.79 -23.89
C ASN D 98 24.73 -5.87 -22.44
N GLY D 99 25.10 -6.94 -21.73
CA GLY D 99 24.58 -7.23 -20.40
C GLY D 99 25.55 -6.99 -19.26
N GLU D 100 25.20 -7.52 -18.09
CA GLU D 100 25.90 -7.19 -16.85
C GLU D 100 27.23 -7.91 -16.63
N TYR D 101 27.44 -9.04 -17.29
CA TYR D 101 28.66 -9.82 -17.10
C TYR D 101 29.62 -9.72 -18.28
N SER D 102 30.92 -9.62 -17.98
CA SER D 102 31.94 -9.57 -19.02
C SER D 102 33.03 -10.59 -18.74
N ILE D 103 33.51 -11.25 -19.79
CA ILE D 103 34.51 -12.31 -19.68
C ILE D 103 35.80 -11.81 -19.01
N ALA D 104 36.19 -10.58 -19.35
CA ALA D 104 37.38 -9.95 -18.77
C ALA D 104 37.28 -9.77 -17.25
N ASP D 105 36.07 -9.48 -16.76
CA ASP D 105 35.84 -9.27 -15.34
C ASP D 105 35.20 -10.48 -14.66
N GLY D 106 35.84 -11.64 -14.81
CA GLY D 106 35.39 -12.88 -14.17
C GLY D 106 33.96 -13.27 -14.50
N GLY D 107 33.59 -13.09 -15.76
CA GLY D 107 32.22 -13.34 -16.23
C GLY D 107 31.76 -14.79 -16.17
N VAL D 108 32.69 -15.71 -16.41
CA VAL D 108 32.36 -17.14 -16.41
C VAL D 108 31.98 -17.61 -15.01
N ALA D 109 32.77 -17.18 -14.03
CA ALA D 109 32.48 -17.47 -12.62
C ALA D 109 31.16 -16.86 -12.20
N LYS D 110 30.89 -15.63 -12.66
CA LYS D 110 29.62 -14.96 -12.37
C LYS D 110 28.46 -15.69 -13.05
N TYR D 111 28.68 -16.19 -14.26
CA TYR D 111 27.62 -16.94 -14.95
C TYR D 111 27.27 -18.24 -14.22
N LYS D 112 28.29 -18.96 -13.76
CA LYS D 112 28.06 -20.21 -13.04
C LYS D 112 27.28 -19.93 -11.75
N ASN D 113 27.59 -18.82 -11.09
CA ASN D 113 26.82 -18.37 -9.93
C ASN D 113 25.34 -18.12 -10.27
N TYR D 114 25.11 -17.49 -11.42
CA TYR D 114 23.77 -17.25 -11.97
C TYR D 114 23.03 -18.58 -12.21
N ILE D 115 23.70 -19.53 -12.86
CA ILE D 115 23.13 -20.87 -13.03
C ILE D 115 22.85 -21.57 -11.70
N ASP D 116 23.80 -21.51 -10.75
CA ASP D 116 23.61 -22.14 -9.45
C ASP D 116 22.33 -21.64 -8.80
N THR D 117 22.12 -20.32 -8.89
CA THR D 117 20.92 -19.68 -8.38
C THR D 117 19.65 -20.25 -9.00
N ILE D 118 19.66 -20.36 -10.33
CA ILE D 118 18.52 -20.90 -11.09
C ILE D 118 18.24 -22.37 -10.75
N ARG D 119 19.29 -23.18 -10.63
CA ARG D 119 19.10 -24.61 -10.31
C ARG D 119 18.42 -24.78 -8.95
N GLN D 120 18.85 -23.97 -7.97
CA GLN D 120 18.26 -24.04 -6.64
C GLN D 120 16.76 -23.78 -6.67
N ILE D 121 16.35 -22.79 -7.48
CA ILE D 121 14.95 -22.48 -7.64
C ILE D 121 14.21 -23.66 -8.28
N VAL D 122 14.80 -24.24 -9.32
CA VAL D 122 14.22 -25.37 -10.04
C VAL D 122 14.07 -26.64 -9.17
N VAL D 123 15.08 -26.89 -8.35
CA VAL D 123 15.05 -28.02 -7.41
C VAL D 123 13.97 -27.81 -6.35
N GLU D 124 13.86 -26.58 -5.86
CA GLU D 124 12.79 -26.18 -4.93
C GLU D 124 11.42 -26.38 -5.56
N TYR D 125 11.31 -26.05 -6.85
CA TYR D 125 10.04 -26.18 -7.56
C TYR D 125 10.02 -27.37 -8.51
N SER D 126 10.55 -28.50 -8.02
CA SER D 126 10.57 -29.76 -8.76
C SER D 126 9.17 -30.26 -9.09
N ASP D 127 8.18 -29.80 -8.32
CA ASP D 127 6.78 -30.13 -8.59
C ASP D 127 6.22 -29.40 -9.83
N ILE D 128 6.99 -28.47 -10.38
CA ILE D 128 6.56 -27.67 -11.53
C ILE D 128 7.38 -28.00 -12.78
N ARG D 129 6.70 -28.37 -13.86
CA ARG D 129 7.39 -28.53 -15.14
C ARG D 129 7.89 -27.16 -15.60
N THR D 130 9.16 -27.12 -15.98
CA THR D 130 9.85 -25.88 -16.27
C THR D 130 10.46 -25.97 -17.66
N LEU D 131 9.98 -25.08 -18.55
CA LEU D 131 10.38 -25.10 -19.96
C LEU D 131 11.31 -23.91 -20.20
N LEU D 132 12.50 -24.21 -20.70
CA LEU D 132 13.57 -23.23 -20.75
C LEU D 132 14.13 -23.07 -22.15
N VAL D 133 14.34 -21.82 -22.56
CA VAL D 133 15.11 -21.48 -23.76
C VAL D 133 16.48 -21.04 -23.28
N ILE D 134 17.52 -21.69 -23.80
CA ILE D 134 18.89 -21.43 -23.34
C ILE D 134 19.62 -20.46 -24.28
N GLU D 135 19.90 -19.27 -23.76
CA GLU D 135 20.83 -18.28 -24.35
C GLU D 135 20.65 -17.89 -25.82
N PRO D 136 19.62 -17.07 -26.11
CA PRO D 136 19.39 -16.56 -27.47
C PRO D 136 20.60 -15.88 -28.10
N ALA D 137 20.73 -16.10 -29.41
N ALA D 137 20.72 -16.01 -29.42
CA ALA D 137 21.77 -15.51 -30.30
CA ALA D 137 21.80 -15.37 -30.18
C ALA D 137 23.19 -16.09 -30.21
C ALA D 137 23.18 -15.46 -29.51
N SER D 138 23.53 -16.66 -29.05
CA SER D 138 24.92 -16.96 -28.66
C SER D 138 25.60 -17.95 -29.62
N LEU D 139 25.09 -19.18 -29.65
CA LEU D 139 25.65 -20.21 -30.54
C LEU D 139 25.56 -19.80 -32.02
N ALA D 140 24.47 -19.15 -32.41
CA ALA D 140 24.30 -18.73 -33.81
C ALA D 140 25.38 -17.72 -34.21
N ASN D 141 25.76 -16.85 -33.28
CA ASN D 141 26.86 -15.91 -33.51
C ASN D 141 28.20 -16.62 -33.75
N LEU D 142 28.41 -17.77 -33.10
CA LEU D 142 29.64 -18.55 -33.30
C LEU D 142 29.73 -19.21 -34.68
N VAL D 143 28.58 -19.34 -35.36
CA VAL D 143 28.55 -19.89 -36.71
C VAL D 143 28.93 -18.86 -37.78
N THR D 144 28.38 -17.65 -37.68
CA THR D 144 28.51 -16.66 -38.77
C THR D 144 29.29 -15.39 -38.42
N ASN D 145 29.51 -15.16 -37.13
CA ASN D 145 30.05 -13.87 -36.67
C ASN D 145 31.43 -13.96 -36.00
N LEU D 146 32.19 -15.01 -36.33
CA LEU D 146 33.55 -15.14 -35.80
C LEU D 146 34.50 -14.06 -36.35
N GLY D 147 34.05 -13.35 -37.38
CA GLY D 147 34.75 -12.18 -37.92
C GLY D 147 34.70 -11.00 -36.97
N THR D 148 33.77 -11.05 -36.02
CA THR D 148 33.65 -10.04 -34.98
C THR D 148 34.52 -10.43 -33.78
N PRO D 149 35.49 -9.55 -33.41
CA PRO D 149 36.41 -9.78 -32.31
C PRO D 149 35.75 -10.24 -31.01
N LYS D 150 34.67 -9.56 -30.63
CA LYS D 150 33.94 -9.89 -29.40
C LYS D 150 33.40 -11.32 -29.41
N CYS D 151 32.90 -11.77 -30.56
CA CYS D 151 32.38 -13.13 -30.69
C CYS D 151 33.52 -14.17 -30.69
N ALA D 152 34.56 -13.89 -31.47
CA ALA D 152 35.75 -14.74 -31.54
C ALA D 152 36.37 -14.98 -30.17
N ASN D 153 36.53 -13.90 -29.40
CA ASN D 153 37.12 -13.98 -28.07
C ASN D 153 36.17 -14.60 -27.05
N ALA D 154 34.88 -14.68 -27.40
CA ALA D 154 33.85 -15.21 -26.50
C ALA D 154 33.58 -16.71 -26.64
N GLN D 155 34.11 -17.33 -27.70
CA GLN D 155 33.79 -18.73 -28.04
C GLN D 155 33.99 -19.77 -26.93
N SER D 156 35.19 -19.83 -26.34
CA SER D 156 35.45 -20.79 -25.26
CA SER D 156 35.47 -20.77 -25.25
C SER D 156 34.53 -20.53 -24.07
N ALA D 157 34.38 -19.26 -23.69
CA ALA D 157 33.49 -18.89 -22.56
C ALA D 157 32.05 -19.30 -22.82
N TYR D 158 31.55 -19.01 -24.02
CA TYR D 158 30.18 -19.37 -24.43
C TYR D 158 29.93 -20.87 -24.25
N LEU D 159 30.85 -21.68 -24.78
CA LEU D 159 30.69 -23.13 -24.76
C LEU D 159 30.80 -23.70 -23.35
N GLU D 160 31.72 -23.15 -22.54
CA GLU D 160 31.87 -23.58 -21.15
C GLU D 160 30.61 -23.27 -20.33
N CYS D 161 30.12 -22.04 -20.48
CA CYS D 161 28.92 -21.56 -19.79
C CYS D 161 27.66 -22.30 -20.21
N ILE D 162 27.50 -22.53 -21.51
CA ILE D 162 26.35 -23.28 -22.01
C ILE D 162 26.38 -24.74 -21.54
N ASN D 163 27.57 -25.34 -21.56
CA ASN D 163 27.77 -26.66 -20.97
C ASN D 163 27.29 -26.69 -19.53
N TYR D 164 27.73 -25.72 -18.75
CA TYR D 164 27.32 -25.60 -17.35
C TYR D 164 25.80 -25.47 -17.21
N ALA D 165 25.20 -24.58 -18.00
CA ALA D 165 23.75 -24.38 -18.00
C ALA D 165 23.00 -25.68 -18.25
N VAL D 166 23.37 -26.36 -19.33
CA VAL D 166 22.68 -27.57 -19.76
C VAL D 166 22.86 -28.78 -18.82
N THR D 167 24.05 -28.91 -18.25
CA THR D 167 24.35 -30.02 -17.34
C THR D 167 23.71 -29.79 -15.97
N GLN D 168 23.74 -28.54 -15.49
CA GLN D 168 23.21 -28.22 -14.17
C GLN D 168 21.68 -28.17 -14.10
N LEU D 169 21.04 -27.81 -15.21
CA LEU D 169 19.58 -27.72 -15.25
C LEU D 169 18.95 -28.98 -15.84
N ASN D 170 19.77 -30.03 -15.97
CA ASN D 170 19.32 -31.33 -16.45
C ASN D 170 18.59 -32.09 -15.34
N LEU D 171 17.35 -31.67 -15.09
CA LEU D 171 16.52 -32.24 -14.03
C LEU D 171 15.22 -32.80 -14.61
N PRO D 172 14.62 -33.79 -13.93
CA PRO D 172 13.46 -34.50 -14.50
C PRO D 172 12.22 -33.63 -14.77
N ASN D 173 12.13 -32.46 -14.13
CA ASN D 173 11.00 -31.56 -14.34
C ASN D 173 11.26 -30.51 -15.42
N VAL D 174 12.45 -30.55 -16.02
CA VAL D 174 12.90 -29.52 -16.96
C VAL D 174 12.91 -30.01 -18.40
N ALA D 175 12.51 -29.14 -19.32
CA ALA D 175 12.80 -29.33 -20.74
C ALA D 175 13.53 -28.10 -21.23
N MET D 176 14.71 -28.29 -21.80
CA MET D 176 15.50 -27.20 -22.35
C MET D 176 15.55 -27.23 -23.87
N TYR D 177 15.55 -26.03 -24.48
CA TYR D 177 15.73 -25.88 -25.92
C TYR D 177 16.81 -24.85 -26.14
N LEU D 178 17.88 -25.23 -26.84
CA LEU D 178 18.96 -24.30 -27.15
C LEU D 178 18.52 -23.33 -28.22
N ASP D 179 18.77 -22.04 -28.02
CA ASP D 179 18.47 -21.10 -29.08
C ASP D 179 19.26 -21.46 -30.33
N ALA D 180 18.62 -21.37 -31.48
CA ALA D 180 19.22 -21.84 -32.72
C ALA D 180 18.96 -20.92 -33.93
N GLY D 181 18.92 -19.60 -33.68
CA GLY D 181 18.71 -18.64 -34.76
C GLY D 181 17.37 -18.84 -35.49
N HIS D 182 17.38 -18.60 -36.80
CA HIS D 182 16.16 -18.67 -37.61
C HIS D 182 16.51 -18.87 -39.06
N ALA D 183 15.49 -18.96 -39.91
CA ALA D 183 15.67 -19.25 -41.35
C ALA D 183 16.59 -18.27 -42.08
N GLY D 184 16.50 -16.99 -41.72
CA GLY D 184 17.29 -15.95 -42.39
C GLY D 184 18.75 -15.88 -41.99
N TRP D 185 19.10 -16.69 -41.00
CA TRP D 185 20.44 -16.72 -40.44
C TRP D 185 21.07 -18.05 -40.76
N LEU D 186 20.68 -19.06 -40.01
CA LEU D 186 21.29 -20.38 -40.10
C LEU D 186 20.56 -21.29 -41.08
N GLY D 187 19.44 -20.80 -41.62
CA GLY D 187 18.65 -21.57 -42.59
C GLY D 187 19.23 -21.62 -44.00
N TRP D 188 20.06 -20.64 -44.33
CA TRP D 188 20.77 -20.66 -45.60
C TRP D 188 21.52 -21.94 -45.73
N PRO D 189 21.37 -22.63 -46.87
CA PRO D 189 22.07 -23.90 -47.11
C PRO D 189 23.55 -23.91 -46.69
N ALA D 190 24.27 -22.81 -46.95
CA ALA D 190 25.69 -22.71 -46.57
C ALA D 190 25.93 -22.84 -45.06
N ASN D 191 24.94 -22.44 -44.26
CA ASN D 191 25.10 -22.39 -42.80
C ASN D 191 24.56 -23.59 -42.03
N GLN D 192 23.77 -24.42 -42.72
CA GLN D 192 23.01 -25.49 -42.08
C GLN D 192 23.90 -26.53 -41.38
N ASP D 193 24.88 -27.09 -42.09
CA ASP D 193 25.71 -28.13 -41.50
C ASP D 193 26.68 -27.63 -40.41
N PRO D 194 27.36 -26.49 -40.65
CA PRO D 194 28.17 -25.91 -39.57
C PRO D 194 27.37 -25.69 -38.29
N ALA D 195 26.13 -25.22 -38.44
CA ALA D 195 25.24 -25.02 -37.29
C ALA D 195 24.90 -26.33 -36.60
N ALA D 196 24.44 -27.33 -37.38
CA ALA D 196 24.10 -28.64 -36.83
C ALA D 196 25.26 -29.29 -36.10
N GLN D 197 26.47 -29.13 -36.65
CA GLN D 197 27.68 -29.64 -36.03
C GLN D 197 27.88 -29.04 -34.65
N LEU D 198 27.75 -27.71 -34.58
CA LEU D 198 27.90 -26.98 -33.33
C LEU D 198 26.86 -27.38 -32.28
N PHE D 199 25.59 -27.39 -32.65
CA PHE D 199 24.51 -27.78 -31.73
C PHE D 199 24.69 -29.22 -31.24
N ALA D 200 25.02 -30.12 -32.18
CA ALA D 200 25.24 -31.52 -31.85
C ALA D 200 26.41 -31.69 -30.88
N ASN D 201 27.47 -30.92 -31.07
CA ASN D 201 28.64 -30.97 -30.19
C ASN D 201 28.32 -30.53 -28.77
N VAL D 202 27.48 -29.50 -28.63
CA VAL D 202 27.03 -29.05 -27.32
C VAL D 202 26.24 -30.16 -26.63
N TYR D 203 25.36 -30.81 -27.37
CA TYR D 203 24.56 -31.91 -26.85
C TYR D 203 25.46 -33.06 -26.35
N LYS D 204 26.40 -33.47 -27.20
CA LYS D 204 27.30 -34.59 -26.90
C LYS D 204 28.22 -34.25 -25.73
N ASN D 205 28.80 -33.05 -25.77
CA ASN D 205 29.71 -32.58 -24.72
C ASN D 205 29.05 -32.53 -23.33
N ALA D 206 27.75 -32.32 -23.31
CA ALA D 206 26.98 -32.32 -22.08
C ALA D 206 26.46 -33.71 -21.71
N SER D 207 27.05 -34.73 -22.35
CA SER D 207 26.70 -36.13 -22.10
C SER D 207 25.23 -36.44 -22.41
N SER D 208 24.76 -35.92 -23.55
CA SER D 208 23.40 -36.21 -24.05
C SER D 208 22.33 -36.05 -22.97
N PRO D 209 22.21 -34.84 -22.39
CA PRO D 209 21.29 -34.64 -21.26
C PRO D 209 19.86 -34.97 -21.63
N ARG D 210 19.21 -35.76 -20.78
CA ARG D 210 17.83 -36.14 -20.97
C ARG D 210 16.90 -34.93 -21.11
N ALA D 211 17.17 -33.87 -20.34
CA ALA D 211 16.31 -32.69 -20.30
C ALA D 211 16.47 -31.79 -21.53
N LEU D 212 17.56 -31.95 -22.26
CA LEU D 212 17.79 -31.14 -23.45
C LEU D 212 17.00 -31.71 -24.62
N ARG D 213 15.85 -31.10 -24.89
CA ARG D 213 14.86 -31.64 -25.81
C ARG D 213 15.18 -31.35 -27.27
N GLY D 214 15.78 -30.19 -27.52
CA GLY D 214 16.15 -29.80 -28.87
C GLY D 214 16.47 -28.32 -28.98
N LEU D 215 15.88 -27.66 -29.98
CA LEU D 215 16.29 -26.32 -30.36
C LEU D 215 15.12 -25.35 -30.45
N ALA D 216 15.39 -24.08 -30.09
CA ALA D 216 14.40 -23.00 -30.22
C ALA D 216 14.72 -22.13 -31.43
N THR D 217 13.74 -21.87 -32.29
CA THR D 217 13.98 -21.02 -33.47
C THR D 217 13.15 -19.75 -33.49
N ASN D 218 13.64 -18.77 -34.24
CA ASN D 218 12.94 -17.51 -34.49
C ASN D 218 12.76 -16.63 -33.25
N VAL D 219 13.52 -16.92 -32.20
CA VAL D 219 13.38 -16.20 -30.93
C VAL D 219 13.65 -14.71 -31.14
N ALA D 220 12.67 -13.88 -30.79
CA ALA D 220 12.73 -12.42 -30.96
C ALA D 220 12.81 -11.97 -32.41
N ASN D 221 12.48 -12.87 -33.33
CA ASN D 221 12.48 -12.53 -34.74
C ASN D 221 11.06 -12.64 -35.32
N TYR D 222 10.94 -12.65 -36.64
CA TYR D 222 9.68 -12.35 -37.30
C TYR D 222 9.28 -13.30 -38.42
N ASN D 223 10.09 -14.35 -38.66
CA ASN D 223 9.82 -15.25 -39.78
C ASN D 223 8.50 -15.98 -39.62
N GLY D 224 7.84 -16.24 -40.75
CA GLY D 224 6.62 -17.03 -40.71
C GLY D 224 6.96 -18.47 -40.41
N TRP D 225 6.02 -19.17 -39.77
CA TRP D 225 6.17 -20.59 -39.52
C TRP D 225 6.04 -21.36 -40.80
N ASN D 226 4.93 -21.15 -41.51
CA ASN D 226 4.57 -21.95 -42.68
C ASN D 226 4.08 -21.15 -43.88
N ILE D 227 4.59 -19.94 -44.05
CA ILE D 227 4.17 -19.10 -45.18
C ILE D 227 4.49 -19.76 -46.53
N THR D 228 3.57 -19.58 -47.48
CA THR D 228 3.59 -20.33 -48.74
C THR D 228 4.28 -19.62 -49.89
N SER D 229 4.40 -18.30 -49.78
CA SER D 229 5.12 -17.52 -50.80
C SER D 229 6.33 -16.86 -50.18
N PRO D 230 7.48 -16.89 -50.89
CA PRO D 230 8.67 -16.26 -50.31
C PRO D 230 8.61 -14.74 -50.36
N PRO D 231 8.79 -14.07 -49.20
CA PRO D 231 8.87 -12.60 -49.20
C PRO D 231 10.09 -12.13 -49.98
N SER D 232 9.98 -10.93 -50.56
CA SER D 232 11.06 -10.36 -51.37
C SER D 232 12.44 -10.40 -50.70
N TYR D 233 12.49 -10.07 -49.41
CA TYR D 233 13.76 -9.98 -48.67
C TYR D 233 14.43 -11.32 -48.42
N THR D 234 13.76 -12.43 -48.77
CA THR D 234 14.34 -13.75 -48.54
C THR D 234 15.04 -14.26 -49.79
N GLN D 235 15.02 -13.44 -50.83
CA GLN D 235 15.55 -13.78 -52.16
C GLN D 235 16.87 -14.54 -52.04
N GLY D 236 16.92 -15.69 -52.73
CA GLY D 236 18.10 -16.55 -52.74
C GLY D 236 18.07 -17.69 -51.76
N ASN D 237 17.16 -17.65 -50.79
CA ASN D 237 17.12 -18.70 -49.77
C ASN D 237 15.93 -19.63 -49.94
N ALA D 238 16.22 -20.90 -50.21
CA ALA D 238 15.16 -21.90 -50.34
C ALA D 238 14.44 -22.07 -49.01
N VAL D 239 15.15 -21.78 -47.93
CA VAL D 239 14.61 -21.92 -46.57
C VAL D 239 14.11 -20.55 -46.11
N TYR D 240 12.85 -20.26 -46.41
CA TYR D 240 12.30 -18.93 -46.18
C TYR D 240 11.20 -18.88 -45.12
N ASN D 241 10.97 -20.01 -44.46
CA ASN D 241 10.13 -20.03 -43.26
C ASN D 241 10.73 -21.00 -42.23
N GLU D 242 10.17 -21.02 -41.03
CA GLU D 242 10.77 -21.79 -39.96
C GLU D 242 10.56 -23.29 -40.09
N LYS D 243 9.45 -23.69 -40.72
CA LYS D 243 9.19 -25.10 -40.96
C LYS D 243 10.25 -25.71 -41.88
N LEU D 244 10.57 -25.00 -42.96
CA LEU D 244 11.64 -25.42 -43.86
C LEU D 244 12.98 -25.49 -43.11
N TYR D 245 13.21 -24.53 -42.22
CA TYR D 245 14.42 -24.50 -41.44
C TYR D 245 14.57 -25.72 -40.53
N ILE D 246 13.58 -26.01 -39.69
CA ILE D 246 13.72 -27.14 -38.76
C ILE D 246 13.83 -28.48 -39.50
N HIS D 247 13.15 -28.60 -40.63
CA HIS D 247 13.21 -29.82 -41.43
C HIS D 247 14.52 -29.97 -42.17
N ALA D 248 15.19 -28.85 -42.42
CA ALA D 248 16.55 -28.89 -42.97
C ALA D 248 17.58 -29.30 -41.90
N ILE D 249 17.51 -28.66 -40.73
CA ILE D 249 18.59 -28.85 -39.75
C ILE D 249 18.45 -30.14 -38.93
N GLY D 250 17.21 -30.57 -38.69
CA GLY D 250 16.90 -31.75 -37.90
C GLY D 250 17.70 -32.99 -38.30
N PRO D 251 17.59 -33.39 -39.59
CA PRO D 251 18.33 -34.54 -40.11
C PRO D 251 19.85 -34.42 -39.98
N LEU D 252 20.37 -33.19 -40.07
CA LEU D 252 21.80 -32.95 -39.92
C LEU D 252 22.24 -33.09 -38.46
N LEU D 253 21.34 -32.76 -37.53
CA LEU D 253 21.58 -33.02 -36.11
C LEU D 253 21.77 -34.53 -35.88
N ALA D 254 20.82 -35.33 -36.39
CA ALA D 254 20.92 -36.79 -36.36
C ALA D 254 22.25 -37.30 -36.96
N ASN D 255 22.69 -36.70 -38.08
CA ASN D 255 23.96 -37.03 -38.73
C ASN D 255 25.17 -36.85 -37.83
N HIS D 256 25.10 -35.87 -36.93
CA HIS D 256 26.23 -35.55 -36.06
C HIS D 256 26.03 -36.00 -34.64
N GLY D 257 25.15 -36.97 -34.43
CA GLY D 257 25.00 -37.62 -33.13
C GLY D 257 23.93 -37.11 -32.19
N TRP D 258 23.14 -36.13 -32.63
CA TRP D 258 21.98 -35.70 -31.86
C TRP D 258 20.72 -36.21 -32.47
N SER D 259 20.30 -37.40 -32.05
CA SER D 259 19.03 -37.96 -32.51
C SER D 259 17.91 -37.55 -31.58
N ASN D 260 16.68 -37.52 -32.12
CA ASN D 260 15.48 -37.21 -31.36
C ASN D 260 15.47 -35.77 -30.84
N ALA D 261 16.05 -34.86 -31.62
CA ALA D 261 15.97 -33.44 -31.35
C ALA D 261 14.64 -32.91 -31.87
N PHE D 262 13.95 -32.13 -31.04
CA PHE D 262 12.70 -31.53 -31.44
C PHE D 262 12.83 -30.02 -31.33
N PHE D 263 11.81 -29.29 -31.78
CA PHE D 263 11.93 -27.84 -31.89
C PHE D 263 10.76 -27.07 -31.30
N ILE D 264 11.04 -25.83 -30.91
CA ILE D 264 10.00 -24.85 -30.67
C ILE D 264 10.31 -23.64 -31.53
N THR D 265 9.27 -22.93 -31.94
CA THR D 265 9.43 -21.74 -32.76
CA THR D 265 9.42 -21.74 -32.77
C THR D 265 8.62 -20.57 -32.23
N ASP D 266 9.30 -19.43 -32.06
CA ASP D 266 8.68 -18.20 -31.64
C ASP D 266 7.81 -17.69 -32.78
N GLN D 267 6.53 -17.46 -32.49
CA GLN D 267 5.64 -16.84 -33.47
C GLN D 267 4.97 -15.58 -32.95
N GLY D 268 5.47 -15.08 -31.82
CA GLY D 268 4.89 -13.91 -31.15
C GLY D 268 4.82 -12.62 -31.96
N ARG D 269 5.65 -12.49 -32.99
CA ARG D 269 5.64 -11.30 -33.84
C ARG D 269 5.66 -11.68 -35.32
N SER D 270 5.05 -12.82 -35.62
CA SER D 270 5.10 -13.40 -36.96
C SER D 270 3.76 -13.36 -37.71
N GLY D 271 2.78 -12.66 -37.15
CA GLY D 271 1.41 -12.71 -37.67
C GLY D 271 1.17 -12.01 -38.99
N LYS D 272 1.98 -11.00 -39.30
CA LYS D 272 1.85 -10.29 -40.57
C LYS D 272 3.02 -10.67 -41.48
N GLN D 273 2.68 -11.22 -42.64
CA GLN D 273 3.67 -11.67 -43.62
C GLN D 273 3.24 -11.25 -45.02
N PRO D 274 4.17 -10.69 -45.81
CA PRO D 274 5.55 -10.38 -45.42
C PRO D 274 5.57 -9.25 -44.39
N THR D 275 6.69 -9.12 -43.68
CA THR D 275 6.86 -8.04 -42.72
C THR D 275 7.27 -6.77 -43.46
N GLY D 276 7.51 -5.70 -42.73
CA GLY D 276 7.99 -4.45 -43.33
C GLY D 276 9.51 -4.39 -43.50
N GLN D 277 10.19 -5.53 -43.35
CA GLN D 277 11.64 -5.58 -43.51
C GLN D 277 12.07 -5.21 -44.94
N GLN D 278 12.95 -4.22 -45.07
CA GLN D 278 13.57 -3.88 -46.36
C GLN D 278 14.68 -4.87 -46.66
N GLN D 279 15.40 -5.25 -45.61
CA GLN D 279 16.41 -6.31 -45.65
C GLN D 279 16.06 -7.35 -44.61
N TRP D 280 16.34 -8.61 -44.91
CA TRP D 280 16.06 -9.71 -43.98
C TRP D 280 16.79 -9.56 -42.68
N GLY D 281 18.00 -9.00 -42.74
CA GLY D 281 18.85 -8.84 -41.55
C GLY D 281 18.42 -7.72 -40.63
N ASP D 282 17.42 -6.94 -41.04
CA ASP D 282 16.85 -5.89 -40.19
C ASP D 282 16.03 -6.56 -39.08
N TRP D 283 16.42 -6.27 -37.85
CA TRP D 283 15.97 -7.04 -36.72
C TRP D 283 15.28 -6.21 -35.67
N CYS D 284 15.53 -4.91 -35.70
CA CYS D 284 15.15 -4.04 -34.61
C CYS D 284 13.80 -3.35 -34.81
N ASN D 285 12.85 -3.65 -33.92
CA ASN D 285 11.54 -2.99 -33.91
C ASN D 285 10.93 -2.88 -35.31
N VAL D 286 10.88 -4.01 -36.02
CA VAL D 286 10.46 -4.05 -37.41
C VAL D 286 9.02 -3.57 -37.61
N ILE D 287 8.84 -2.65 -38.54
CA ILE D 287 7.52 -2.14 -38.88
C ILE D 287 6.74 -3.22 -39.64
N GLY D 288 5.41 -3.23 -39.49
CA GLY D 288 4.55 -4.10 -40.30
C GLY D 288 4.50 -5.52 -39.78
N THR D 289 4.54 -5.66 -38.46
CA THR D 289 4.47 -6.98 -37.83
C THR D 289 3.23 -7.08 -36.96
N GLY D 290 2.84 -8.32 -36.66
CA GLY D 290 1.71 -8.57 -35.78
C GLY D 290 1.91 -9.78 -34.90
N PHE D 291 1.13 -9.87 -33.83
CA PHE D 291 1.05 -11.10 -33.05
C PHE D 291 0.68 -12.25 -33.97
N GLY D 292 1.33 -13.39 -33.80
CA GLY D 292 1.16 -14.52 -34.71
C GLY D 292 0.45 -15.73 -34.11
N ILE D 293 0.74 -16.91 -34.67
CA ILE D 293 0.16 -18.18 -34.23
C ILE D 293 0.27 -18.30 -32.70
N ARG D 294 -0.85 -18.59 -32.05
CA ARG D 294 -0.89 -18.74 -30.59
C ARG D 294 -0.14 -19.99 -30.09
N PRO D 295 0.48 -19.90 -28.90
CA PRO D 295 1.17 -21.05 -28.31
C PRO D 295 0.28 -22.29 -28.24
N SER D 296 0.81 -23.42 -28.70
CA SER D 296 0.05 -24.68 -28.79
C SER D 296 0.98 -25.81 -29.24
N ALA D 297 0.75 -27.00 -28.68
CA ALA D 297 1.51 -28.20 -29.07
C ALA D 297 0.87 -28.92 -30.27
N ASN D 298 -0.32 -28.49 -30.67
CA ASN D 298 -0.96 -29.07 -31.86
C ASN D 298 -0.43 -28.40 -33.12
N THR D 299 0.74 -28.86 -33.56
CA THR D 299 1.47 -28.19 -34.61
C THR D 299 1.32 -28.85 -35.97
N GLY D 300 0.78 -30.07 -35.98
CA GLY D 300 0.66 -30.86 -37.22
C GLY D 300 2.01 -31.12 -37.90
N ASP D 301 3.08 -31.12 -37.13
CA ASP D 301 4.42 -31.27 -37.66
C ASP D 301 5.26 -32.20 -36.79
N SER D 302 5.98 -33.11 -37.43
CA SER D 302 6.76 -34.15 -36.74
C SER D 302 7.86 -33.63 -35.81
N LEU D 303 8.40 -32.45 -36.12
CA LEU D 303 9.57 -31.95 -35.42
C LEU D 303 9.27 -30.82 -34.46
N LEU D 304 8.13 -30.16 -34.63
CA LEU D 304 7.80 -29.00 -33.81
C LEU D 304 6.96 -29.38 -32.60
N ASP D 305 7.58 -29.32 -31.42
CA ASP D 305 6.90 -29.55 -30.14
C ASP D 305 5.81 -28.52 -29.86
N SER D 306 6.07 -27.25 -30.17
CA SER D 306 5.11 -26.20 -29.86
C SER D 306 5.43 -24.90 -30.58
N PHE D 307 4.36 -24.21 -30.96
CA PHE D 307 4.43 -22.78 -31.21
C PHE D 307 4.57 -22.13 -29.85
N VAL D 308 5.46 -21.15 -29.77
CA VAL D 308 5.69 -20.43 -28.52
C VAL D 308 5.78 -18.93 -28.80
N TRP D 309 5.57 -18.14 -27.76
CA TRP D 309 5.82 -16.71 -27.79
C TRP D 309 6.95 -16.48 -26.83
N VAL D 310 8.18 -16.39 -27.36
CA VAL D 310 9.34 -16.23 -26.50
C VAL D 310 9.62 -14.75 -26.23
N LYS D 311 9.85 -13.98 -27.29
CA LYS D 311 9.95 -12.53 -27.16
C LYS D 311 8.56 -11.94 -26.89
N PRO D 312 8.39 -11.22 -25.75
CA PRO D 312 7.08 -10.67 -25.41
C PRO D 312 6.82 -9.42 -26.22
N GLY D 313 5.79 -9.46 -27.07
CA GLY D 313 5.49 -8.35 -27.96
C GLY D 313 5.14 -7.08 -27.20
N GLY D 314 5.81 -5.99 -27.54
CA GLY D 314 5.65 -4.74 -26.80
C GLY D 314 6.93 -4.34 -26.08
N GLU D 315 7.72 -5.33 -25.68
CA GLU D 315 9.02 -5.07 -25.07
C GLU D 315 10.01 -4.76 -26.19
N CYS D 316 10.74 -3.65 -26.04
CA CYS D 316 11.55 -3.10 -27.12
C CYS D 316 12.74 -3.97 -27.50
N ASP D 317 13.18 -3.85 -28.76
CA ASP D 317 14.36 -4.55 -29.26
C ASP D 317 15.65 -3.77 -29.05
N GLY D 318 15.50 -2.46 -28.86
CA GLY D 318 16.67 -1.58 -28.74
C GLY D 318 16.32 -0.13 -28.98
N THR D 319 17.16 0.77 -28.48
CA THR D 319 16.82 2.18 -28.50
C THR D 319 17.14 2.85 -29.82
N SER D 320 16.35 3.85 -30.18
CA SER D 320 16.62 4.63 -31.37
C SER D 320 17.26 5.97 -31.00
N ASP D 321 17.56 6.15 -29.71
CA ASP D 321 18.23 7.34 -29.20
C ASP D 321 19.74 7.28 -29.48
N SER D 322 20.18 8.10 -30.43
CA SER D 322 21.56 8.05 -30.94
C SER D 322 22.65 8.31 -29.89
N SER D 323 22.30 9.02 -28.82
CA SER D 323 23.26 9.37 -27.78
C SER D 323 23.20 8.46 -26.56
N ALA D 324 22.37 7.42 -26.62
CA ALA D 324 22.33 6.39 -25.60
C ALA D 324 23.54 5.45 -25.77
N PRO D 325 24.05 4.88 -24.66
CA PRO D 325 25.26 4.04 -24.73
C PRO D 325 25.16 2.81 -25.64
N ARG D 326 24.01 2.13 -25.63
CA ARG D 326 23.81 0.89 -26.39
C ARG D 326 23.09 1.10 -27.72
N PHE D 327 23.26 2.28 -28.31
CA PHE D 327 22.61 2.59 -29.58
C PHE D 327 23.17 1.78 -30.73
N ASP D 328 22.26 1.18 -31.50
CA ASP D 328 22.61 0.40 -32.68
C ASP D 328 21.88 1.03 -33.87
N SER D 329 22.62 1.39 -34.92
CA SER D 329 22.06 2.10 -36.07
C SER D 329 20.95 1.31 -36.80
N HIS D 330 20.87 0.00 -36.55
CA HIS D 330 19.79 -0.82 -37.07
C HIS D 330 18.45 -0.46 -36.48
N CYS D 331 18.48 0.16 -35.31
CA CYS D 331 17.25 0.65 -34.67
C CYS D 331 16.84 2.05 -35.15
N ALA D 332 17.62 2.65 -36.04
CA ALA D 332 17.25 3.93 -36.65
C ALA D 332 16.96 3.81 -38.14
N LEU D 333 16.91 2.57 -38.64
CA LEU D 333 16.62 2.31 -40.05
C LEU D 333 15.18 2.69 -40.40
N PRO D 334 14.89 2.98 -41.68
CA PRO D 334 13.54 3.37 -42.12
C PRO D 334 12.46 2.32 -41.85
N ASP D 335 12.87 1.06 -41.68
CA ASP D 335 11.92 -0.01 -41.37
C ASP D 335 11.85 -0.35 -39.89
N ALA D 336 12.47 0.49 -39.06
CA ALA D 336 12.43 0.33 -37.60
C ALA D 336 11.47 1.36 -37.02
N LEU D 337 10.59 0.94 -36.10
CA LEU D 337 9.64 1.86 -35.48
C LEU D 337 10.34 2.73 -34.43
N GLN D 338 10.15 4.05 -34.57
CA GLN D 338 10.82 5.05 -33.73
C GLN D 338 9.81 6.13 -33.34
N PRO D 339 10.04 6.82 -32.21
CA PRO D 339 11.13 6.63 -31.25
C PRO D 339 10.97 5.37 -30.41
N ALA D 340 12.10 4.71 -30.13
CA ALA D 340 12.10 3.47 -29.35
C ALA D 340 12.95 3.58 -28.08
N PRO D 341 12.47 3.02 -26.96
CA PRO D 341 13.19 3.04 -25.69
C PRO D 341 14.27 1.95 -25.59
N GLN D 342 14.87 1.78 -24.40
CA GLN D 342 15.93 0.77 -24.23
C GLN D 342 15.38 -0.64 -24.47
N ALA D 343 16.27 -1.55 -24.86
CA ALA D 343 15.90 -2.95 -25.06
C ALA D 343 15.20 -3.52 -23.83
N GLY D 344 14.07 -4.18 -24.05
CA GLY D 344 13.30 -4.77 -22.97
C GLY D 344 12.25 -3.86 -22.34
N ALA D 345 12.42 -2.55 -22.50
CA ALA D 345 11.48 -1.58 -21.93
C ALA D 345 10.23 -1.49 -22.79
N TRP D 346 9.13 -1.08 -22.17
CA TRP D 346 7.85 -1.01 -22.87
C TRP D 346 7.84 -0.01 -23.99
N PHE D 347 7.35 -0.47 -25.14
CA PHE D 347 7.33 0.31 -26.36
C PHE D 347 5.87 0.29 -26.84
N GLN D 348 5.11 1.28 -26.39
CA GLN D 348 3.66 1.29 -26.59
C GLN D 348 3.22 1.27 -28.07
N ALA D 349 3.84 2.09 -28.91
CA ALA D 349 3.47 2.17 -30.32
C ALA D 349 3.70 0.82 -31.00
N TYR D 350 4.72 0.10 -30.54
CA TYR D 350 4.98 -1.24 -31.07
C TYR D 350 3.94 -2.26 -30.64
N PHE D 351 3.54 -2.22 -29.36
CA PHE D 351 2.45 -3.08 -28.89
C PHE D 351 1.19 -2.85 -29.73
N VAL D 352 0.85 -1.59 -29.94
CA VAL D 352 -0.34 -1.24 -30.72
C VAL D 352 -0.24 -1.77 -32.15
N GLN D 353 0.93 -1.64 -32.76
CA GLN D 353 1.16 -2.24 -34.08
C GLN D 353 0.88 -3.76 -34.07
N LEU D 354 1.45 -4.47 -33.10
CA LEU D 354 1.30 -5.93 -33.02
C LEU D 354 -0.15 -6.33 -32.85
N LEU D 355 -0.87 -5.58 -32.03
CA LEU D 355 -2.27 -5.83 -31.76
C LEU D 355 -3.12 -5.56 -33.01
N THR D 356 -2.89 -4.42 -33.66
CA THR D 356 -3.60 -4.04 -34.89
C THR D 356 -3.43 -5.11 -35.97
N ASN D 357 -2.20 -5.59 -36.11
CA ASN D 357 -1.86 -6.55 -37.17
C ASN D 357 -1.93 -8.02 -36.77
N ALA D 358 -2.51 -8.30 -35.61
CA ALA D 358 -2.57 -9.65 -35.07
C ALA D 358 -3.30 -10.63 -35.99
N ASN D 359 -2.72 -11.82 -36.16
CA ASN D 359 -3.33 -12.94 -36.87
C ASN D 359 -2.89 -14.26 -36.24
N PRO D 360 -3.81 -14.97 -35.55
CA PRO D 360 -5.25 -14.68 -35.38
C PRO D 360 -5.50 -13.40 -34.60
N SER D 361 -6.56 -12.69 -34.99
CA SER D 361 -6.94 -11.41 -34.37
C SER D 361 -7.33 -11.53 -32.90
N PHE D 362 -7.08 -10.46 -32.14
CA PHE D 362 -7.62 -10.34 -30.79
C PHE D 362 -8.90 -9.51 -30.81
N LEU D 363 -8.99 -8.63 -31.80
CA LEU D 363 -10.20 -7.86 -32.08
C LEU D 363 -11.25 -8.75 -32.74
#